data_2XGJ
#
_entry.id   2XGJ
#
_cell.length_a   100.110
_cell.length_b   126.019
_cell.length_c   102.272
_cell.angle_alpha   90.00
_cell.angle_beta   99.21
_cell.angle_gamma   90.00
#
_symmetry.space_group_name_H-M   'P 1 21 1'
#
loop_
_entity.id
_entity.type
_entity.pdbx_description
1 polymer 'ATP-DEPENDENT RNA HELICASE DOB1'
2 polymer "RNA (5'-(*AP*AP*AP*AP*A)-3')"
3 non-polymer "ADENOSINE-5'-DIPHOSPHATE"
4 water water
#
loop_
_entity_poly.entity_id
_entity_poly.type
_entity_poly.pdbx_seq_one_letter_code
_entity_poly.pdbx_strand_id
1 'polypeptide(L)'
;HHHHHHENLYFQGAASMLADSFEQEASREVDASKGLTNSETLQVEQDGKVRLSHQVRHQVALPPNYDYTPIAEHKRVNEA
RTYPFTLDPFQDTAISCIDRGESVLVSAHTSAGKTVVAEYAIAQSLKNKQRVIYTSPIKALSNQKYRELLAEFGDVGLMT
GDITINPDAGCLVMTTEILRSMLYRGSEVMREVAWVIFDEVHYMRDKERGVVWEETIILLPDKVRYVFLSATIPNAMEFA
EWICKIHSQPCHIVYTNFRPTPLQHYLFPAHGDGIYLVVDEKSTFREENFQKAMASISNQIGDDPNSTDSRGKKGQTYKG
GSAKGDAKGDIYKIVKMIWKKKYNPVIVFSFSKRDCEELALKMSKLDFNSDDEKEALTKIFNNAIALLPETDRELPQIKH
ILPLLRRGIGIHHSGLLPILKEVIEILFQEGFLKVLFATETFSIGLNMPAKTVVFTSVRKWDGQQFRWVSGGEYIQMSGR
AGRRGLDDRGIVIMMIDEKMEPQVAKGMVKGQADRLDSAFHLGYNMILNLMRVEGISPEFMLEHSFFQFQNVISVPVMEK
KLAELKKDFDGIEVEDEENVKEYHEIEQAIKGYREDVRQVVTHPANALSFLQPGRLVEISVNGKDNYGWGAVVDFAKRIN
KRNPSAVYTDHESYIVNVVVNTMYIDSPVNLLKPFNPTLPEGIRPAEEGEKSICAVIPITLDSIKSIGNLRLYMPKDIRA
SGQKETVGKSLREVNRRFPDGIPVLDPVKNMKIEDEDFLKLMKKIDVLNTKLSSNPLTNSMRLEELYGKYSRKHDLHEDM
KQLKRKISESQAVIQLDDLRRRKRVLRRLGFCTPNDIIELKGRVACEISSGDELLLTELIFNGNFNELKPEQAAALLSCF
AFQERCKEAPRLKPELAEPLKAMREIAAKIAKIMKDSKIEVVEKDYVESFRHELMEVVYEWCRGATFTQICKMTDVYEGS
LIRMFKRLEELVKELVDVANTIGNSSLKEKMEAVLKLIHRDIVSAGSLYL
;
A,B
2 'polyribonucleotide' AAAAA C,D
#
loop_
_chem_comp.id
_chem_comp.type
_chem_comp.name
_chem_comp.formula
A RNA linking ADENOSINE-5'-MONOPHOSPHATE 'C10 H14 N5 O7 P'
ADP non-polymer ADENOSINE-5'-DIPHOSPHATE 'C10 H15 N5 O10 P2'
#
# COMPACT_ATOMS: atom_id res chain seq x y z
N MET A 17 3.75 -24.51 -17.47
CA MET A 17 3.93 -25.96 -17.32
C MET A 17 5.29 -26.42 -17.80
N LEU A 18 5.79 -27.50 -17.21
CA LEU A 18 7.15 -27.97 -17.48
C LEU A 18 7.16 -29.33 -18.18
N ALA A 19 8.24 -29.60 -18.92
CA ALA A 19 8.35 -30.86 -19.67
C ALA A 19 9.79 -31.15 -20.09
N ASP A 20 9.99 -32.30 -20.72
CA ASP A 20 11.28 -32.68 -21.30
C ASP A 20 12.41 -32.54 -20.28
N SER A 21 12.18 -33.06 -19.08
CA SER A 21 13.17 -32.98 -18.01
C SER A 21 14.09 -34.20 -18.00
N PHE A 22 15.38 -33.96 -18.20
CA PHE A 22 16.36 -35.05 -18.14
C PHE A 22 17.70 -34.60 -17.57
N GLU A 23 18.36 -35.51 -16.87
CA GLU A 23 19.72 -35.29 -16.40
C GLU A 23 20.65 -36.18 -17.20
N GLN A 24 21.82 -35.65 -17.55
CA GLN A 24 22.77 -36.40 -18.38
C GLN A 24 24.16 -36.42 -17.77
N GLU A 25 24.75 -37.61 -17.68
CA GLU A 25 26.07 -37.76 -17.10
C GLU A 25 27.17 -37.57 -18.15
N ALA A 26 28.22 -36.87 -17.77
CA ALA A 26 29.40 -36.72 -18.61
C ALA A 26 30.62 -37.14 -17.81
N SER A 27 31.63 -37.67 -18.50
CA SER A 27 32.82 -38.16 -17.80
C SER A 27 34.09 -38.03 -18.64
N ARG A 28 35.17 -37.62 -17.98
CA ARG A 28 36.46 -37.47 -18.65
C ARG A 28 37.57 -37.99 -17.74
N GLU A 29 38.79 -38.04 -18.28
CA GLU A 29 39.96 -38.37 -17.49
C GLU A 29 40.98 -37.25 -17.57
N VAL A 30 41.65 -36.99 -16.45
CA VAL A 30 42.59 -35.88 -16.36
C VAL A 30 43.95 -36.37 -15.87
N ASP A 31 44.99 -35.62 -16.20
CA ASP A 31 46.32 -35.91 -15.66
C ASP A 31 46.28 -35.84 -14.15
N ALA A 32 46.85 -36.85 -13.48
CA ALA A 32 46.91 -36.85 -12.03
C ALA A 32 47.75 -35.69 -11.52
N SER A 33 47.51 -35.26 -10.29
CA SER A 33 48.24 -34.14 -9.72
C SER A 33 48.43 -34.27 -8.22
N LYS A 34 49.57 -33.80 -7.74
CA LYS A 34 49.86 -33.78 -6.31
C LYS A 34 49.63 -32.38 -5.75
N GLY A 35 49.52 -31.40 -6.64
CA GLY A 35 49.28 -30.03 -6.25
C GLY A 35 50.40 -29.45 -5.40
N LEU A 36 50.08 -29.12 -4.15
CA LEU A 36 51.06 -28.58 -3.23
C LEU A 36 51.37 -29.59 -2.13
N THR A 37 50.81 -30.80 -2.26
CA THR A 37 50.98 -31.83 -1.24
C THR A 37 52.11 -32.79 -1.60
N ASN A 38 52.19 -33.92 -0.89
CA ASN A 38 53.26 -34.88 -1.10
C ASN A 38 52.77 -36.20 -1.69
N SER A 39 51.47 -36.46 -1.56
CA SER A 39 50.87 -37.65 -2.15
C SER A 39 49.92 -37.23 -3.27
N GLU A 40 49.41 -38.21 -4.01
CA GLU A 40 48.40 -37.93 -5.03
C GLU A 40 47.07 -37.59 -4.36
N THR A 41 46.47 -36.49 -4.76
CA THR A 41 45.23 -36.02 -4.15
C THR A 41 44.09 -37.03 -4.29
N LEU A 42 44.01 -37.66 -5.46
CA LEU A 42 42.95 -38.63 -5.72
C LEU A 42 43.50 -39.98 -6.15
N GLN A 43 42.85 -41.05 -5.74
CA GLN A 43 43.21 -42.40 -6.14
C GLN A 43 43.21 -42.49 -7.66
N VAL A 44 44.37 -42.76 -8.25
CA VAL A 44 44.55 -42.72 -9.69
C VAL A 44 44.01 -43.97 -10.38
N GLU A 45 43.90 -43.90 -11.71
CA GLU A 45 43.38 -45.02 -12.50
C GLU A 45 44.51 -45.74 -13.21
N GLN A 46 44.21 -46.93 -13.74
CA GLN A 46 45.21 -47.75 -14.43
C GLN A 46 45.97 -46.98 -15.51
N ASP A 47 45.25 -46.13 -16.23
CA ASP A 47 45.84 -45.39 -17.35
C ASP A 47 46.85 -44.36 -16.86
N GLY A 48 46.84 -44.07 -15.57
CA GLY A 48 47.67 -43.01 -15.02
C GLY A 48 46.89 -41.71 -15.03
N LYS A 49 45.58 -41.83 -15.16
CA LYS A 49 44.69 -40.68 -15.25
C LYS A 49 43.73 -40.64 -14.05
N VAL A 50 43.05 -39.52 -13.89
CA VAL A 50 42.03 -39.39 -12.85
C VAL A 50 40.68 -39.12 -13.52
N ARG A 51 39.65 -39.86 -13.10
CA ARG A 51 38.33 -39.72 -13.70
C ARG A 51 37.42 -38.79 -12.92
N LEU A 52 36.95 -37.74 -13.58
CA LEU A 52 36.01 -36.79 -13.00
C LEU A 52 34.72 -36.76 -13.81
N SER A 53 33.58 -36.69 -13.12
CA SER A 53 32.29 -36.66 -13.80
C SER A 53 31.49 -35.42 -13.43
N HIS A 54 30.59 -35.01 -14.32
CA HIS A 54 29.74 -33.85 -14.07
C HIS A 54 28.34 -34.05 -14.64
N GLN A 55 27.39 -33.25 -14.16
CA GLN A 55 25.99 -33.42 -14.52
C GLN A 55 25.51 -32.32 -15.46
N VAL A 56 24.62 -32.68 -16.37
CA VAL A 56 23.97 -31.71 -17.25
C VAL A 56 22.46 -31.88 -17.18
N ARG A 57 21.79 -30.93 -16.55
CA ARG A 57 20.34 -31.00 -16.40
C ARG A 57 19.62 -30.11 -17.40
N HIS A 58 18.51 -30.61 -17.93
CA HIS A 58 17.70 -29.85 -18.87
C HIS A 58 16.22 -29.90 -18.53
N GLN A 59 15.52 -28.81 -18.81
CA GLN A 59 14.07 -28.76 -18.60
C GLN A 59 13.51 -27.56 -19.35
N VAL A 60 12.24 -27.63 -19.74
CA VAL A 60 11.63 -26.57 -20.53
C VAL A 60 10.27 -26.16 -19.97
N ALA A 61 9.97 -24.86 -20.09
CA ALA A 61 8.67 -24.35 -19.74
C ALA A 61 7.87 -24.11 -21.01
N LEU A 62 6.64 -24.63 -21.05
CA LEU A 62 5.82 -24.53 -22.25
C LEU A 62 4.55 -23.73 -22.03
N PRO A 63 4.16 -22.93 -23.03
CA PRO A 63 2.89 -22.21 -23.04
C PRO A 63 1.75 -23.20 -23.24
N PRO A 64 0.52 -22.83 -22.88
CA PRO A 64 -0.63 -23.73 -23.04
C PRO A 64 -0.77 -24.24 -24.46
N ASN A 65 -0.95 -25.55 -24.60
CA ASN A 65 -1.29 -26.17 -25.89
C ASN A 65 -0.18 -26.12 -26.93
N TYR A 66 1.03 -25.77 -26.51
CA TYR A 66 2.15 -25.66 -27.43
C TYR A 66 2.53 -27.03 -28.03
N ASP A 67 2.84 -27.05 -29.31
CA ASP A 67 3.25 -28.27 -30.01
C ASP A 67 4.76 -28.45 -29.89
N TYR A 68 5.19 -29.30 -28.96
CA TYR A 68 6.60 -29.41 -28.61
C TYR A 68 7.24 -30.74 -28.98
N THR A 69 8.50 -30.69 -29.38
CA THR A 69 9.29 -31.87 -29.69
C THR A 69 10.47 -31.97 -28.72
N PRO A 70 10.73 -33.16 -28.18
CA PRO A 70 11.87 -33.36 -27.28
C PRO A 70 13.15 -32.81 -27.90
N ILE A 71 13.95 -32.11 -27.11
CA ILE A 71 15.12 -31.40 -27.63
C ILE A 71 16.26 -32.34 -28.01
N ALA A 72 16.31 -33.51 -27.39
CA ALA A 72 17.36 -34.48 -27.68
C ALA A 72 17.19 -35.08 -29.08
N GLU A 73 15.96 -35.11 -29.56
CA GLU A 73 15.65 -35.70 -30.85
C GLU A 73 16.04 -34.79 -32.01
N HIS A 74 16.31 -33.52 -31.70
CA HIS A 74 16.60 -32.55 -32.75
C HIS A 74 17.92 -32.80 -33.45
N LYS A 75 17.88 -32.80 -34.78
CA LYS A 75 19.08 -32.92 -35.60
C LYS A 75 19.27 -31.65 -36.39
N ARG A 76 20.38 -30.95 -36.16
CA ARG A 76 20.69 -29.73 -36.89
C ARG A 76 21.29 -30.06 -38.24
N VAL A 77 20.60 -29.67 -39.31
CA VAL A 77 21.06 -29.97 -40.67
C VAL A 77 22.17 -29.03 -41.12
N ASN A 78 21.98 -27.74 -40.85
CA ASN A 78 22.98 -26.73 -41.20
C ASN A 78 23.44 -25.96 -39.98
N GLU A 79 24.75 -25.97 -39.72
CA GLU A 79 25.32 -25.26 -38.60
C GLU A 79 25.59 -23.82 -38.97
N ALA A 80 25.06 -22.89 -38.19
CA ALA A 80 25.29 -21.47 -38.42
C ALA A 80 26.73 -21.12 -38.06
N ARG A 81 27.40 -22.05 -37.39
CA ARG A 81 28.77 -21.85 -36.96
C ARG A 81 29.42 -23.16 -36.54
N THR A 82 30.71 -23.29 -36.85
CA THR A 82 31.47 -24.49 -36.50
C THR A 82 32.55 -24.16 -35.48
N TYR A 83 33.03 -25.20 -34.79
CA TYR A 83 34.04 -25.02 -33.75
C TYR A 83 35.16 -26.05 -33.88
N PRO A 84 36.39 -25.64 -33.53
CA PRO A 84 37.57 -26.51 -33.59
C PRO A 84 37.44 -27.71 -32.67
N PHE A 85 36.84 -27.49 -31.50
CA PHE A 85 36.74 -28.53 -30.47
C PHE A 85 35.40 -29.27 -30.53
N THR A 86 35.28 -30.31 -29.72
CA THR A 86 34.04 -31.06 -29.61
C THR A 86 33.15 -30.48 -28.52
N LEU A 87 31.89 -30.22 -28.86
CA LEU A 87 30.95 -29.58 -27.95
C LEU A 87 30.62 -30.44 -26.73
N ASP A 88 30.43 -29.78 -25.59
CA ASP A 88 29.95 -30.44 -24.39
C ASP A 88 28.44 -30.63 -24.53
N PRO A 89 27.90 -31.68 -23.90
CA PRO A 89 26.45 -31.93 -23.96
C PRO A 89 25.62 -30.68 -23.65
N PHE A 90 26.06 -29.88 -22.69
CA PHE A 90 25.31 -28.68 -22.30
C PHE A 90 25.33 -27.62 -23.39
N GLN A 91 26.40 -27.62 -24.18
CA GLN A 91 26.52 -26.68 -25.29
C GLN A 91 25.69 -27.12 -26.48
N ASP A 92 25.75 -28.42 -26.80
CA ASP A 92 25.02 -28.97 -27.93
C ASP A 92 23.52 -28.79 -27.75
N THR A 93 23.05 -28.99 -26.52
CA THR A 93 21.63 -28.81 -26.21
C THR A 93 21.20 -27.36 -26.39
N ALA A 94 21.96 -26.45 -25.77
CA ALA A 94 21.64 -25.03 -25.85
C ALA A 94 21.63 -24.55 -27.30
N ILE A 95 22.56 -25.05 -28.10
CA ILE A 95 22.64 -24.66 -29.50
C ILE A 95 21.49 -25.24 -30.32
N SER A 96 20.99 -26.40 -29.91
CA SER A 96 19.83 -27.00 -30.55
C SER A 96 18.59 -26.15 -30.30
N CYS A 97 18.53 -25.54 -29.11
CA CYS A 97 17.44 -24.65 -28.77
C CYS A 97 17.41 -23.45 -29.70
N ILE A 98 18.57 -22.83 -29.89
CA ILE A 98 18.69 -21.65 -30.73
C ILE A 98 18.38 -21.97 -32.19
N ASP A 99 18.92 -23.10 -32.67
CA ASP A 99 18.70 -23.53 -34.04
C ASP A 99 17.20 -23.71 -34.31
N ARG A 100 16.45 -23.98 -33.25
CA ARG A 100 15.01 -24.23 -33.37
C ARG A 100 14.19 -22.96 -33.11
N GLY A 101 14.86 -21.91 -32.65
CA GLY A 101 14.21 -20.63 -32.42
C GLY A 101 13.52 -20.54 -31.07
N GLU A 102 14.01 -21.31 -30.11
CA GLU A 102 13.40 -21.33 -28.78
C GLU A 102 14.37 -20.78 -27.73
N SER A 103 13.88 -19.84 -26.92
CA SER A 103 14.71 -19.19 -25.90
C SER A 103 15.30 -20.20 -24.92
N VAL A 104 16.48 -19.86 -24.38
CA VAL A 104 17.17 -20.76 -23.46
C VAL A 104 17.98 -20.00 -22.41
N LEU A 105 17.92 -20.49 -21.17
CA LEU A 105 18.75 -19.97 -20.09
C LEU A 105 19.86 -20.95 -19.78
N VAL A 106 21.10 -20.53 -20.00
CA VAL A 106 22.26 -21.38 -19.75
C VAL A 106 22.92 -21.04 -18.42
N SER A 107 22.90 -21.99 -17.49
CA SER A 107 23.44 -21.77 -16.15
C SER A 107 24.68 -22.63 -15.92
N ALA A 108 25.86 -22.01 -15.99
CA ALA A 108 27.11 -22.73 -15.82
C ALA A 108 28.21 -21.83 -15.27
N HIS A 109 29.27 -22.44 -14.76
CA HIS A 109 30.41 -21.68 -14.22
C HIS A 109 31.09 -20.87 -15.32
N THR A 110 31.84 -19.85 -14.90
CA THR A 110 32.43 -18.90 -15.82
C THR A 110 33.32 -19.53 -16.89
N SER A 111 34.02 -20.60 -16.54
CA SER A 111 34.99 -21.20 -17.46
C SER A 111 34.38 -22.19 -18.45
N ALA A 112 33.12 -22.58 -18.22
CA ALA A 112 32.48 -23.65 -18.98
C ALA A 112 32.49 -23.47 -20.50
N GLY A 113 31.97 -22.35 -20.97
CA GLY A 113 31.94 -22.08 -22.41
C GLY A 113 30.61 -21.54 -22.90
N LYS A 114 30.06 -20.60 -22.15
CA LYS A 114 28.77 -20.00 -22.50
C LYS A 114 28.86 -19.10 -23.72
N THR A 115 30.06 -18.59 -24.00
CA THR A 115 30.27 -17.72 -25.15
C THR A 115 30.06 -18.48 -26.46
N VAL A 116 30.39 -19.77 -26.45
CA VAL A 116 30.16 -20.62 -27.61
C VAL A 116 28.70 -20.58 -28.02
N VAL A 117 27.80 -20.64 -27.03
CA VAL A 117 26.38 -20.60 -27.27
C VAL A 117 25.96 -19.25 -27.84
N ALA A 118 26.37 -18.18 -27.16
CA ALA A 118 26.05 -16.83 -27.61
C ALA A 118 26.56 -16.58 -29.03
N GLU A 119 27.76 -17.07 -29.32
CA GLU A 119 28.34 -16.93 -30.65
C GLU A 119 27.41 -17.52 -31.71
N TYR A 120 26.91 -18.72 -31.45
CA TYR A 120 26.05 -19.41 -32.40
C TYR A 120 24.81 -18.58 -32.71
N ALA A 121 24.20 -18.02 -31.67
CA ALA A 121 23.03 -17.16 -31.84
C ALA A 121 23.35 -15.98 -32.75
N ILE A 122 24.53 -15.39 -32.56
CA ILE A 122 24.96 -14.26 -33.37
C ILE A 122 25.17 -14.66 -34.82
N ALA A 123 25.88 -15.77 -35.02
CA ALA A 123 26.15 -16.28 -36.36
C ALA A 123 24.84 -16.54 -37.10
N GLN A 124 23.91 -17.20 -36.43
CA GLN A 124 22.62 -17.54 -37.02
C GLN A 124 21.84 -16.28 -37.42
N SER A 125 21.82 -15.29 -36.53
CA SER A 125 21.11 -14.04 -36.80
C SER A 125 21.68 -13.31 -38.01
N LEU A 126 23.00 -13.31 -38.13
CA LEU A 126 23.66 -12.60 -39.23
C LEU A 126 23.45 -13.28 -40.57
N LYS A 127 23.41 -14.62 -40.57
CA LYS A 127 23.19 -15.35 -41.79
C LYS A 127 21.75 -15.17 -42.28
N ASN A 128 20.84 -14.94 -41.35
CA ASN A 128 19.44 -14.73 -41.69
C ASN A 128 19.11 -13.25 -41.86
N LYS A 129 20.15 -12.44 -42.00
CA LYS A 129 20.00 -11.00 -42.23
C LYS A 129 19.14 -10.34 -41.16
N GLN A 130 19.15 -10.93 -39.96
CA GLN A 130 18.47 -10.35 -38.81
C GLN A 130 19.49 -9.63 -37.94
N ARG A 131 19.02 -8.78 -37.03
CA ARG A 131 19.91 -8.11 -36.09
C ARG A 131 19.85 -8.78 -34.73
N VAL A 132 20.96 -8.67 -33.98
CA VAL A 132 21.05 -9.28 -32.67
C VAL A 132 21.72 -8.34 -31.68
N ILE A 133 21.23 -8.33 -30.45
CA ILE A 133 21.79 -7.46 -29.41
C ILE A 133 22.46 -8.26 -28.30
N TYR A 134 23.68 -7.86 -27.95
CA TYR A 134 24.43 -8.49 -26.86
C TYR A 134 24.62 -7.50 -25.73
N THR A 135 23.99 -7.76 -24.59
CA THR A 135 24.10 -6.87 -23.45
C THR A 135 25.04 -7.41 -22.37
N SER A 136 25.74 -6.51 -21.70
CA SER A 136 26.60 -6.87 -20.58
C SER A 136 26.37 -5.92 -19.41
N PRO A 137 26.69 -6.37 -18.19
CA PRO A 137 26.45 -5.59 -16.98
C PRO A 137 27.36 -4.37 -16.84
N ILE A 138 28.60 -4.48 -17.32
CA ILE A 138 29.60 -3.44 -17.09
C ILE A 138 30.24 -2.94 -18.38
N LYS A 139 30.49 -1.64 -18.44
CA LYS A 139 31.18 -1.02 -19.57
C LYS A 139 32.45 -1.78 -19.94
N ALA A 140 33.28 -2.05 -18.94
CA ALA A 140 34.53 -2.76 -19.15
C ALA A 140 34.31 -4.08 -19.89
N LEU A 141 33.27 -4.80 -19.52
CA LEU A 141 32.93 -6.07 -20.16
C LEU A 141 32.45 -5.84 -21.59
N SER A 142 31.71 -4.75 -21.79
CA SER A 142 31.22 -4.40 -23.11
C SER A 142 32.38 -4.24 -24.08
N ASN A 143 33.33 -3.38 -23.73
CA ASN A 143 34.49 -3.11 -24.57
C ASN A 143 35.27 -4.38 -24.92
N GLN A 144 35.45 -5.24 -23.92
CA GLN A 144 36.19 -6.49 -24.12
C GLN A 144 35.42 -7.42 -25.06
N LYS A 145 34.10 -7.43 -24.95
CA LYS A 145 33.27 -8.27 -25.81
C LYS A 145 33.18 -7.72 -27.23
N TYR A 146 33.07 -6.40 -27.35
CA TYR A 146 33.07 -5.78 -28.67
C TYR A 146 34.37 -6.12 -29.40
N ARG A 147 35.48 -5.97 -28.70
CA ARG A 147 36.79 -6.28 -29.25
C ARG A 147 36.87 -7.75 -29.67
N GLU A 148 36.35 -8.63 -28.81
CA GLU A 148 36.40 -10.07 -29.07
C GLU A 148 35.46 -10.47 -30.22
N LEU A 149 34.28 -9.89 -30.25
CA LEU A 149 33.29 -10.23 -31.27
C LEU A 149 33.64 -9.64 -32.64
N LEU A 150 34.12 -8.41 -32.64
CA LEU A 150 34.51 -7.73 -33.87
C LEU A 150 35.50 -8.56 -34.67
N ALA A 151 36.43 -9.21 -33.97
CA ALA A 151 37.44 -10.02 -34.60
C ALA A 151 36.84 -11.23 -35.31
N GLU A 152 35.75 -11.75 -34.75
CA GLU A 152 35.17 -13.00 -35.23
C GLU A 152 34.05 -12.81 -36.25
N PHE A 153 33.39 -11.66 -36.20
CA PHE A 153 32.21 -11.44 -37.05
C PHE A 153 32.33 -10.22 -37.97
N GLY A 154 32.95 -9.15 -37.48
CA GLY A 154 33.15 -7.96 -38.29
C GLY A 154 31.97 -7.02 -38.31
N ASP A 155 30.78 -7.54 -38.61
CA ASP A 155 29.56 -6.75 -38.65
C ASP A 155 29.09 -6.45 -37.23
N VAL A 156 29.91 -5.74 -36.47
CA VAL A 156 29.65 -5.50 -35.06
C VAL A 156 29.75 -4.02 -34.70
N GLY A 157 28.90 -3.59 -33.77
CA GLY A 157 28.93 -2.22 -33.28
C GLY A 157 28.97 -2.19 -31.76
N LEU A 158 29.10 -0.99 -31.21
CA LEU A 158 29.16 -0.83 -29.76
C LEU A 158 28.41 0.41 -29.29
N MET A 159 27.45 0.20 -28.39
CA MET A 159 26.73 1.32 -27.79
C MET A 159 26.94 1.35 -26.28
N THR A 160 27.41 2.49 -25.78
CA THR A 160 27.73 2.65 -24.37
C THR A 160 27.58 4.11 -23.98
N GLY A 161 27.50 4.38 -22.67
CA GLY A 161 27.45 5.75 -22.19
C GLY A 161 28.60 6.57 -22.74
N ASP A 162 29.77 5.95 -22.80
CA ASP A 162 30.97 6.62 -23.30
C ASP A 162 31.01 6.66 -24.83
N ILE A 163 31.08 5.50 -25.45
CA ILE A 163 31.37 5.39 -26.88
C ILE A 163 30.22 4.83 -27.72
N THR A 164 30.11 5.33 -28.95
CA THR A 164 29.19 4.78 -29.93
C THR A 164 29.95 4.46 -31.22
N ILE A 165 29.90 3.20 -31.64
CA ILE A 165 30.61 2.78 -32.85
C ILE A 165 29.72 1.95 -33.76
N ASN A 166 29.60 2.37 -35.02
CA ASN A 166 28.84 1.63 -36.02
C ASN A 166 27.49 1.15 -35.50
N PRO A 167 26.54 2.08 -35.30
CA PRO A 167 25.23 1.79 -34.75
C PRO A 167 24.32 0.98 -35.68
N ASP A 168 24.68 0.90 -36.96
CA ASP A 168 23.85 0.18 -37.93
C ASP A 168 24.30 -1.27 -38.08
N ALA A 169 25.21 -1.70 -37.22
CA ALA A 169 25.79 -3.03 -37.32
C ALA A 169 24.78 -4.14 -37.08
N GLY A 170 25.01 -5.29 -37.71
CA GLY A 170 24.14 -6.45 -37.53
C GLY A 170 24.10 -6.90 -36.07
N CYS A 171 25.27 -6.94 -35.45
CA CYS A 171 25.36 -7.27 -34.03
C CYS A 171 25.75 -6.07 -33.20
N LEU A 172 24.91 -5.73 -32.22
CA LEU A 172 25.18 -4.59 -31.34
C LEU A 172 25.54 -5.02 -29.93
N VAL A 173 26.74 -4.66 -29.49
CA VAL A 173 27.13 -4.83 -28.11
C VAL A 173 26.82 -3.54 -27.36
N MET A 174 25.97 -3.63 -26.34
CA MET A 174 25.55 -2.45 -25.59
C MET A 174 25.32 -2.81 -24.12
N THR A 175 25.29 -1.80 -23.28
CA THR A 175 24.99 -2.01 -21.86
C THR A 175 23.47 -2.07 -21.66
N THR A 176 23.05 -2.67 -20.56
CA THR A 176 21.63 -2.89 -20.31
C THR A 176 20.87 -1.58 -20.13
N GLU A 177 21.51 -0.59 -19.52
CA GLU A 177 20.88 0.73 -19.35
C GLU A 177 20.57 1.37 -20.70
N ILE A 178 21.49 1.19 -21.66
CA ILE A 178 21.31 1.75 -22.99
C ILE A 178 20.16 1.06 -23.73
N LEU A 179 20.01 -0.24 -23.52
CA LEU A 179 18.92 -1.00 -24.13
C LEU A 179 17.58 -0.59 -23.53
N ARG A 180 17.56 -0.47 -22.20
CA ARG A 180 16.37 -0.02 -21.48
C ARG A 180 15.84 1.28 -22.11
N SER A 181 16.75 2.20 -22.40
CA SER A 181 16.40 3.49 -22.97
C SER A 181 15.79 3.35 -24.36
N MET A 182 16.47 2.60 -25.23
CA MET A 182 15.99 2.37 -26.59
C MET A 182 14.54 1.90 -26.60
N LEU A 183 14.23 0.93 -25.74
CA LEU A 183 12.87 0.39 -25.65
C LEU A 183 11.83 1.46 -25.35
N TYR A 184 12.11 2.27 -24.32
CA TYR A 184 11.17 3.33 -23.93
C TYR A 184 10.95 4.36 -25.03
N ARG A 185 11.99 4.63 -25.81
CA ARG A 185 11.87 5.56 -26.94
C ARG A 185 11.14 4.91 -28.12
N GLY A 186 11.03 3.60 -28.09
CA GLY A 186 10.41 2.86 -29.17
C GLY A 186 11.16 3.06 -30.48
N SER A 187 12.42 2.67 -30.50
CA SER A 187 13.28 2.86 -31.68
C SER A 187 12.96 1.81 -32.74
N GLU A 188 13.28 2.15 -33.99
CA GLU A 188 13.01 1.26 -35.12
C GLU A 188 13.99 0.11 -35.23
N VAL A 189 14.93 0.03 -34.28
CA VAL A 189 15.90 -1.05 -34.27
C VAL A 189 15.27 -2.38 -33.84
N MET A 190 14.50 -2.33 -32.75
CA MET A 190 13.86 -3.52 -32.21
C MET A 190 13.01 -4.24 -33.26
N ARG A 191 12.48 -3.49 -34.20
CA ARG A 191 11.64 -4.04 -35.25
C ARG A 191 12.41 -5.04 -36.12
N GLU A 192 13.74 -4.96 -36.07
CA GLU A 192 14.58 -5.84 -36.89
C GLU A 192 15.42 -6.81 -36.06
N VAL A 193 15.20 -6.81 -34.74
CA VAL A 193 15.97 -7.66 -33.85
C VAL A 193 15.33 -9.03 -33.65
N ALA A 194 16.12 -10.08 -33.83
CA ALA A 194 15.63 -11.45 -33.70
C ALA A 194 16.00 -12.05 -32.35
N TRP A 195 17.23 -11.80 -31.90
CA TRP A 195 17.71 -12.33 -30.64
C TRP A 195 18.28 -11.24 -29.74
N VAL A 196 18.10 -11.41 -28.43
CA VAL A 196 18.77 -10.57 -27.45
C VAL A 196 19.47 -11.44 -26.43
N ILE A 197 20.80 -11.29 -26.33
CA ILE A 197 21.59 -12.06 -25.40
C ILE A 197 21.86 -11.27 -24.12
N PHE A 198 21.52 -11.87 -22.99
CA PHE A 198 21.79 -11.26 -21.69
C PHE A 198 22.93 -11.98 -20.98
N ASP A 199 24.11 -11.39 -21.00
CA ASP A 199 25.26 -11.98 -20.34
C ASP A 199 25.24 -11.64 -18.85
N GLU A 200 25.47 -12.66 -18.01
CA GLU A 200 25.47 -12.48 -16.56
C GLU A 200 24.14 -11.95 -16.03
N VAL A 201 23.05 -12.66 -16.38
CA VAL A 201 21.72 -12.24 -15.98
C VAL A 201 21.53 -12.23 -14.46
N HIS A 202 22.34 -13.02 -13.76
CA HIS A 202 22.22 -13.13 -12.31
C HIS A 202 22.41 -11.78 -11.62
N TYR A 203 22.88 -10.79 -12.37
CA TYR A 203 22.99 -9.42 -11.86
C TYR A 203 21.62 -8.82 -11.59
N MET A 204 20.60 -9.48 -12.09
CA MET A 204 19.22 -9.03 -11.91
C MET A 204 18.85 -9.00 -10.43
N ARG A 205 19.65 -9.68 -9.61
CA ARG A 205 19.40 -9.73 -8.17
C ARG A 205 20.15 -8.64 -7.42
N ASP A 206 20.80 -7.75 -8.14
CA ASP A 206 21.50 -6.63 -7.53
C ASP A 206 20.51 -5.70 -6.84
N LYS A 207 20.77 -5.37 -5.58
CA LYS A 207 19.85 -4.57 -4.78
C LYS A 207 19.52 -3.22 -5.42
N GLU A 208 20.51 -2.62 -6.07
CA GLU A 208 20.35 -1.27 -6.60
C GLU A 208 20.07 -1.23 -8.11
N ARG A 209 20.82 -2.00 -8.88
CA ARG A 209 20.70 -1.98 -10.34
C ARG A 209 19.90 -3.15 -10.90
N GLY A 210 19.64 -4.16 -10.08
CA GLY A 210 18.96 -5.36 -10.53
C GLY A 210 17.70 -5.08 -11.33
N VAL A 211 16.92 -4.10 -10.89
CA VAL A 211 15.65 -3.76 -11.52
C VAL A 211 15.80 -3.46 -13.01
N VAL A 212 16.96 -2.95 -13.40
CA VAL A 212 17.21 -2.57 -14.79
C VAL A 212 17.02 -3.76 -15.75
N TRP A 213 17.51 -4.93 -15.35
CA TRP A 213 17.34 -6.13 -16.16
C TRP A 213 15.87 -6.52 -16.29
N GLU A 214 15.18 -6.58 -15.15
CA GLU A 214 13.77 -6.95 -15.12
C GLU A 214 12.96 -6.00 -16.00
N GLU A 215 13.14 -4.72 -15.77
CA GLU A 215 12.45 -3.68 -16.53
C GLU A 215 12.70 -3.85 -18.03
N THR A 216 13.94 -4.11 -18.40
CA THR A 216 14.31 -4.30 -19.81
C THR A 216 13.66 -5.52 -20.43
N ILE A 217 13.75 -6.65 -19.74
CA ILE A 217 13.18 -7.90 -20.23
C ILE A 217 11.67 -7.79 -20.48
N ILE A 218 10.96 -7.23 -19.52
CA ILE A 218 9.50 -7.07 -19.63
C ILE A 218 9.12 -6.24 -20.84
N LEU A 219 9.95 -5.26 -21.19
CA LEU A 219 9.63 -4.32 -22.26
C LEU A 219 9.90 -4.85 -23.67
N LEU A 220 10.52 -6.02 -23.76
CA LEU A 220 10.85 -6.61 -25.05
C LEU A 220 9.61 -7.18 -25.73
N PRO A 221 9.58 -7.12 -27.07
CA PRO A 221 8.49 -7.71 -27.85
C PRO A 221 8.43 -9.22 -27.67
N ASP A 222 7.22 -9.79 -27.71
CA ASP A 222 7.06 -11.23 -27.59
C ASP A 222 7.66 -11.94 -28.80
N LYS A 223 7.94 -11.17 -29.85
CA LYS A 223 8.45 -11.70 -31.11
C LYS A 223 9.94 -12.03 -31.01
N VAL A 224 10.64 -11.33 -30.13
CA VAL A 224 12.07 -11.52 -29.96
C VAL A 224 12.40 -12.77 -29.15
N ARG A 225 13.57 -13.36 -29.42
CA ARG A 225 14.04 -14.54 -28.69
C ARG A 225 15.21 -14.16 -27.79
N TYR A 226 15.46 -14.98 -26.76
CA TYR A 226 16.47 -14.64 -25.76
C TYR A 226 17.45 -15.77 -25.46
N VAL A 227 18.69 -15.39 -25.19
CA VAL A 227 19.67 -16.28 -24.60
C VAL A 227 20.15 -15.67 -23.29
N PHE A 228 19.79 -16.31 -22.18
CA PHE A 228 20.20 -15.82 -20.86
C PHE A 228 21.43 -16.58 -20.37
N LEU A 229 22.54 -15.87 -20.22
CA LEU A 229 23.76 -16.48 -19.72
C LEU A 229 23.95 -16.14 -18.24
N SER A 230 24.06 -17.17 -17.41
CA SER A 230 24.10 -16.98 -15.97
C SER A 230 25.02 -17.96 -15.24
N ALA A 231 25.51 -17.54 -14.09
CA ALA A 231 26.24 -18.44 -13.20
C ALA A 231 25.28 -19.49 -12.69
N THR A 232 25.82 -20.59 -12.17
CA THR A 232 24.98 -21.68 -11.66
C THR A 232 24.04 -21.17 -10.57
N ILE A 233 22.75 -21.39 -10.78
CA ILE A 233 21.73 -20.99 -9.81
C ILE A 233 20.77 -22.13 -9.53
N PRO A 234 20.28 -22.22 -8.27
CA PRO A 234 19.39 -23.31 -7.84
C PRO A 234 17.96 -23.14 -8.36
N ASN A 235 17.57 -21.91 -8.69
CA ASN A 235 16.20 -21.64 -9.14
C ASN A 235 16.12 -21.15 -10.58
N ALA A 236 16.79 -21.85 -11.48
CA ALA A 236 16.81 -21.47 -12.89
C ALA A 236 15.45 -21.74 -13.56
N MET A 237 14.79 -22.81 -13.14
CA MET A 237 13.50 -23.17 -13.73
C MET A 237 12.43 -22.13 -13.45
N GLU A 238 12.49 -21.51 -12.28
CA GLU A 238 11.58 -20.42 -11.94
C GLU A 238 11.70 -19.31 -12.98
N PHE A 239 12.94 -18.90 -13.24
CA PHE A 239 13.22 -17.83 -14.20
C PHE A 239 12.60 -18.13 -15.56
N ALA A 240 12.71 -19.39 -15.98
CA ALA A 240 12.21 -19.81 -17.29
C ALA A 240 10.68 -19.78 -17.37
N GLU A 241 10.03 -20.23 -16.29
CA GLU A 241 8.57 -20.20 -16.23
C GLU A 241 8.05 -18.78 -16.34
N TRP A 242 8.77 -17.85 -15.73
CA TRP A 242 8.42 -16.44 -15.74
C TRP A 242 8.51 -15.88 -17.17
N ILE A 243 9.60 -16.17 -17.85
CA ILE A 243 9.77 -15.77 -19.24
C ILE A 243 8.64 -16.32 -20.10
N CYS A 244 8.40 -17.62 -19.95
CA CYS A 244 7.35 -18.30 -20.68
C CYS A 244 5.99 -17.64 -20.49
N LYS A 245 5.72 -17.20 -19.25
CA LYS A 245 4.42 -16.67 -18.90
C LYS A 245 4.19 -15.25 -19.43
N ILE A 246 5.22 -14.40 -19.32
CA ILE A 246 5.08 -13.01 -19.72
C ILE A 246 5.32 -12.76 -21.21
N HIS A 247 6.00 -13.70 -21.86
CA HIS A 247 6.30 -13.55 -23.29
C HIS A 247 5.69 -14.64 -24.15
N SER A 248 4.82 -15.46 -23.55
CA SER A 248 4.06 -16.48 -24.27
C SER A 248 4.91 -17.26 -25.26
N GLN A 249 5.92 -17.97 -24.75
CA GLN A 249 6.81 -18.75 -25.59
C GLN A 249 7.62 -19.72 -24.74
N PRO A 250 8.08 -20.82 -25.36
CA PRO A 250 8.92 -21.81 -24.66
C PRO A 250 10.22 -21.19 -24.17
N CYS A 251 10.74 -21.70 -23.06
CA CYS A 251 12.04 -21.26 -22.55
C CYS A 251 12.73 -22.41 -21.82
N HIS A 252 13.86 -22.85 -22.36
CA HIS A 252 14.60 -23.97 -21.78
C HIS A 252 15.52 -23.50 -20.67
N ILE A 253 15.99 -24.46 -19.87
CA ILE A 253 17.11 -24.22 -18.97
C ILE A 253 18.14 -25.33 -19.18
N VAL A 254 19.39 -24.93 -19.36
CA VAL A 254 20.48 -25.90 -19.47
C VAL A 254 21.48 -25.63 -18.36
N TYR A 255 21.51 -26.53 -17.38
CA TYR A 255 22.32 -26.35 -16.18
C TYR A 255 23.42 -27.40 -16.07
N THR A 256 24.58 -26.98 -15.56
CA THR A 256 25.69 -27.90 -15.33
C THR A 256 26.68 -27.35 -14.30
N ASN A 257 27.25 -28.25 -13.51
CA ASN A 257 28.25 -27.88 -12.52
C ASN A 257 29.66 -28.06 -13.06
N PHE A 258 29.72 -28.44 -14.34
CA PHE A 258 30.99 -28.71 -15.02
C PHE A 258 32.06 -27.67 -14.73
N ARG A 259 33.28 -28.14 -14.46
CA ARG A 259 34.43 -27.27 -14.25
C ARG A 259 35.61 -27.72 -15.09
N PRO A 260 35.88 -26.99 -16.19
CA PRO A 260 36.92 -27.33 -17.16
C PRO A 260 38.27 -27.64 -16.52
N THR A 261 38.76 -26.73 -15.67
CA THR A 261 39.97 -26.99 -14.92
C THR A 261 39.64 -27.34 -13.48
N PRO A 262 39.92 -28.60 -13.08
CA PRO A 262 39.65 -29.09 -11.73
C PRO A 262 40.35 -28.23 -10.68
N LEU A 263 39.67 -27.98 -9.57
CA LEU A 263 40.21 -27.11 -8.54
C LEU A 263 40.66 -27.87 -7.29
N GLN A 264 41.71 -27.35 -6.66
CA GLN A 264 42.16 -27.83 -5.36
C GLN A 264 42.02 -26.68 -4.37
N HIS A 265 41.47 -26.96 -3.20
CA HIS A 265 41.24 -25.93 -2.21
C HIS A 265 42.13 -26.13 -0.98
N TYR A 266 42.90 -25.10 -0.65
CA TYR A 266 43.84 -25.16 0.47
C TYR A 266 43.54 -24.13 1.54
N LEU A 267 43.83 -24.48 2.79
CA LEU A 267 43.81 -23.53 3.88
C LEU A 267 45.23 -23.24 4.34
N PHE A 268 45.53 -21.97 4.61
CA PHE A 268 46.83 -21.59 5.13
C PHE A 268 46.70 -20.87 6.47
N PRO A 269 46.84 -21.62 7.56
CA PRO A 269 46.80 -21.04 8.91
C PRO A 269 47.90 -19.99 9.07
N ALA A 270 47.52 -18.79 9.51
CA ALA A 270 48.46 -17.67 9.58
C ALA A 270 49.63 -17.92 10.53
N HIS A 271 50.77 -17.33 10.20
CA HIS A 271 51.97 -17.39 11.02
C HIS A 271 52.55 -18.79 11.17
N GLY A 272 52.07 -19.70 10.33
CA GLY A 272 52.59 -21.07 10.33
C GLY A 272 53.34 -21.37 9.04
N ASP A 273 53.83 -22.61 8.93
CA ASP A 273 54.55 -23.03 7.74
C ASP A 273 53.79 -24.15 7.02
N GLY A 274 52.57 -24.41 7.47
CA GLY A 274 51.76 -25.48 6.91
C GLY A 274 50.82 -25.00 5.82
N ILE A 275 50.44 -25.93 4.95
CA ILE A 275 49.47 -25.66 3.90
C ILE A 275 48.64 -26.93 3.67
N TYR A 276 47.33 -26.82 3.88
CA TYR A 276 46.48 -28.01 3.96
C TYR A 276 45.39 -28.06 2.90
N LEU A 277 45.25 -29.23 2.27
CA LEU A 277 44.17 -29.47 1.31
C LEU A 277 42.90 -29.84 2.06
N VAL A 278 41.87 -29.00 1.93
CA VAL A 278 40.62 -29.23 2.66
C VAL A 278 39.48 -29.68 1.75
N VAL A 279 39.59 -29.40 0.46
CA VAL A 279 38.61 -29.84 -0.51
C VAL A 279 39.28 -30.20 -1.83
N ASP A 280 39.13 -31.46 -2.25
CA ASP A 280 39.79 -31.97 -3.45
C ASP A 280 38.96 -31.76 -4.72
N GLU A 281 39.43 -32.31 -5.83
CA GLU A 281 38.80 -32.09 -7.13
C GLU A 281 37.42 -32.72 -7.27
N LYS A 282 37.10 -33.65 -6.37
CA LYS A 282 35.78 -34.25 -6.36
C LYS A 282 34.87 -33.53 -5.36
N SER A 283 35.33 -32.37 -4.89
CA SER A 283 34.60 -31.61 -3.89
C SER A 283 34.44 -32.39 -2.60
N THR A 284 35.37 -33.30 -2.33
CA THR A 284 35.36 -34.06 -1.08
C THR A 284 36.06 -33.26 0.03
N PHE A 285 35.36 -33.06 1.14
CA PHE A 285 35.91 -32.32 2.25
C PHE A 285 36.85 -33.20 3.07
N ARG A 286 38.11 -32.82 3.13
CA ARG A 286 39.12 -33.57 3.87
C ARG A 286 39.03 -33.28 5.37
N GLU A 287 38.23 -34.09 6.07
CA GLU A 287 37.96 -33.86 7.48
C GLU A 287 39.23 -33.83 8.35
N GLU A 288 40.12 -34.79 8.14
CA GLU A 288 41.30 -34.91 8.98
C GLU A 288 42.34 -33.83 8.70
N ASN A 289 42.52 -33.50 7.42
CA ASN A 289 43.42 -32.41 7.05
C ASN A 289 42.97 -31.09 7.66
N PHE A 290 41.66 -30.88 7.69
CA PHE A 290 41.10 -29.67 8.28
C PHE A 290 41.35 -29.64 9.79
N GLN A 291 41.20 -30.80 10.43
CA GLN A 291 41.48 -30.91 11.86
C GLN A 291 42.92 -30.54 12.15
N LYS A 292 43.82 -30.91 11.24
CA LYS A 292 45.24 -30.59 11.39
C LYS A 292 45.48 -29.10 11.22
N ALA A 293 44.79 -28.50 10.25
CA ALA A 293 44.95 -27.08 9.96
C ALA A 293 44.51 -26.22 11.14
N MET A 294 43.37 -26.56 11.74
CA MET A 294 42.85 -25.79 12.86
C MET A 294 43.68 -25.99 14.12
N ALA A 295 44.29 -27.16 14.25
CA ALA A 295 45.14 -27.46 15.40
C ALA A 295 46.41 -26.62 15.35
N SER A 296 46.83 -26.25 14.15
CA SER A 296 48.08 -25.51 13.96
C SER A 296 47.87 -24.00 14.05
N ILE A 297 46.70 -23.58 14.50
CA ILE A 297 46.40 -22.16 14.64
C ILE A 297 46.75 -21.66 16.03
N SER A 298 47.51 -20.57 16.09
CA SER A 298 47.93 -19.99 17.37
C SER A 298 46.83 -19.11 17.95
N GLY A 329 55.10 -10.86 4.97
CA GLY A 329 55.36 -12.03 5.79
C GLY A 329 54.75 -13.29 5.21
N ASP A 330 53.48 -13.53 5.55
CA ASP A 330 52.78 -14.73 5.08
C ASP A 330 52.48 -14.67 3.58
N ILE A 331 51.90 -13.57 3.13
CA ILE A 331 51.63 -13.41 1.70
C ILE A 331 52.94 -13.48 0.92
N TYR A 332 54.02 -13.01 1.54
CA TYR A 332 55.34 -13.09 0.92
C TYR A 332 55.80 -14.54 0.84
N LYS A 333 55.71 -15.26 1.95
CA LYS A 333 56.04 -16.68 1.97
C LYS A 333 55.29 -17.42 0.88
N ILE A 334 53.98 -17.20 0.85
CA ILE A 334 53.10 -17.91 -0.08
C ILE A 334 53.44 -17.64 -1.55
N VAL A 335 53.61 -16.37 -1.89
CA VAL A 335 53.95 -16.01 -3.26
C VAL A 335 55.25 -16.66 -3.69
N LYS A 336 56.28 -16.55 -2.83
CA LYS A 336 57.57 -17.17 -3.10
C LYS A 336 57.43 -18.66 -3.35
N MET A 337 56.56 -19.30 -2.59
CA MET A 337 56.33 -20.73 -2.74
C MET A 337 55.63 -21.05 -4.05
N ILE A 338 54.79 -20.13 -4.51
CA ILE A 338 54.06 -20.30 -5.76
C ILE A 338 54.96 -20.04 -6.96
N TRP A 339 55.74 -18.97 -6.90
CA TRP A 339 56.69 -18.66 -7.95
C TRP A 339 57.75 -19.75 -8.05
N LYS A 340 58.00 -20.42 -6.94
CA LYS A 340 58.99 -21.50 -6.88
C LYS A 340 58.43 -22.79 -7.48
N LYS A 341 57.21 -23.13 -7.12
CA LYS A 341 56.56 -24.33 -7.66
C LYS A 341 56.02 -24.07 -9.06
N LYS A 342 56.20 -22.84 -9.53
CA LYS A 342 55.75 -22.43 -10.86
C LYS A 342 54.25 -22.57 -11.05
N TYR A 343 53.49 -22.02 -10.11
CA TYR A 343 52.03 -22.03 -10.21
C TYR A 343 51.49 -20.63 -10.52
N ASN A 344 52.38 -19.74 -10.93
CA ASN A 344 51.96 -18.42 -11.40
C ASN A 344 51.39 -18.54 -12.81
N PRO A 345 50.63 -17.53 -13.26
CA PRO A 345 50.34 -16.27 -12.59
C PRO A 345 49.40 -16.45 -11.40
N VAL A 346 49.51 -15.57 -10.42
CA VAL A 346 48.69 -15.65 -9.23
C VAL A 346 48.01 -14.31 -8.95
N ILE A 347 46.83 -14.37 -8.37
CA ILE A 347 46.11 -13.17 -7.96
C ILE A 347 45.89 -13.18 -6.46
N VAL A 348 46.19 -12.06 -5.82
CA VAL A 348 45.97 -11.91 -4.39
C VAL A 348 44.90 -10.86 -4.12
N PHE A 349 43.71 -11.32 -3.73
CA PHE A 349 42.59 -10.41 -3.50
C PHE A 349 42.63 -9.79 -2.11
N SER A 350 42.48 -8.47 -2.07
CA SER A 350 42.39 -7.75 -0.81
C SER A 350 41.02 -7.08 -0.70
N PHE A 351 40.70 -6.59 0.50
CA PHE A 351 39.39 -5.99 0.73
C PHE A 351 39.39 -4.49 0.48
N SER A 352 40.57 -3.90 0.35
CA SER A 352 40.67 -2.46 0.14
C SER A 352 41.77 -2.10 -0.85
N LYS A 353 41.63 -0.96 -1.51
CA LYS A 353 42.63 -0.46 -2.44
C LYS A 353 43.95 -0.27 -1.70
N ARG A 354 43.87 0.37 -0.54
CA ARG A 354 45.05 0.64 0.28
C ARG A 354 45.90 -0.62 0.46
N ASP A 355 45.24 -1.73 0.74
CA ASP A 355 45.93 -3.00 0.95
C ASP A 355 46.68 -3.47 -0.31
N CYS A 356 46.02 -3.37 -1.45
CA CYS A 356 46.61 -3.81 -2.72
C CYS A 356 47.93 -3.10 -3.02
N GLU A 357 48.03 -1.84 -2.57
CA GLU A 357 49.22 -1.04 -2.84
C GLU A 357 50.34 -1.33 -1.83
N GLU A 358 49.97 -1.58 -0.59
CA GLU A 358 50.96 -1.90 0.44
C GLU A 358 51.61 -3.26 0.19
N LEU A 359 50.79 -4.26 -0.11
CA LEU A 359 51.29 -5.59 -0.44
C LEU A 359 52.20 -5.53 -1.68
N ALA A 360 51.88 -4.61 -2.58
CA ALA A 360 52.69 -4.42 -3.78
C ALA A 360 54.10 -3.98 -3.42
N LEU A 361 54.20 -2.97 -2.56
CA LEU A 361 55.49 -2.43 -2.15
C LEU A 361 56.34 -3.44 -1.40
N LYS A 362 55.69 -4.39 -0.72
CA LYS A 362 56.41 -5.41 0.03
C LYS A 362 56.98 -6.49 -0.89
N MET A 363 56.72 -6.34 -2.19
CA MET A 363 57.13 -7.35 -3.16
C MET A 363 58.16 -6.82 -4.14
N SER A 364 58.31 -5.50 -4.19
CA SER A 364 59.28 -4.87 -5.09
C SER A 364 60.71 -5.30 -4.75
N LYS A 365 60.84 -6.12 -3.73
CA LYS A 365 62.11 -6.75 -3.41
C LYS A 365 62.39 -7.83 -4.45
N LEU A 366 61.40 -8.69 -4.66
CA LEU A 366 61.49 -9.76 -5.64
C LEU A 366 61.49 -9.22 -7.07
N ASP A 367 61.85 -10.08 -8.01
CA ASP A 367 61.84 -9.75 -9.43
C ASP A 367 61.59 -11.01 -10.25
N PHE A 368 60.51 -11.00 -11.03
CA PHE A 368 60.05 -12.21 -11.69
C PHE A 368 60.36 -12.25 -13.19
N ASN A 369 60.75 -11.12 -13.75
CA ASN A 369 60.91 -11.01 -15.20
C ASN A 369 62.36 -11.05 -15.68
N SER A 370 62.56 -11.72 -16.81
CA SER A 370 63.84 -11.65 -17.53
C SER A 370 63.84 -10.33 -18.29
N ASP A 371 65.02 -9.77 -18.52
CA ASP A 371 65.11 -8.48 -19.20
C ASP A 371 64.56 -8.53 -20.61
N ASP A 372 64.50 -9.74 -21.18
CA ASP A 372 63.89 -9.93 -22.49
C ASP A 372 62.39 -9.74 -22.39
N GLU A 373 61.83 -10.06 -21.22
CA GLU A 373 60.42 -9.85 -20.95
C GLU A 373 60.18 -8.39 -20.56
N LYS A 374 61.13 -7.81 -19.83
CA LYS A 374 61.04 -6.41 -19.43
C LYS A 374 61.09 -5.50 -20.66
N GLU A 375 61.54 -6.06 -21.78
CA GLU A 375 61.61 -5.31 -23.03
C GLU A 375 60.25 -5.21 -23.70
N ALA A 376 59.66 -6.37 -24.02
CA ALA A 376 58.35 -6.41 -24.64
C ALA A 376 57.31 -5.77 -23.74
N LEU A 377 57.46 -5.97 -22.43
CA LEU A 377 56.57 -5.38 -21.45
C LEU A 377 56.52 -3.86 -21.58
N THR A 378 57.68 -3.23 -21.51
CA THR A 378 57.76 -1.77 -21.54
C THR A 378 57.25 -1.18 -22.85
N LYS A 379 57.52 -1.87 -23.95
CA LYS A 379 57.04 -1.42 -25.26
C LYS A 379 55.52 -1.31 -25.26
N ILE A 380 54.86 -2.37 -24.77
CA ILE A 380 53.40 -2.36 -24.64
C ILE A 380 52.95 -1.18 -23.80
N PHE A 381 53.61 -1.00 -22.66
CA PHE A 381 53.28 0.06 -21.72
C PHE A 381 53.39 1.44 -22.37
N ASN A 382 54.51 1.69 -23.03
CA ASN A 382 54.75 2.98 -23.66
C ASN A 382 53.91 3.22 -24.91
N ASN A 383 53.59 2.15 -25.63
CA ASN A 383 52.66 2.23 -26.76
C ASN A 383 51.32 2.77 -26.30
N ALA A 384 50.85 2.25 -25.16
CA ALA A 384 49.57 2.66 -24.60
C ALA A 384 49.64 4.08 -24.05
N ILE A 385 50.69 4.35 -23.26
CA ILE A 385 50.88 5.67 -22.66
C ILE A 385 50.97 6.77 -23.72
N ALA A 386 51.57 6.43 -24.86
CA ALA A 386 51.74 7.39 -25.95
C ALA A 386 50.41 7.79 -26.57
N LEU A 387 49.36 7.02 -26.29
CA LEU A 387 48.03 7.33 -26.79
C LEU A 387 47.34 8.39 -25.94
N LEU A 388 47.97 8.75 -24.82
CA LEU A 388 47.48 9.84 -23.98
C LEU A 388 48.02 11.16 -24.51
N PRO A 389 47.32 12.27 -24.19
CA PRO A 389 47.83 13.60 -24.54
C PRO A 389 49.21 13.82 -23.93
N GLU A 390 50.09 14.51 -24.65
CA GLU A 390 51.47 14.72 -24.22
C GLU A 390 51.58 15.15 -22.76
N THR A 391 50.66 16.02 -22.33
CA THR A 391 50.69 16.57 -20.98
C THR A 391 50.48 15.51 -19.90
N ASP A 392 49.88 14.38 -20.28
CA ASP A 392 49.47 13.38 -19.31
C ASP A 392 50.41 12.18 -19.21
N ARG A 393 51.35 12.07 -20.14
CA ARG A 393 52.24 10.91 -20.17
C ARG A 393 53.22 10.91 -19.00
N GLU A 394 53.24 12.01 -18.25
CA GLU A 394 54.18 12.15 -17.14
C GLU A 394 53.52 12.02 -15.78
N LEU A 395 52.20 11.81 -15.77
CA LEU A 395 51.44 11.71 -14.53
C LEU A 395 52.11 10.79 -13.51
N PRO A 396 51.98 11.14 -12.21
CA PRO A 396 52.62 10.42 -11.10
C PRO A 396 52.25 8.95 -11.08
N GLN A 397 50.95 8.65 -11.06
CA GLN A 397 50.47 7.28 -11.00
C GLN A 397 51.11 6.42 -12.10
N ILE A 398 51.26 7.02 -13.28
CA ILE A 398 51.90 6.34 -14.41
C ILE A 398 53.39 6.11 -14.12
N LYS A 399 54.04 7.12 -13.56
CA LYS A 399 55.47 7.04 -13.27
C LYS A 399 55.77 5.99 -12.20
N HIS A 400 54.98 5.96 -11.14
CA HIS A 400 55.26 5.11 -9.99
C HIS A 400 54.88 3.64 -10.20
N ILE A 401 54.10 3.36 -11.24
CA ILE A 401 53.59 2.01 -11.46
C ILE A 401 54.48 1.18 -12.38
N LEU A 402 55.13 1.83 -13.33
CA LEU A 402 55.98 1.13 -14.30
C LEU A 402 57.10 0.31 -13.68
N PRO A 403 57.77 0.87 -12.65
CA PRO A 403 58.81 0.08 -11.96
C PRO A 403 58.29 -1.28 -11.52
N LEU A 404 57.15 -1.30 -10.84
CA LEU A 404 56.55 -2.55 -10.37
C LEU A 404 56.27 -3.50 -11.53
N LEU A 405 55.62 -2.98 -12.58
CA LEU A 405 55.25 -3.78 -13.74
C LEU A 405 56.45 -4.53 -14.29
N ARG A 406 57.57 -3.84 -14.41
CA ARG A 406 58.79 -4.43 -14.95
C ARG A 406 59.33 -5.55 -14.07
N ARG A 407 59.18 -5.40 -12.76
CA ARG A 407 59.54 -6.46 -11.82
C ARG A 407 58.55 -7.62 -11.90
N GLY A 408 57.44 -7.41 -12.61
CA GLY A 408 56.43 -8.43 -12.79
C GLY A 408 55.37 -8.41 -11.71
N ILE A 409 55.11 -7.23 -11.16
CA ILE A 409 54.12 -7.08 -10.10
C ILE A 409 53.04 -6.09 -10.49
N GLY A 410 51.79 -6.55 -10.48
CA GLY A 410 50.67 -5.72 -10.90
C GLY A 410 49.74 -5.31 -9.78
N ILE A 411 49.05 -4.20 -10.00
CA ILE A 411 48.00 -3.73 -9.10
C ILE A 411 46.74 -3.48 -9.92
N HIS A 412 45.58 -3.79 -9.35
CA HIS A 412 44.34 -3.61 -10.09
C HIS A 412 43.16 -3.25 -9.19
N HIS A 413 42.66 -2.02 -9.35
CA HIS A 413 41.48 -1.57 -8.62
C HIS A 413 40.92 -0.29 -9.24
N SER A 414 39.71 0.09 -8.83
CA SER A 414 39.02 1.22 -9.44
C SER A 414 39.75 2.55 -9.28
N GLY A 415 40.75 2.57 -8.40
CA GLY A 415 41.49 3.79 -8.13
C GLY A 415 42.44 4.19 -9.25
N LEU A 416 42.76 3.24 -10.11
CA LEU A 416 43.71 3.47 -11.21
C LEU A 416 43.10 4.27 -12.35
N LEU A 417 43.97 4.93 -13.12
CA LEU A 417 43.55 5.57 -14.36
C LEU A 417 43.02 4.50 -15.29
N PRO A 418 41.93 4.82 -16.01
CA PRO A 418 41.32 3.87 -16.95
C PRO A 418 42.35 3.20 -17.86
N ILE A 419 43.31 3.97 -18.36
CA ILE A 419 44.32 3.43 -19.26
C ILE A 419 45.28 2.49 -18.56
N LEU A 420 45.59 2.78 -17.29
CA LEU A 420 46.44 1.92 -16.50
C LEU A 420 45.76 0.59 -16.22
N LYS A 421 44.44 0.63 -16.01
CA LYS A 421 43.67 -0.57 -15.76
C LYS A 421 43.74 -1.54 -16.94
N GLU A 422 43.51 -1.02 -18.14
CA GLU A 422 43.46 -1.86 -19.33
C GLU A 422 44.84 -2.32 -19.81
N VAL A 423 45.86 -1.51 -19.56
CA VAL A 423 47.22 -1.89 -19.94
C VAL A 423 47.73 -2.99 -19.01
N ILE A 424 47.26 -2.97 -17.76
CA ILE A 424 47.64 -3.99 -16.79
C ILE A 424 46.89 -5.29 -17.05
N GLU A 425 45.63 -5.17 -17.47
CA GLU A 425 44.83 -6.33 -17.85
C GLU A 425 45.50 -7.04 -19.03
N ILE A 426 45.98 -6.25 -19.98
CA ILE A 426 46.62 -6.79 -21.18
C ILE A 426 47.96 -7.45 -20.86
N LEU A 427 48.74 -6.83 -19.97
CA LEU A 427 50.03 -7.38 -19.57
C LEU A 427 49.85 -8.71 -18.83
N PHE A 428 48.73 -8.84 -18.14
CA PHE A 428 48.42 -10.07 -17.42
C PHE A 428 48.08 -11.19 -18.39
N GLN A 429 47.34 -10.86 -19.44
CA GLN A 429 47.01 -11.81 -20.49
C GLN A 429 48.26 -12.39 -21.13
N GLU A 430 49.22 -11.52 -21.43
CA GLU A 430 50.44 -11.94 -22.11
C GLU A 430 51.42 -12.64 -21.17
N GLY A 431 51.10 -12.62 -19.88
CA GLY A 431 51.89 -13.35 -18.90
C GLY A 431 53.16 -12.64 -18.45
N PHE A 432 53.20 -11.32 -18.61
CA PHE A 432 54.34 -10.55 -18.17
C PHE A 432 54.27 -10.25 -16.67
N LEU A 433 53.07 -10.30 -16.12
CA LEU A 433 52.87 -10.13 -14.69
C LEU A 433 52.67 -11.49 -14.03
N LYS A 434 53.53 -11.80 -13.06
CA LYS A 434 53.46 -13.08 -12.37
C LYS A 434 52.58 -12.98 -11.12
N VAL A 435 52.53 -11.80 -10.54
CA VAL A 435 51.72 -11.57 -9.36
C VAL A 435 50.84 -10.33 -9.53
N LEU A 436 49.55 -10.50 -9.27
CA LEU A 436 48.63 -9.37 -9.34
C LEU A 436 47.89 -9.20 -8.03
N PHE A 437 48.03 -8.02 -7.43
CA PHE A 437 47.32 -7.69 -6.21
C PHE A 437 46.05 -6.94 -6.59
N ALA A 438 44.93 -7.65 -6.55
CA ALA A 438 43.69 -7.13 -7.10
C ALA A 438 42.60 -6.95 -6.05
N THR A 439 41.66 -6.05 -6.35
CA THR A 439 40.46 -5.90 -5.57
C THR A 439 39.46 -6.94 -6.08
N GLU A 440 38.38 -7.15 -5.34
CA GLU A 440 37.46 -8.25 -5.63
C GLU A 440 36.79 -8.24 -7.02
N THR A 441 36.84 -7.14 -7.71
CA THR A 441 36.25 -7.02 -9.02
C THR A 441 36.86 -7.84 -10.13
N PHE A 442 38.13 -8.15 -10.03
CA PHE A 442 38.88 -8.70 -11.16
C PHE A 442 38.24 -9.98 -11.62
N SER A 443 37.70 -10.74 -10.68
CA SER A 443 37.16 -12.04 -10.99
C SER A 443 36.04 -11.90 -11.99
N ILE A 444 35.36 -10.78 -11.94
CA ILE A 444 34.34 -10.51 -12.93
C ILE A 444 34.87 -10.39 -14.34
N GLY A 445 36.04 -9.77 -14.53
CA GLY A 445 36.58 -9.52 -15.85
C GLY A 445 36.89 -10.74 -16.67
N LEU A 446 36.45 -10.70 -17.91
CA LEU A 446 36.63 -11.83 -18.80
C LEU A 446 38.06 -12.02 -19.29
N ASN A 447 38.46 -13.29 -19.42
CA ASN A 447 39.79 -13.65 -19.88
C ASN A 447 40.90 -13.13 -18.97
N MET A 448 40.67 -13.15 -17.66
CA MET A 448 41.70 -12.76 -16.73
C MET A 448 41.89 -13.82 -15.67
N PRO A 449 41.82 -15.07 -16.07
CA PRO A 449 42.04 -16.20 -15.16
C PRO A 449 43.50 -16.39 -14.80
N ALA A 450 43.73 -17.04 -13.68
CA ALA A 450 45.04 -17.22 -13.17
C ALA A 450 45.16 -18.65 -12.78
N LYS A 451 46.37 -19.15 -12.70
CA LYS A 451 46.56 -20.49 -12.24
C LYS A 451 46.27 -20.65 -10.78
N THR A 452 46.68 -19.68 -9.99
CA THR A 452 46.51 -19.70 -8.55
C THR A 452 45.77 -18.45 -8.07
N VAL A 453 44.87 -18.64 -7.11
CA VAL A 453 44.12 -17.54 -6.52
C VAL A 453 44.29 -17.56 -5.00
N VAL A 454 44.60 -16.41 -4.42
CA VAL A 454 44.82 -16.33 -2.98
C VAL A 454 43.92 -15.30 -2.31
N PHE A 455 43.21 -15.74 -1.28
CA PHE A 455 42.42 -14.84 -0.46
C PHE A 455 43.15 -14.56 0.86
N THR A 456 43.33 -13.29 1.19
CA THR A 456 44.13 -12.91 2.35
C THR A 456 43.39 -13.06 3.67
N SER A 457 42.08 -13.31 3.60
CA SER A 457 41.28 -13.46 4.81
C SER A 457 40.02 -14.28 4.57
N VAL A 458 39.51 -14.87 5.65
CA VAL A 458 38.29 -15.68 5.58
C VAL A 458 37.06 -14.84 5.88
N ARG A 459 37.28 -13.61 6.33
CA ARG A 459 36.19 -12.69 6.63
C ARG A 459 36.18 -11.49 5.68
N LYS A 460 35.06 -10.79 5.64
CA LYS A 460 34.90 -9.63 4.77
C LYS A 460 34.06 -8.54 5.44
N TRP A 461 34.36 -7.28 5.12
CA TRP A 461 33.58 -6.16 5.62
C TRP A 461 32.61 -5.69 4.56
N ASP A 462 31.32 -5.96 4.77
CA ASP A 462 30.29 -5.61 3.79
C ASP A 462 29.68 -4.23 4.06
N GLY A 463 30.27 -3.51 5.00
CA GLY A 463 29.79 -2.18 5.35
C GLY A 463 29.04 -2.17 6.67
N GLN A 464 28.45 -3.31 7.03
CA GLN A 464 27.66 -3.41 8.24
C GLN A 464 28.27 -4.36 9.25
N GLN A 465 28.83 -5.47 8.75
CA GLN A 465 29.39 -6.50 9.62
C GLN A 465 30.74 -7.02 9.14
N PHE A 466 31.52 -7.56 10.07
CA PHE A 466 32.76 -8.23 9.75
C PHE A 466 32.49 -9.73 9.81
N ARG A 467 32.06 -10.29 8.69
CA ARG A 467 31.46 -11.63 8.67
C ARG A 467 32.23 -12.63 7.82
N TRP A 468 31.82 -13.89 7.91
CA TRP A 468 32.42 -14.96 7.11
C TRP A 468 31.97 -14.86 5.66
N VAL A 469 32.88 -15.19 4.75
CA VAL A 469 32.52 -15.35 3.35
C VAL A 469 31.46 -16.43 3.24
N SER A 470 30.44 -16.20 2.42
CA SER A 470 29.36 -17.16 2.26
C SER A 470 29.69 -18.17 1.16
N GLY A 471 29.02 -19.32 1.20
CA GLY A 471 29.19 -20.33 0.18
C GLY A 471 29.08 -19.73 -1.20
N GLY A 472 27.94 -19.09 -1.47
CA GLY A 472 27.71 -18.43 -2.74
C GLY A 472 28.87 -17.56 -3.14
N GLU A 473 29.26 -16.64 -2.26
CA GLU A 473 30.42 -15.78 -2.51
C GLU A 473 31.62 -16.62 -2.93
N TYR A 474 31.94 -17.63 -2.11
CA TYR A 474 33.12 -18.45 -2.33
C TYR A 474 33.09 -19.21 -3.65
N ILE A 475 31.89 -19.67 -4.05
CA ILE A 475 31.73 -20.35 -5.33
C ILE A 475 32.25 -19.45 -6.45
N GLN A 476 31.67 -18.27 -6.56
CA GLN A 476 32.10 -17.29 -7.55
C GLN A 476 33.57 -16.93 -7.33
N MET A 477 34.04 -17.17 -6.12
CA MET A 477 35.43 -16.87 -5.76
C MET A 477 36.41 -17.92 -6.29
N SER A 478 35.97 -19.17 -6.33
CA SER A 478 36.82 -20.27 -6.78
C SER A 478 37.01 -20.23 -8.30
N GLY A 479 36.09 -19.57 -8.99
CA GLY A 479 36.06 -19.60 -10.45
C GLY A 479 37.23 -18.96 -11.17
N ARG A 480 37.92 -18.04 -10.48
CA ARG A 480 39.00 -17.29 -11.12
C ARG A 480 40.28 -18.11 -11.31
N ALA A 481 40.32 -19.30 -10.71
CA ALA A 481 41.52 -20.12 -10.76
C ALA A 481 41.41 -21.24 -11.80
N GLY A 482 42.41 -21.33 -12.67
CA GLY A 482 42.46 -22.37 -13.68
C GLY A 482 42.22 -21.87 -15.09
N ARG A 483 43.31 -21.69 -15.84
CA ARG A 483 43.21 -21.30 -17.24
C ARG A 483 42.90 -22.52 -18.09
N ARG A 484 41.74 -22.48 -18.75
CA ARG A 484 41.15 -23.66 -19.38
C ARG A 484 42.12 -24.58 -20.12
N GLY A 485 42.91 -24.04 -21.03
CA GLY A 485 43.76 -24.86 -21.87
C GLY A 485 45.16 -25.11 -21.35
N LEU A 486 45.64 -24.25 -20.45
CA LEU A 486 47.04 -24.24 -20.07
C LEU A 486 47.38 -25.09 -18.84
N ASP A 487 46.54 -25.00 -17.81
CA ASP A 487 46.85 -25.62 -16.53
C ASP A 487 46.12 -26.93 -16.30
N ASP A 488 46.82 -27.90 -15.72
CA ASP A 488 46.20 -29.16 -15.32
C ASP A 488 45.11 -28.86 -14.31
N ARG A 489 45.51 -28.30 -13.17
CA ARG A 489 44.59 -27.97 -12.09
C ARG A 489 44.63 -26.48 -11.78
N GLY A 490 43.66 -26.02 -10.99
CA GLY A 490 43.64 -24.66 -10.50
C GLY A 490 43.74 -24.65 -8.99
N ILE A 491 44.60 -23.79 -8.45
CA ILE A 491 44.84 -23.76 -7.01
C ILE A 491 44.16 -22.57 -6.33
N VAL A 492 43.41 -22.84 -5.28
CA VAL A 492 42.78 -21.79 -4.48
C VAL A 492 43.32 -21.85 -3.05
N ILE A 493 43.87 -20.74 -2.59
CA ILE A 493 44.43 -20.68 -1.24
C ILE A 493 43.74 -19.60 -0.41
N MET A 494 43.30 -19.97 0.79
CA MET A 494 42.64 -19.03 1.66
C MET A 494 43.38 -18.91 3.00
N MET A 495 43.97 -17.75 3.23
CA MET A 495 44.68 -17.49 4.47
C MET A 495 43.68 -17.35 5.62
N ILE A 496 43.88 -18.15 6.67
CA ILE A 496 42.95 -18.17 7.79
C ILE A 496 43.65 -17.90 9.12
N ASP A 497 42.95 -17.24 10.04
CA ASP A 497 43.52 -16.85 11.32
C ASP A 497 42.53 -17.01 12.46
N GLU A 498 41.86 -18.16 12.49
CA GLU A 498 40.87 -18.44 13.53
C GLU A 498 40.47 -19.91 13.51
N LYS A 499 40.33 -20.50 14.69
CA LYS A 499 39.93 -21.91 14.82
C LYS A 499 38.48 -22.11 14.41
N MET A 500 38.22 -21.99 13.11
CA MET A 500 36.87 -22.12 12.58
C MET A 500 36.30 -23.53 12.75
N GLU A 501 35.00 -23.60 13.03
CA GLU A 501 34.33 -24.89 13.18
C GLU A 501 34.13 -25.55 11.82
N PRO A 502 34.18 -26.90 11.78
CA PRO A 502 34.06 -27.67 10.54
C PRO A 502 32.81 -27.33 9.73
N GLN A 503 31.65 -27.37 10.36
CA GLN A 503 30.39 -27.13 9.64
C GLN A 503 30.33 -25.72 9.06
N VAL A 504 31.00 -24.78 9.71
CA VAL A 504 31.09 -23.41 9.20
C VAL A 504 32.01 -23.37 7.99
N ALA A 505 33.10 -24.14 8.05
CA ALA A 505 34.06 -24.19 6.96
C ALA A 505 33.46 -24.84 5.73
N LYS A 506 32.70 -25.91 5.94
CA LYS A 506 32.02 -26.58 4.85
C LYS A 506 31.04 -25.63 4.16
N GLY A 507 30.22 -24.97 4.96
CA GLY A 507 29.23 -24.05 4.43
C GLY A 507 29.84 -22.95 3.59
N MET A 508 31.12 -22.66 3.82
CA MET A 508 31.81 -21.60 3.10
C MET A 508 32.61 -22.11 1.91
N VAL A 509 33.32 -23.22 2.10
CA VAL A 509 34.18 -23.77 1.06
C VAL A 509 33.43 -24.79 0.20
N LYS A 510 32.32 -25.29 0.74
CA LYS A 510 31.51 -26.27 0.01
C LYS A 510 30.02 -25.94 0.17
N GLY A 511 29.64 -24.71 -0.16
CA GLY A 511 28.28 -24.26 0.01
C GLY A 511 27.44 -24.35 -1.25
N GLN A 512 26.21 -23.84 -1.18
CA GLN A 512 25.32 -23.82 -2.32
C GLN A 512 25.36 -22.46 -3.02
N ALA A 513 25.03 -22.44 -4.30
CA ALA A 513 24.94 -21.20 -5.06
C ALA A 513 23.73 -20.39 -4.58
N ASP A 514 23.84 -19.08 -4.64
CA ASP A 514 22.76 -18.20 -4.20
C ASP A 514 21.62 -18.18 -5.21
N ARG A 515 20.40 -18.06 -4.70
CA ARG A 515 19.22 -17.99 -5.56
C ARG A 515 19.24 -16.74 -6.43
N LEU A 516 18.51 -16.80 -7.54
CA LEU A 516 18.29 -15.63 -8.37
C LEU A 516 16.94 -15.01 -8.00
N ASP A 517 16.95 -14.17 -6.97
CA ASP A 517 15.72 -13.53 -6.50
C ASP A 517 15.57 -12.13 -7.08
N SER A 518 14.34 -11.76 -7.40
CA SER A 518 14.05 -10.44 -7.93
C SER A 518 14.45 -9.36 -6.92
N ALA A 519 14.92 -8.24 -7.44
CA ALA A 519 15.24 -7.08 -6.60
C ALA A 519 14.49 -5.87 -7.14
N PHE A 520 13.23 -6.10 -7.53
CA PHE A 520 12.44 -5.08 -8.20
C PHE A 520 11.98 -3.97 -7.26
N HIS A 521 12.09 -2.73 -7.72
CA HIS A 521 11.54 -1.58 -7.01
C HIS A 521 11.20 -0.45 -7.97
N LEU A 522 10.31 0.44 -7.54
CA LEU A 522 9.80 1.49 -8.41
C LEU A 522 10.71 2.72 -8.45
N GLY A 523 10.78 3.35 -9.62
CA GLY A 523 11.50 4.59 -9.79
C GLY A 523 10.63 5.59 -10.52
N TYR A 524 10.84 6.88 -10.26
CA TYR A 524 10.02 7.92 -10.87
C TYR A 524 10.20 7.96 -12.38
N ASN A 525 11.45 7.94 -12.83
CA ASN A 525 11.76 7.88 -14.25
C ASN A 525 10.99 6.74 -14.92
N MET A 526 11.02 5.58 -14.28
CA MET A 526 10.32 4.40 -14.76
C MET A 526 8.80 4.61 -14.84
N ILE A 527 8.22 5.12 -13.76
CA ILE A 527 6.78 5.36 -13.70
C ILE A 527 6.33 6.35 -14.78
N LEU A 528 7.06 7.46 -14.90
CA LEU A 528 6.73 8.48 -15.87
C LEU A 528 6.75 7.94 -17.30
N ASN A 529 7.77 7.15 -17.62
CA ASN A 529 7.87 6.54 -18.94
C ASN A 529 6.71 5.59 -19.23
N LEU A 530 6.30 4.82 -18.24
CA LEU A 530 5.19 3.89 -18.40
C LEU A 530 3.87 4.62 -18.59
N MET A 531 3.72 5.77 -17.93
CA MET A 531 2.55 6.62 -18.14
C MET A 531 2.57 7.16 -19.56
N ARG A 532 3.74 7.59 -20.00
CA ARG A 532 3.90 8.20 -21.31
C ARG A 532 3.64 7.22 -22.44
N VAL A 533 4.38 6.12 -22.47
CA VAL A 533 4.21 5.09 -23.50
C VAL A 533 2.76 4.62 -23.54
N GLU A 534 2.26 4.40 -24.75
CA GLU A 534 0.83 4.22 -24.96
C GLU A 534 0.31 2.82 -24.61
N GLY A 535 0.98 1.79 -25.11
CA GLY A 535 0.48 0.43 -25.01
C GLY A 535 0.52 -0.20 -23.63
N ILE A 536 1.21 0.42 -22.68
CA ILE A 536 1.40 -0.17 -21.36
C ILE A 536 1.29 0.83 -20.22
N SER A 537 1.26 0.31 -18.99
CA SER A 537 1.08 1.14 -17.80
C SER A 537 1.98 0.69 -16.66
N PRO A 538 2.07 1.49 -15.59
CA PRO A 538 2.86 1.13 -14.40
C PRO A 538 2.39 -0.16 -13.76
N GLU A 539 1.07 -0.37 -13.71
CA GLU A 539 0.52 -1.60 -13.16
C GLU A 539 0.93 -2.80 -14.02
N PHE A 540 0.97 -2.59 -15.33
CA PHE A 540 1.40 -3.63 -16.26
C PHE A 540 2.78 -4.14 -15.87
N MET A 541 3.68 -3.21 -15.56
CA MET A 541 5.04 -3.56 -15.14
C MET A 541 5.02 -4.42 -13.88
N LEU A 542 4.26 -3.98 -12.88
CA LEU A 542 4.14 -4.71 -11.63
C LEU A 542 3.68 -6.14 -11.86
N GLU A 543 2.62 -6.30 -12.65
CA GLU A 543 2.05 -7.62 -12.92
C GLU A 543 3.02 -8.56 -13.62
N HIS A 544 3.93 -8.00 -14.42
CA HIS A 544 4.84 -8.80 -15.23
C HIS A 544 6.21 -8.98 -14.61
N SER A 545 6.40 -8.45 -13.40
CA SER A 545 7.69 -8.53 -12.73
C SER A 545 7.99 -9.96 -12.28
N PHE A 546 9.27 -10.26 -12.13
CA PHE A 546 9.69 -11.56 -11.61
C PHE A 546 9.44 -11.58 -10.10
N PHE A 547 9.37 -10.40 -9.51
CA PHE A 547 9.08 -10.26 -8.09
C PHE A 547 7.66 -10.74 -7.80
N GLN A 548 6.71 -10.22 -8.57
CA GLN A 548 5.32 -10.64 -8.47
C GLN A 548 5.19 -12.13 -8.76
N PHE A 549 5.92 -12.60 -9.77
CA PHE A 549 5.87 -14.00 -10.17
C PHE A 549 6.31 -14.91 -9.02
N GLN A 550 7.47 -14.64 -8.45
CA GLN A 550 7.97 -15.41 -7.33
C GLN A 550 6.98 -15.40 -6.17
N ASN A 551 6.39 -14.24 -5.91
CA ASN A 551 5.41 -14.09 -4.85
C ASN A 551 4.22 -15.02 -5.05
N VAL A 552 3.73 -15.10 -6.28
CA VAL A 552 2.59 -15.95 -6.61
C VAL A 552 2.92 -17.43 -6.48
N ILE A 553 4.17 -17.79 -6.80
CA ILE A 553 4.60 -19.18 -6.77
C ILE A 553 4.80 -19.72 -5.35
N SER A 554 4.86 -18.80 -4.39
CA SER A 554 5.08 -19.20 -2.99
C SER A 554 3.79 -19.49 -2.25
N VAL A 555 2.67 -19.00 -2.77
CA VAL A 555 1.37 -19.21 -2.13
C VAL A 555 1.07 -20.69 -1.85
N PRO A 556 1.14 -21.53 -2.89
CA PRO A 556 0.94 -22.97 -2.66
C PRO A 556 1.93 -23.50 -1.63
N VAL A 557 3.19 -23.07 -1.76
CA VAL A 557 4.24 -23.45 -0.83
C VAL A 557 3.88 -23.11 0.61
N MET A 558 3.34 -21.90 0.80
CA MET A 558 2.95 -21.45 2.13
C MET A 558 1.69 -22.16 2.64
N GLU A 559 0.73 -22.36 1.75
CA GLU A 559 -0.52 -23.01 2.11
C GLU A 559 -0.31 -24.46 2.54
N LYS A 560 0.62 -25.14 1.87
CA LYS A 560 0.98 -26.50 2.23
C LYS A 560 1.52 -26.53 3.66
N LYS A 561 2.34 -25.54 3.98
CA LYS A 561 2.92 -25.43 5.31
C LYS A 561 1.85 -25.16 6.37
N LEU A 562 0.86 -24.38 6.05
CA LEU A 562 -0.19 -24.08 6.99
C LEU A 562 -0.93 -25.34 7.31
N ALA A 563 -1.16 -26.15 6.30
CA ALA A 563 -1.88 -27.36 6.48
C ALA A 563 -1.15 -28.27 7.42
N GLU A 564 0.17 -28.35 7.28
CA GLU A 564 0.95 -29.18 8.14
C GLU A 564 0.76 -28.66 9.54
N LEU A 565 0.79 -27.37 9.68
CA LEU A 565 0.67 -26.72 10.98
C LEU A 565 -0.64 -26.96 11.68
N LYS A 566 -1.73 -26.94 10.92
CA LYS A 566 -3.03 -27.16 11.50
C LYS A 566 -3.14 -28.54 12.05
N LYS A 567 -2.66 -29.51 11.32
CA LYS A 567 -2.77 -30.86 11.81
C LYS A 567 -1.92 -31.10 13.04
N ASP A 568 -0.73 -30.56 13.02
CA ASP A 568 0.17 -30.63 14.17
C ASP A 568 -0.48 -29.96 15.37
N PHE A 569 -1.29 -28.94 15.08
CA PHE A 569 -1.97 -28.17 16.12
C PHE A 569 -3.16 -28.92 16.69
N ASP A 570 -3.70 -29.85 15.90
CA ASP A 570 -4.83 -30.67 16.34
C ASP A 570 -4.35 -32.06 16.75
N GLY A 571 -3.10 -32.38 16.40
CA GLY A 571 -2.48 -33.61 16.84
C GLY A 571 -2.19 -33.51 18.33
N ILE A 572 -2.22 -32.27 18.82
CA ILE A 572 -2.17 -32.01 20.25
C ILE A 572 -3.59 -31.92 20.77
N GLU A 573 -4.52 -31.69 19.84
CA GLU A 573 -5.93 -31.55 20.18
C GLU A 573 -6.09 -30.60 21.36
N VAL A 574 -6.52 -31.14 22.49
CA VAL A 574 -6.63 -30.37 23.71
C VAL A 574 -5.73 -30.95 24.78
N GLU A 575 -5.11 -30.08 25.57
CA GLU A 575 -4.36 -30.52 26.74
C GLU A 575 -5.37 -30.91 27.81
N ASP A 576 -4.88 -31.27 29.00
CA ASP A 576 -5.75 -31.75 30.05
C ASP A 576 -6.81 -30.75 30.48
N GLU A 577 -6.40 -29.50 30.69
CA GLU A 577 -7.27 -28.53 31.34
C GLU A 577 -7.09 -27.11 30.79
N GLU A 578 -8.19 -26.52 30.33
CA GLU A 578 -8.17 -25.16 29.81
C GLU A 578 -7.75 -24.17 30.90
N ASN A 579 -7.93 -24.57 32.15
CA ASN A 579 -7.53 -23.75 33.29
C ASN A 579 -6.02 -23.49 33.29
N VAL A 580 -5.31 -24.16 32.39
CA VAL A 580 -3.88 -23.94 32.24
C VAL A 580 -3.64 -22.70 31.39
N LYS A 581 -4.63 -22.33 30.59
CA LYS A 581 -4.57 -21.13 29.78
C LYS A 581 -4.33 -19.93 30.69
N GLU A 582 -5.16 -19.82 31.72
CA GLU A 582 -5.00 -18.75 32.70
C GLU A 582 -3.59 -18.75 33.27
N TYR A 583 -3.11 -19.94 33.61
CA TYR A 583 -1.77 -20.08 34.21
C TYR A 583 -0.68 -19.64 33.25
N HIS A 584 -0.94 -19.78 31.95
CA HIS A 584 0.03 -19.37 30.93
C HIS A 584 0.00 -17.86 30.75
N GLU A 585 -1.20 -17.30 30.67
CA GLU A 585 -1.37 -15.86 30.52
C GLU A 585 -0.77 -15.10 31.70
N ILE A 586 -1.09 -15.56 32.91
CA ILE A 586 -0.60 -14.92 34.13
C ILE A 586 0.94 -14.87 34.13
N GLU A 587 1.56 -15.95 33.67
CA GLU A 587 3.02 -16.00 33.60
C GLU A 587 3.57 -15.11 32.48
N GLN A 588 2.81 -15.00 31.39
CA GLN A 588 3.22 -14.14 30.28
C GLN A 588 3.21 -12.69 30.71
N ALA A 589 2.13 -12.27 31.35
CA ALA A 589 2.02 -10.90 31.85
C ALA A 589 3.16 -10.59 32.82
N ILE A 590 3.47 -11.55 33.68
CA ILE A 590 4.57 -11.39 34.64
C ILE A 590 5.90 -11.25 33.91
N LYS A 591 6.10 -12.06 32.88
CA LYS A 591 7.32 -11.99 32.08
C LYS A 591 7.46 -10.62 31.45
N GLY A 592 6.34 -10.07 30.99
CA GLY A 592 6.34 -8.75 30.38
C GLY A 592 6.60 -7.64 31.37
N TYR A 593 5.91 -7.66 32.51
CA TYR A 593 6.11 -6.67 33.56
C TYR A 593 7.53 -6.72 34.09
N ARG A 594 8.10 -7.92 34.17
CA ARG A 594 9.46 -8.09 34.67
C ARG A 594 10.48 -7.52 33.70
N GLU A 595 10.12 -7.48 32.42
CA GLU A 595 10.98 -6.88 31.41
C GLU A 595 10.96 -5.37 31.53
N ASP A 596 9.77 -4.81 31.75
CA ASP A 596 9.63 -3.37 31.96
C ASP A 596 10.45 -2.91 33.16
N VAL A 597 10.43 -3.71 34.21
CA VAL A 597 11.22 -3.42 35.40
C VAL A 597 12.71 -3.40 35.05
N ARG A 598 13.13 -4.37 34.24
CA ARG A 598 14.52 -4.47 33.83
C ARG A 598 14.92 -3.27 32.98
N GLN A 599 14.02 -2.82 32.11
CA GLN A 599 14.27 -1.66 31.27
C GLN A 599 14.55 -0.42 32.11
N VAL A 600 13.87 -0.32 33.25
CA VAL A 600 14.08 0.81 34.16
C VAL A 600 15.39 0.65 34.92
N VAL A 601 15.57 -0.51 35.55
CA VAL A 601 16.77 -0.78 36.33
C VAL A 601 18.05 -0.53 35.55
N THR A 602 18.04 -0.88 34.27
CA THR A 602 19.25 -0.80 33.44
C THR A 602 19.43 0.55 32.74
N HIS A 603 18.41 1.41 32.82
CA HIS A 603 18.53 2.75 32.28
C HIS A 603 19.65 3.48 32.99
N PRO A 604 20.52 4.18 32.23
CA PRO A 604 21.71 4.86 32.75
C PRO A 604 21.41 5.71 33.98
N ALA A 605 20.23 6.32 34.01
CA ALA A 605 19.84 7.18 35.12
C ALA A 605 19.82 6.45 36.46
N ASN A 606 19.68 5.12 36.40
CA ASN A 606 19.64 4.31 37.60
C ASN A 606 20.85 3.38 37.73
N ALA A 607 21.17 2.68 36.65
CA ALA A 607 22.20 1.65 36.68
C ALA A 607 23.62 2.17 36.86
N LEU A 608 23.96 3.23 36.13
CA LEU A 608 25.32 3.75 36.12
C LEU A 608 25.91 3.97 37.50
N SER A 609 25.10 4.48 38.44
CA SER A 609 25.56 4.73 39.79
C SER A 609 25.88 3.44 40.53
N PHE A 610 25.57 2.31 39.92
CA PHE A 610 25.76 1.02 40.56
C PHE A 610 26.64 0.07 39.75
N LEU A 611 27.32 0.59 38.73
CA LEU A 611 28.28 -0.21 37.95
C LEU A 611 29.72 0.20 38.29
N GLN A 612 30.11 0.04 39.56
CA GLN A 612 31.49 0.27 39.96
C GLN A 612 32.36 -0.88 39.51
N PRO A 613 33.67 -0.63 39.34
CA PRO A 613 34.58 -1.69 38.90
C PRO A 613 34.46 -2.90 39.84
N GLY A 614 34.33 -4.10 39.29
CA GLY A 614 34.16 -5.29 40.11
C GLY A 614 32.72 -5.71 40.31
N ARG A 615 31.79 -4.87 39.88
CA ARG A 615 30.36 -5.14 40.03
C ARG A 615 29.93 -6.37 39.27
N LEU A 616 29.23 -7.27 39.95
CA LEU A 616 28.70 -8.47 39.32
C LEU A 616 27.50 -8.15 38.46
N VAL A 617 27.56 -8.52 37.19
CA VAL A 617 26.45 -8.31 36.27
C VAL A 617 26.17 -9.58 35.47
N GLU A 618 24.89 -9.84 35.21
CA GLU A 618 24.49 -11.00 34.43
C GLU A 618 24.30 -10.58 32.98
N ILE A 619 25.14 -11.12 32.09
CA ILE A 619 25.17 -10.67 30.71
C ILE A 619 24.33 -11.55 29.78
N SER A 620 23.51 -10.89 28.95
CA SER A 620 22.72 -11.57 27.94
C SER A 620 22.54 -10.66 26.73
N VAL A 621 23.51 -10.71 25.81
CA VAL A 621 23.49 -9.85 24.63
C VAL A 621 22.45 -10.31 23.62
N ASN A 622 21.60 -9.38 23.18
CA ASN A 622 20.51 -9.69 22.26
C ASN A 622 19.51 -10.70 22.84
N GLY A 623 19.66 -10.98 24.12
CA GLY A 623 18.78 -11.91 24.81
C GLY A 623 18.91 -13.33 24.31
N LYS A 624 19.89 -13.57 23.45
CA LYS A 624 20.11 -14.90 22.87
C LYS A 624 21.45 -15.48 23.27
N ASP A 625 22.28 -14.69 23.95
CA ASP A 625 23.61 -15.12 24.35
C ASP A 625 23.88 -14.92 25.84
N ASN A 626 23.41 -15.85 26.65
CA ASN A 626 23.64 -15.79 28.09
C ASN A 626 25.08 -16.10 28.45
N TYR A 627 25.84 -15.05 28.73
CA TYR A 627 27.24 -15.21 29.15
C TYR A 627 27.34 -15.42 30.65
N GLY A 628 26.19 -15.50 31.30
CA GLY A 628 26.14 -15.69 32.75
C GLY A 628 26.64 -14.48 33.51
N TRP A 629 27.18 -14.73 34.70
CA TRP A 629 27.65 -13.65 35.57
C TRP A 629 29.07 -13.21 35.25
N GLY A 630 29.22 -11.95 34.84
CA GLY A 630 30.52 -11.37 34.59
C GLY A 630 30.81 -10.26 35.59
N ALA A 631 31.87 -9.50 35.35
CA ALA A 631 32.25 -8.41 36.23
C ALA A 631 32.61 -7.14 35.47
N VAL A 632 32.07 -6.02 35.91
CA VAL A 632 32.32 -4.74 35.25
C VAL A 632 33.77 -4.29 35.38
N VAL A 633 34.39 -3.99 34.24
CA VAL A 633 35.73 -3.41 34.23
C VAL A 633 35.61 -1.90 34.35
N ASP A 634 34.85 -1.32 33.41
CA ASP A 634 34.57 0.11 33.41
C ASP A 634 33.48 0.41 32.39
N PHE A 635 33.04 1.66 32.35
CA PHE A 635 32.09 2.10 31.34
C PHE A 635 32.44 3.51 30.87
N ALA A 636 31.87 3.90 29.74
CA ALA A 636 32.13 5.22 29.17
C ALA A 636 31.03 5.60 28.19
N LYS A 637 30.71 6.89 28.13
CA LYS A 637 29.69 7.35 27.19
C LYS A 637 30.18 7.18 25.76
N ARG A 638 29.24 6.88 24.86
CA ARG A 638 29.57 6.49 23.51
C ARG A 638 29.62 7.69 22.56
N ILE A 639 30.80 7.93 21.99
CA ILE A 639 30.99 9.05 21.08
C ILE A 639 31.23 8.58 19.65
N ASN A 640 30.23 8.78 18.79
CA ASN A 640 30.33 8.40 17.39
C ASN A 640 31.00 9.48 16.57
N LYS A 641 32.31 9.35 16.36
CA LYS A 641 33.10 10.38 15.69
C LYS A 641 32.91 10.38 14.17
N ARG A 642 32.82 9.19 13.58
CA ARG A 642 32.71 9.06 12.14
C ARG A 642 31.37 9.56 11.62
N ASN A 643 30.32 9.40 12.43
CA ASN A 643 28.97 9.79 12.03
C ASN A 643 28.28 10.60 13.12
N PRO A 644 28.31 11.95 12.98
CA PRO A 644 27.75 12.87 13.97
C PRO A 644 26.25 12.69 14.18
N SER A 645 25.48 12.80 13.10
CA SER A 645 24.02 12.76 13.18
C SER A 645 23.47 11.39 13.54
N ALA A 646 24.34 10.46 13.92
CA ALA A 646 23.91 9.15 14.37
C ALA A 646 23.27 9.26 15.74
N VAL A 647 22.21 8.50 15.97
CA VAL A 647 21.45 8.62 17.21
C VAL A 647 21.50 7.35 18.06
N TYR A 648 21.89 7.51 19.32
CA TYR A 648 21.94 6.39 20.26
C TYR A 648 20.76 6.40 21.21
N THR A 649 20.14 5.24 21.38
CA THR A 649 19.11 5.06 22.40
C THR A 649 19.76 5.22 23.78
N ASP A 650 18.96 5.61 24.77
CA ASP A 650 19.48 5.79 26.13
C ASP A 650 20.29 4.59 26.59
N HIS A 651 19.80 3.38 26.29
CA HIS A 651 20.50 2.16 26.68
C HIS A 651 21.75 1.92 25.84
N GLU A 652 21.72 2.39 24.59
CA GLU A 652 22.85 2.22 23.68
C GLU A 652 23.93 3.27 23.92
N SER A 653 23.57 4.32 24.65
CA SER A 653 24.45 5.49 24.81
C SER A 653 25.70 5.23 25.64
N TYR A 654 25.70 4.14 26.40
CA TYR A 654 26.86 3.80 27.23
C TYR A 654 27.40 2.42 26.92
N ILE A 655 28.72 2.33 26.82
CA ILE A 655 29.39 1.05 26.59
C ILE A 655 30.04 0.57 27.88
N VAL A 656 29.70 -0.64 28.30
CA VAL A 656 30.28 -1.23 29.49
C VAL A 656 31.23 -2.37 29.13
N ASN A 657 32.47 -2.27 29.61
CA ASN A 657 33.43 -3.35 29.47
C ASN A 657 33.24 -4.38 30.57
N VAL A 658 33.15 -5.65 30.19
CA VAL A 658 32.84 -6.71 31.14
C VAL A 658 33.74 -7.93 30.97
N VAL A 659 34.16 -8.51 32.10
CA VAL A 659 34.94 -9.74 32.09
C VAL A 659 34.02 -10.95 32.17
N VAL A 660 34.10 -11.82 31.18
CA VAL A 660 33.34 -13.06 31.17
C VAL A 660 34.29 -14.26 31.10
N ASN A 661 33.92 -15.34 31.78
CA ASN A 661 34.73 -16.56 31.77
C ASN A 661 33.97 -17.73 31.16
N THR A 662 32.90 -17.43 30.43
CA THR A 662 32.09 -18.46 29.79
C THR A 662 32.24 -18.37 28.28
N MET A 663 33.22 -17.58 27.83
CA MET A 663 33.48 -17.42 26.40
C MET A 663 33.94 -18.74 25.78
N TYR A 664 33.39 -19.06 24.61
CA TYR A 664 33.81 -20.25 23.88
C TYR A 664 35.30 -20.17 23.57
N ILE A 665 36.02 -21.24 23.85
CA ILE A 665 37.48 -21.25 23.77
C ILE A 665 38.04 -20.94 22.40
N ASP A 666 37.31 -21.31 21.34
CA ASP A 666 37.79 -21.10 19.98
C ASP A 666 37.26 -19.81 19.34
N SER A 667 36.61 -18.97 20.13
CA SER A 667 36.06 -17.71 19.62
C SER A 667 37.16 -16.73 19.23
N PRO A 668 36.97 -16.05 18.09
CA PRO A 668 37.92 -15.09 17.53
C PRO A 668 37.97 -13.80 18.35
N VAL A 669 38.48 -13.89 19.57
CA VAL A 669 38.53 -12.74 20.49
C VAL A 669 39.44 -11.60 20.00
N ASN A 670 40.36 -11.91 19.09
CA ASN A 670 41.22 -10.88 18.53
C ASN A 670 40.47 -9.95 17.58
N LEU A 671 39.21 -10.26 17.32
CA LEU A 671 38.43 -9.53 16.31
C LEU A 671 37.53 -8.43 16.85
N LEU A 672 37.14 -8.48 18.12
CA LEU A 672 36.28 -7.43 18.65
C LEU A 672 37.05 -6.16 18.98
N LYS A 673 36.51 -5.03 18.52
CA LYS A 673 37.17 -3.74 18.65
C LYS A 673 36.66 -2.98 19.87
N PRO A 674 37.48 -2.06 20.40
CA PRO A 674 37.12 -1.25 21.58
C PRO A 674 35.88 -0.40 21.34
N PHE A 675 35.00 -0.35 22.34
CA PHE A 675 33.80 0.49 22.29
C PHE A 675 32.83 0.10 21.18
N ASN A 676 33.01 -1.09 20.61
CA ASN A 676 32.10 -1.59 19.57
C ASN A 676 31.31 -2.80 20.05
N PRO A 677 30.03 -2.60 20.37
CA PRO A 677 29.15 -3.63 20.94
C PRO A 677 28.76 -4.72 19.95
N THR A 678 29.07 -4.51 18.67
CA THR A 678 28.70 -5.48 17.64
C THR A 678 29.74 -6.60 17.53
N LEU A 679 29.51 -7.68 18.26
CA LEU A 679 30.42 -8.83 18.24
C LEU A 679 30.31 -9.61 16.93
N PRO A 680 31.44 -9.86 16.27
CA PRO A 680 31.48 -10.63 15.03
C PRO A 680 30.93 -12.04 15.24
N GLU A 681 30.49 -12.69 14.17
CA GLU A 681 30.01 -14.06 14.28
C GLU A 681 31.16 -15.02 14.56
N GLY A 682 30.90 -16.01 15.40
CA GLY A 682 31.95 -16.92 15.84
C GLY A 682 32.29 -16.63 17.29
N ILE A 683 31.88 -15.46 17.75
CA ILE A 683 32.05 -15.08 19.15
C ILE A 683 30.76 -15.35 19.92
N ARG A 684 30.78 -16.40 20.74
CA ARG A 684 29.58 -16.85 21.44
C ARG A 684 29.96 -17.50 22.76
N PRO A 685 28.98 -17.64 23.67
CA PRO A 685 29.21 -18.39 24.91
C PRO A 685 29.41 -19.86 24.61
N ALA A 686 30.18 -20.55 25.45
CA ALA A 686 30.40 -21.98 25.28
C ALA A 686 29.16 -22.77 25.70
N GLU A 687 28.80 -23.76 24.89
CA GLU A 687 27.66 -24.62 25.21
C GLU A 687 28.10 -25.89 25.93
N GLU A 688 27.16 -26.82 26.10
CA GLU A 688 27.42 -28.05 26.83
C GLU A 688 28.55 -28.88 26.22
N GLY A 689 29.62 -29.07 27.00
CA GLY A 689 30.72 -29.92 26.58
C GLY A 689 31.84 -29.19 25.86
N GLU A 690 31.83 -27.86 25.95
CA GLU A 690 32.88 -27.05 25.32
C GLU A 690 33.72 -26.33 26.37
N LYS A 691 35.00 -26.16 26.06
CA LYS A 691 35.90 -25.44 26.97
C LYS A 691 35.62 -23.95 26.95
N SER A 692 35.96 -23.27 28.04
CA SER A 692 35.71 -21.84 28.16
C SER A 692 37.00 -21.06 28.42
N ILE A 693 36.95 -19.76 28.19
CA ILE A 693 38.07 -18.88 28.45
C ILE A 693 37.59 -17.55 29.01
N CYS A 694 38.54 -16.70 29.42
CA CYS A 694 38.21 -15.38 29.93
C CYS A 694 38.41 -14.33 28.85
N ALA A 695 37.54 -13.33 28.83
CA ALA A 695 37.61 -12.28 27.83
C ALA A 695 36.86 -11.03 28.27
N VAL A 696 37.33 -9.88 27.81
CA VAL A 696 36.64 -8.62 28.03
C VAL A 696 35.83 -8.28 26.79
N ILE A 697 34.53 -8.10 26.94
CA ILE A 697 33.66 -7.79 25.80
C ILE A 697 32.88 -6.50 26.02
N PRO A 698 32.76 -5.68 24.96
CA PRO A 698 32.01 -4.43 24.97
C PRO A 698 30.51 -4.70 24.86
N ILE A 699 29.71 -4.14 25.76
CA ILE A 699 28.27 -4.31 25.70
C ILE A 699 27.54 -2.99 25.97
N THR A 700 26.24 -2.97 25.68
CA THR A 700 25.40 -1.85 26.04
C THR A 700 24.62 -2.21 27.30
N LEU A 701 23.79 -1.28 27.77
CA LEU A 701 23.02 -1.51 28.98
C LEU A 701 21.83 -2.44 28.71
N ASP A 702 21.57 -2.71 27.44
CA ASP A 702 20.53 -3.65 27.06
C ASP A 702 20.94 -5.08 27.39
N SER A 703 22.24 -5.35 27.32
CA SER A 703 22.75 -6.70 27.50
C SER A 703 22.91 -7.09 28.97
N ILE A 704 22.58 -6.17 29.88
CA ILE A 704 22.61 -6.46 31.31
C ILE A 704 21.27 -7.02 31.78
N LYS A 705 21.22 -8.32 32.05
CA LYS A 705 19.98 -8.96 32.46
C LYS A 705 19.64 -8.62 33.90
N SER A 706 20.67 -8.50 34.74
CA SER A 706 20.47 -8.16 36.15
C SER A 706 21.77 -7.69 36.81
N ILE A 707 21.62 -6.92 37.88
CA ILE A 707 22.77 -6.41 38.61
C ILE A 707 22.84 -7.05 40.00
N GLY A 708 24.03 -7.55 40.35
CA GLY A 708 24.21 -8.25 41.62
C GLY A 708 24.63 -7.34 42.75
N ASN A 709 24.39 -7.79 43.98
CA ASN A 709 24.72 -7.02 45.17
C ASN A 709 26.10 -7.36 45.72
N LEU A 710 27.04 -7.58 44.81
CA LEU A 710 28.42 -7.90 45.19
C LEU A 710 29.42 -7.22 44.28
N ARG A 711 30.65 -7.09 44.77
CA ARG A 711 31.76 -6.56 43.99
C ARG A 711 33.03 -7.33 44.33
N LEU A 712 33.63 -7.97 43.33
CA LEU A 712 34.91 -8.64 43.54
C LEU A 712 36.06 -7.74 43.08
N TYR A 713 37.29 -8.13 43.39
CA TYR A 713 38.44 -7.30 43.08
C TYR A 713 38.72 -7.21 41.58
N MET A 714 38.76 -5.98 41.08
CA MET A 714 39.07 -5.73 39.68
C MET A 714 40.45 -5.10 39.53
N PRO A 715 41.39 -5.87 38.98
CA PRO A 715 42.75 -5.37 38.73
C PRO A 715 42.72 -4.08 37.92
N LYS A 716 43.36 -3.04 38.45
CA LYS A 716 43.50 -1.80 37.70
C LYS A 716 44.42 -2.06 36.51
N ASP A 717 45.17 -3.15 36.60
CA ASP A 717 46.12 -3.54 35.57
C ASP A 717 45.43 -4.15 34.35
N ILE A 718 44.51 -3.41 33.76
CA ILE A 718 43.95 -3.72 32.45
C ILE A 718 43.70 -5.21 32.21
N ARG A 719 44.08 -5.63 31.00
CA ARG A 719 44.12 -7.01 30.58
C ARG A 719 45.57 -7.28 30.20
N ALA A 720 46.36 -7.79 31.15
CA ALA A 720 47.80 -7.88 30.93
C ALA A 720 48.43 -9.19 31.40
N SER A 721 48.64 -10.11 30.46
CA SER A 721 49.39 -11.33 30.72
C SER A 721 48.91 -12.05 31.98
N GLY A 722 47.62 -12.38 32.02
CA GLY A 722 47.08 -13.21 33.09
C GLY A 722 46.32 -12.50 34.19
N GLN A 723 45.96 -11.24 33.97
CA GLN A 723 45.22 -10.48 34.97
C GLN A 723 43.76 -10.88 35.03
N LYS A 724 43.10 -10.91 33.87
CA LYS A 724 41.66 -11.19 33.81
C LYS A 724 41.34 -12.65 34.14
N GLU A 725 42.33 -13.52 33.99
CA GLU A 725 42.14 -14.93 34.31
C GLU A 725 41.96 -15.11 35.82
N THR A 726 42.48 -14.15 36.58
CA THR A 726 42.33 -14.18 38.03
C THR A 726 40.95 -13.69 38.44
N VAL A 727 40.33 -12.89 37.58
CA VAL A 727 38.96 -12.44 37.80
C VAL A 727 38.01 -13.60 37.52
N GLY A 728 38.34 -14.39 36.51
CA GLY A 728 37.58 -15.60 36.21
C GLY A 728 37.64 -16.53 37.41
N LYS A 729 38.77 -16.53 38.09
CA LYS A 729 38.94 -17.29 39.33
C LYS A 729 37.95 -16.80 40.38
N SER A 730 37.95 -15.49 40.61
CA SER A 730 37.03 -14.88 41.56
C SER A 730 35.59 -15.13 41.15
N LEU A 731 35.35 -15.18 39.84
CA LEU A 731 34.03 -15.50 39.32
C LEU A 731 33.62 -16.91 39.72
N ARG A 732 34.52 -17.86 39.51
CA ARG A 732 34.27 -19.25 39.88
C ARG A 732 34.01 -19.38 41.38
N GLU A 733 34.76 -18.63 42.18
CA GLU A 733 34.62 -18.69 43.63
C GLU A 733 33.28 -18.13 44.10
N VAL A 734 32.85 -17.02 43.50
CA VAL A 734 31.59 -16.39 43.87
C VAL A 734 30.40 -17.31 43.60
N ASN A 735 30.40 -17.98 42.45
CA ASN A 735 29.37 -18.95 42.13
C ASN A 735 29.37 -20.12 43.10
N ARG A 736 30.48 -20.28 43.82
CA ARG A 736 30.59 -21.32 44.83
C ARG A 736 30.15 -20.81 46.19
N ARG A 737 30.38 -19.53 46.45
CA ARG A 737 29.95 -18.90 47.70
C ARG A 737 28.43 -18.79 47.74
N PHE A 738 27.83 -18.58 46.56
CA PHE A 738 26.38 -18.51 46.45
C PHE A 738 25.86 -19.56 45.47
N PRO A 739 25.87 -20.83 45.90
CA PRO A 739 25.48 -21.97 45.06
C PRO A 739 24.04 -21.87 44.55
N ASP A 740 23.12 -21.50 45.43
CA ASP A 740 21.71 -21.38 45.06
C ASP A 740 21.51 -20.34 43.95
N GLY A 741 22.09 -19.15 44.17
CA GLY A 741 22.00 -18.08 43.19
C GLY A 741 22.76 -16.84 43.64
N ILE A 742 22.94 -15.89 42.72
CA ILE A 742 23.63 -14.65 43.01
C ILE A 742 22.64 -13.56 43.45
N PRO A 743 22.94 -12.89 44.58
CA PRO A 743 22.08 -11.84 45.13
C PRO A 743 21.87 -10.68 44.15
N VAL A 744 20.61 -10.36 43.86
CA VAL A 744 20.26 -9.24 43.00
C VAL A 744 19.95 -8.00 43.84
N LEU A 745 20.48 -6.86 43.43
CA LEU A 745 20.16 -5.59 44.07
C LEU A 745 18.65 -5.35 44.04
N ASP A 746 18.07 -5.02 45.18
CA ASP A 746 16.66 -4.67 45.21
C ASP A 746 16.49 -3.28 44.61
N PRO A 747 15.68 -3.19 43.53
CA PRO A 747 15.44 -1.91 42.86
C PRO A 747 15.01 -0.82 43.84
N VAL A 748 14.17 -1.18 44.80
CA VAL A 748 13.61 -0.21 45.73
C VAL A 748 14.46 0.01 46.98
N LYS A 749 14.91 -1.08 47.61
CA LYS A 749 15.62 -0.97 48.88
C LYS A 749 17.11 -0.68 48.74
N ASN A 750 17.67 -0.94 47.56
CA ASN A 750 19.10 -0.70 47.32
C ASN A 750 19.36 0.43 46.34
N MET A 751 18.68 0.39 45.20
CA MET A 751 18.87 1.38 44.15
C MET A 751 18.01 2.63 44.39
N LYS A 752 17.03 2.49 45.27
CA LYS A 752 16.17 3.61 45.64
C LYS A 752 15.34 4.13 44.47
N ILE A 753 14.82 3.21 43.66
CA ILE A 753 13.91 3.57 42.57
C ILE A 753 12.48 3.54 43.09
N GLU A 754 11.89 4.72 43.28
CA GLU A 754 10.60 4.79 43.95
C GLU A 754 9.58 5.69 43.25
N ASP A 755 9.77 5.93 41.96
CA ASP A 755 8.81 6.68 41.16
C ASP A 755 7.41 6.10 41.34
N GLU A 756 6.41 6.97 41.36
CA GLU A 756 5.03 6.53 41.53
C GLU A 756 4.66 5.48 40.50
N ASP A 757 5.14 5.66 39.27
CA ASP A 757 4.83 4.75 38.17
C ASP A 757 5.56 3.41 38.31
N PHE A 758 6.76 3.45 38.87
CA PHE A 758 7.56 2.23 39.04
C PHE A 758 7.01 1.34 40.16
N LEU A 759 6.48 1.97 41.20
CA LEU A 759 5.90 1.23 42.32
C LEU A 759 4.54 0.63 41.93
N LYS A 760 3.79 1.36 41.12
CA LYS A 760 2.55 0.83 40.58
C LYS A 760 2.85 -0.43 39.78
N LEU A 761 3.98 -0.41 39.08
CA LEU A 761 4.43 -1.54 38.28
C LEU A 761 4.86 -2.71 39.16
N MET A 762 5.66 -2.42 40.18
CA MET A 762 6.17 -3.46 41.08
C MET A 762 5.06 -4.12 41.88
N LYS A 763 3.87 -3.51 41.89
CA LYS A 763 2.74 -4.05 42.64
C LYS A 763 1.77 -4.82 41.74
N LYS A 764 1.82 -4.54 40.44
CA LYS A 764 1.05 -5.32 39.48
C LYS A 764 1.62 -6.73 39.41
N ILE A 765 2.92 -6.82 39.64
CA ILE A 765 3.62 -8.11 39.62
C ILE A 765 3.24 -8.98 40.81
N ASP A 766 3.30 -8.39 42.01
CA ASP A 766 2.92 -9.10 43.22
C ASP A 766 1.47 -9.55 43.17
N VAL A 767 0.59 -8.67 42.71
CA VAL A 767 -0.82 -9.00 42.56
C VAL A 767 -0.99 -10.27 41.72
N LEU A 768 -0.07 -10.50 40.79
CA LEU A 768 -0.09 -11.70 39.96
C LEU A 768 0.63 -12.84 40.66
N ASN A 769 1.82 -12.55 41.18
CA ASN A 769 2.62 -13.56 41.87
C ASN A 769 1.83 -14.33 42.93
N THR A 770 0.77 -13.70 43.44
CA THR A 770 -0.11 -14.36 44.40
C THR A 770 -1.25 -15.06 43.66
N LYS A 771 -1.88 -14.34 42.75
CA LYS A 771 -2.96 -14.88 41.93
C LYS A 771 -2.53 -16.20 41.29
N LEU A 772 -1.25 -16.29 40.97
CA LEU A 772 -0.69 -17.51 40.39
C LEU A 772 -0.59 -18.60 41.45
N SER A 773 -0.05 -18.25 42.60
CA SER A 773 0.16 -19.21 43.69
C SER A 773 -1.14 -19.48 44.46
N SER A 774 -2.27 -19.32 43.79
CA SER A 774 -3.56 -19.71 44.33
C SER A 774 -4.28 -20.56 43.30
N ASN A 775 -3.60 -20.84 42.21
CA ASN A 775 -4.11 -21.71 41.16
C ASN A 775 -3.87 -23.17 41.53
N PRO A 776 -4.82 -24.05 41.18
CA PRO A 776 -4.69 -25.47 41.51
C PRO A 776 -3.53 -26.12 40.75
N LEU A 777 -2.99 -25.42 39.76
CA LEU A 777 -1.96 -25.97 38.89
C LEU A 777 -0.54 -25.75 39.40
N THR A 778 -0.34 -24.70 40.19
CA THR A 778 0.98 -24.41 40.74
C THR A 778 1.45 -25.54 41.65
N ASN A 779 0.57 -25.98 42.54
CA ASN A 779 0.88 -27.06 43.46
C ASN A 779 0.66 -28.44 42.85
N SER A 780 -0.19 -28.49 41.83
CA SER A 780 -0.52 -29.75 41.17
C SER A 780 0.71 -30.41 40.53
N MET A 781 0.61 -31.71 40.30
CA MET A 781 1.65 -32.46 39.61
C MET A 781 1.40 -32.39 38.11
N ARG A 782 2.33 -32.94 37.32
CA ARG A 782 2.20 -32.95 35.87
C ARG A 782 2.05 -31.54 35.28
N LEU A 783 2.46 -30.54 36.04
CA LEU A 783 2.38 -29.15 35.59
C LEU A 783 3.38 -28.88 34.48
N GLU A 784 4.60 -29.36 34.67
CA GLU A 784 5.67 -29.15 33.69
C GLU A 784 5.39 -29.91 32.40
N GLU A 785 4.30 -30.68 32.41
CA GLU A 785 3.89 -31.44 31.24
C GLU A 785 2.67 -30.78 30.58
N LEU A 786 1.74 -30.31 31.41
CA LEU A 786 0.54 -29.65 30.91
C LEU A 786 0.86 -28.25 30.40
N TYR A 787 1.94 -27.67 30.90
CA TYR A 787 2.38 -26.36 30.44
C TYR A 787 3.06 -26.48 29.09
N GLY A 788 3.95 -27.47 28.98
CA GLY A 788 4.65 -27.73 27.74
C GLY A 788 3.68 -28.06 26.61
N LYS A 789 2.73 -28.93 26.89
CA LYS A 789 1.72 -29.30 25.90
C LYS A 789 0.94 -28.09 25.40
N TYR A 790 0.51 -27.25 26.30
CA TYR A 790 -0.19 -26.05 25.93
C TYR A 790 0.66 -25.00 25.27
N SER A 791 1.86 -24.80 25.74
CA SER A 791 2.69 -23.78 25.17
C SER A 791 2.95 -24.11 23.72
N ARG A 792 3.14 -25.39 23.43
CA ARG A 792 3.41 -25.76 22.07
C ARG A 792 2.24 -25.44 21.20
N LYS A 793 1.04 -25.68 21.67
CA LYS A 793 -0.16 -25.37 20.92
C LYS A 793 -0.29 -23.89 20.69
N HIS A 794 0.07 -23.11 21.68
CA HIS A 794 0.01 -21.67 21.56
C HIS A 794 0.94 -21.22 20.49
N ASP A 795 2.09 -21.85 20.46
CA ASP A 795 3.06 -21.57 19.44
C ASP A 795 2.55 -21.93 18.08
N LEU A 796 1.91 -23.06 17.94
CA LEU A 796 1.40 -23.41 16.65
C LEU A 796 0.39 -22.40 16.23
N HIS A 797 -0.39 -21.94 17.18
CA HIS A 797 -1.41 -21.00 16.84
C HIS A 797 -0.84 -19.73 16.32
N GLU A 798 0.18 -19.23 16.97
CA GLU A 798 0.74 -18.00 16.52
C GLU A 798 1.32 -18.22 15.16
N ASP A 799 1.98 -19.33 14.94
CA ASP A 799 2.61 -19.50 13.67
C ASP A 799 1.58 -19.48 12.60
N MET A 800 0.46 -20.13 12.85
CA MET A 800 -0.56 -20.20 11.84
C MET A 800 -1.15 -18.85 11.50
N LYS A 801 -1.30 -17.99 12.49
CA LYS A 801 -1.83 -16.64 12.31
C LYS A 801 -0.92 -15.81 11.41
N GLN A 802 0.34 -15.69 11.81
CA GLN A 802 1.31 -14.89 11.08
C GLN A 802 1.42 -15.36 9.63
N LEU A 803 1.39 -16.67 9.44
CA LEU A 803 1.44 -17.26 8.11
C LEU A 803 0.17 -16.90 7.34
N LYS A 804 -0.95 -16.87 8.05
CA LYS A 804 -2.23 -16.54 7.44
C LYS A 804 -2.23 -15.12 6.87
N ARG A 805 -1.55 -14.21 7.56
CA ARG A 805 -1.39 -12.85 7.06
C ARG A 805 -0.55 -12.85 5.80
N LYS A 806 0.57 -13.56 5.86
CA LYS A 806 1.51 -13.66 4.75
C LYS A 806 0.79 -13.98 3.43
N ILE A 807 0.01 -15.06 3.46
CA ILE A 807 -0.72 -15.50 2.26
C ILE A 807 -1.81 -14.51 1.87
N SER A 808 -2.36 -13.82 2.87
CA SER A 808 -3.36 -12.79 2.62
C SER A 808 -2.75 -11.64 1.85
N GLU A 809 -1.67 -11.09 2.39
CA GLU A 809 -0.97 -9.96 1.77
C GLU A 809 -0.41 -10.33 0.40
N SER A 810 -0.12 -11.60 0.21
CA SER A 810 0.48 -12.08 -1.04
C SER A 810 -0.54 -12.26 -2.16
N GLN A 811 -1.80 -12.01 -1.85
CA GLN A 811 -2.88 -12.19 -2.82
C GLN A 811 -2.90 -11.03 -3.82
N ALA A 812 -2.53 -9.84 -3.36
CA ALA A 812 -2.57 -8.64 -4.20
C ALA A 812 -1.28 -8.47 -5.00
N VAL A 813 -1.39 -7.77 -6.13
CA VAL A 813 -0.22 -7.47 -6.95
C VAL A 813 0.78 -6.65 -6.14
N ILE A 814 2.06 -7.02 -6.25
CA ILE A 814 3.10 -6.48 -5.37
C ILE A 814 3.35 -4.99 -5.51
N GLN A 815 3.61 -4.34 -4.38
CA GLN A 815 4.06 -2.96 -4.33
C GLN A 815 3.08 -1.94 -4.92
N LEU A 816 1.79 -2.25 -4.82
CA LEU A 816 0.76 -1.30 -5.24
C LEU A 816 0.70 -0.11 -4.29
N ASP A 817 0.89 -0.39 -3.00
CA ASP A 817 0.88 0.66 -1.99
C ASP A 817 1.97 1.70 -2.26
N ASP A 818 3.13 1.24 -2.70
CA ASP A 818 4.24 2.14 -3.00
C ASP A 818 3.98 2.93 -4.27
N LEU A 819 3.39 2.27 -5.27
CA LEU A 819 3.05 2.93 -6.52
C LEU A 819 2.10 4.09 -6.27
N ARG A 820 1.13 3.87 -5.39
CA ARG A 820 0.16 4.89 -5.05
C ARG A 820 0.83 6.12 -4.45
N ARG A 821 1.78 5.89 -3.55
CA ARG A 821 2.47 6.99 -2.87
C ARG A 821 3.37 7.78 -3.81
N ARG A 822 4.05 7.09 -4.71
CA ARG A 822 4.95 7.74 -5.66
C ARG A 822 4.16 8.54 -6.70
N LYS A 823 2.95 8.09 -6.99
CA LYS A 823 2.06 8.83 -7.88
C LYS A 823 1.65 10.15 -7.26
N ARG A 824 1.50 10.17 -5.93
CA ARG A 824 1.18 11.41 -5.24
C ARG A 824 2.31 12.42 -5.41
N VAL A 825 3.53 11.98 -5.16
CA VAL A 825 4.70 12.84 -5.31
C VAL A 825 4.76 13.44 -6.71
N LEU A 826 4.57 12.58 -7.72
CA LEU A 826 4.60 13.03 -9.11
C LEU A 826 3.48 14.01 -9.43
N ARG A 827 2.26 13.67 -9.02
CA ARG A 827 1.12 14.55 -9.23
C ARG A 827 1.28 15.88 -8.50
N ARG A 828 1.83 15.80 -7.29
CA ARG A 828 1.98 16.97 -6.44
C ARG A 828 3.02 17.94 -6.99
N LEU A 829 4.07 17.41 -7.59
CA LEU A 829 5.14 18.22 -8.16
C LEU A 829 4.81 18.71 -9.57
N GLY A 830 3.70 18.22 -10.11
CA GLY A 830 3.24 18.66 -11.42
C GLY A 830 3.89 17.94 -12.59
N PHE A 831 4.46 16.76 -12.31
CA PHE A 831 5.08 15.97 -13.36
C PHE A 831 4.02 15.24 -14.19
N CYS A 832 2.81 15.14 -13.64
CA CYS A 832 1.70 14.54 -14.37
C CYS A 832 0.37 15.01 -13.77
N THR A 833 -0.71 14.78 -14.51
CA THR A 833 -2.05 15.17 -14.06
C THR A 833 -2.60 14.14 -13.09
N PRO A 834 -3.61 14.52 -12.29
CA PRO A 834 -4.27 13.60 -11.38
C PRO A 834 -4.88 12.39 -12.10
N ASN A 835 -4.95 12.47 -13.43
CA ASN A 835 -5.44 11.35 -14.24
C ASN A 835 -4.28 10.53 -14.78
N ASP A 836 -3.07 10.85 -14.35
CA ASP A 836 -1.86 10.14 -14.75
C ASP A 836 -1.54 10.33 -16.23
N ILE A 837 -1.77 11.54 -16.73
CA ILE A 837 -1.32 11.92 -18.07
C ILE A 837 -0.09 12.79 -17.92
N ILE A 838 0.97 12.46 -18.64
CA ILE A 838 2.27 13.10 -18.41
C ILE A 838 2.30 14.57 -18.84
N GLU A 839 2.79 15.42 -17.93
CA GLU A 839 2.97 16.84 -18.21
C GLU A 839 4.37 17.08 -18.78
N LEU A 840 4.65 18.31 -19.18
CA LEU A 840 5.94 18.65 -19.76
C LEU A 840 7.10 18.32 -18.83
N LYS A 841 6.95 18.67 -17.56
CA LYS A 841 7.95 18.33 -16.55
C LYS A 841 8.29 16.85 -16.61
N GLY A 842 7.27 16.02 -16.74
CA GLY A 842 7.45 14.58 -16.80
C GLY A 842 8.20 14.12 -18.03
N ARG A 843 7.84 14.67 -19.18
CA ARG A 843 8.52 14.34 -20.43
C ARG A 843 10.01 14.64 -20.34
N VAL A 844 10.34 15.75 -19.68
CA VAL A 844 11.73 16.11 -19.45
C VAL A 844 12.40 15.10 -18.54
N ALA A 845 11.75 14.82 -17.41
CA ALA A 845 12.29 13.89 -16.42
C ALA A 845 12.60 12.52 -17.01
N CYS A 846 11.77 12.06 -17.95
CA CYS A 846 11.98 10.78 -18.60
C CYS A 846 13.34 10.74 -19.30
N GLU A 847 13.75 11.87 -19.87
CA GLU A 847 14.98 11.94 -20.64
C GLU A 847 16.21 12.04 -19.75
N ILE A 848 16.00 12.21 -18.45
CA ILE A 848 17.10 12.32 -17.50
C ILE A 848 17.31 10.99 -16.77
N SER A 849 18.50 10.40 -16.95
CA SER A 849 18.76 9.07 -16.42
C SER A 849 20.01 9.00 -15.55
N SER A 850 20.95 9.91 -15.79
CA SER A 850 22.24 9.86 -15.11
C SER A 850 22.23 10.54 -13.73
N GLY A 851 21.13 11.22 -13.41
CA GLY A 851 21.02 11.90 -12.14
C GLY A 851 19.60 11.85 -11.59
N ASP A 852 19.40 12.40 -10.40
CA ASP A 852 18.08 12.45 -9.79
C ASP A 852 17.12 13.24 -10.67
N GLU A 853 16.19 12.53 -11.31
CA GLU A 853 15.31 13.13 -12.30
C GLU A 853 14.33 14.16 -11.73
N LEU A 854 13.94 13.99 -10.47
CA LEU A 854 13.00 14.92 -9.85
C LEU A 854 13.65 16.26 -9.52
N LEU A 855 14.79 16.21 -8.82
CA LEU A 855 15.50 17.43 -8.44
C LEU A 855 15.97 18.21 -9.65
N LEU A 856 16.60 17.51 -10.60
CA LEU A 856 17.14 18.16 -11.79
C LEU A 856 16.06 18.85 -12.63
N THR A 857 14.90 18.21 -12.76
CA THR A 857 13.80 18.81 -13.49
C THR A 857 13.32 20.08 -12.79
N GLU A 858 13.27 20.04 -11.47
CA GLU A 858 12.85 21.19 -10.68
C GLU A 858 13.83 22.35 -10.79
N LEU A 859 15.13 22.04 -10.69
CA LEU A 859 16.17 23.05 -10.84
C LEU A 859 16.04 23.76 -12.18
N ILE A 860 15.83 22.96 -13.23
CA ILE A 860 15.73 23.48 -14.59
C ILE A 860 14.50 24.39 -14.77
N PHE A 861 13.39 23.99 -14.17
CA PHE A 861 12.15 24.74 -14.33
C PHE A 861 12.05 25.96 -13.42
N ASN A 862 12.76 25.92 -12.29
CA ASN A 862 12.80 27.08 -11.40
C ASN A 862 13.83 28.10 -11.88
N GLY A 863 14.60 27.71 -12.90
CA GLY A 863 15.55 28.60 -13.54
C GLY A 863 16.85 28.80 -12.80
N ASN A 864 17.22 27.84 -11.95
CA ASN A 864 18.43 27.96 -11.14
C ASN A 864 19.72 28.01 -11.95
N PHE A 865 19.62 27.75 -13.26
CA PHE A 865 20.79 27.74 -14.13
C PHE A 865 20.95 29.02 -14.94
N ASN A 866 19.93 29.87 -14.92
CA ASN A 866 19.90 31.06 -15.77
C ASN A 866 21.04 32.05 -15.56
N GLU A 867 21.41 32.29 -14.31
CA GLU A 867 22.43 33.29 -14.02
C GLU A 867 23.77 32.67 -13.61
N LEU A 868 24.02 31.44 -14.06
CA LEU A 868 25.25 30.75 -13.75
C LEU A 868 26.19 30.66 -14.93
N LYS A 869 27.46 30.98 -14.72
CA LYS A 869 28.47 30.79 -15.75
C LYS A 869 28.70 29.29 -15.93
N PRO A 870 29.13 28.87 -17.12
CA PRO A 870 29.36 27.45 -17.40
C PRO A 870 30.16 26.74 -16.31
N GLU A 871 31.24 27.34 -15.85
CA GLU A 871 32.05 26.75 -14.80
C GLU A 871 31.25 26.55 -13.51
N GLN A 872 30.30 27.45 -13.26
CA GLN A 872 29.42 27.33 -12.12
C GLN A 872 28.43 26.19 -12.32
N ALA A 873 27.88 26.11 -13.53
CA ALA A 873 26.92 25.07 -13.86
C ALA A 873 27.54 23.68 -13.69
N ALA A 874 28.79 23.57 -14.12
CA ALA A 874 29.52 22.30 -14.01
C ALA A 874 29.71 21.92 -12.53
N ALA A 875 30.12 22.89 -11.73
CA ALA A 875 30.37 22.66 -10.32
C ALA A 875 29.11 22.21 -9.57
N LEU A 876 27.97 22.77 -9.95
CA LEU A 876 26.71 22.40 -9.32
C LEU A 876 26.31 20.98 -9.70
N LEU A 877 26.41 20.66 -10.99
CA LEU A 877 26.00 19.36 -11.50
C LEU A 877 26.84 18.20 -10.97
N SER A 878 28.03 18.51 -10.47
CA SER A 878 28.90 17.49 -9.91
C SER A 878 28.23 16.86 -8.69
N CYS A 879 27.25 17.55 -8.14
CA CYS A 879 26.50 17.06 -6.99
C CYS A 879 25.59 15.90 -7.39
N PHE A 880 25.35 15.77 -8.69
CA PHE A 880 24.46 14.74 -9.20
C PHE A 880 25.24 13.58 -9.81
N ALA A 881 26.53 13.80 -10.05
CA ALA A 881 27.37 12.80 -10.70
C ALA A 881 28.29 12.09 -9.72
N PHE A 882 28.28 12.55 -8.47
CA PHE A 882 29.18 12.02 -7.46
C PHE A 882 28.42 11.33 -6.34
N GLN A 883 28.91 10.18 -5.91
CA GLN A 883 28.20 9.37 -4.90
C GLN A 883 29.04 9.08 -3.66
N GLU A 884 30.28 8.65 -3.88
CA GLU A 884 31.17 8.31 -2.77
C GLU A 884 31.36 9.47 -1.81
N ARG A 885 31.54 9.17 -0.53
CA ARG A 885 31.80 10.19 0.48
C ARG A 885 33.29 10.24 0.79
N CYS A 886 33.74 11.38 1.32
CA CYS A 886 35.16 11.56 1.59
C CYS A 886 35.44 12.65 2.62
N LYS A 887 36.72 12.98 2.78
CA LYS A 887 37.13 14.02 3.73
C LYS A 887 36.46 15.34 3.40
N GLU A 888 35.87 15.97 4.42
CA GLU A 888 35.16 17.23 4.23
C GLU A 888 36.05 18.27 3.56
N ALA A 889 35.55 18.83 2.46
CA ALA A 889 36.31 19.81 1.69
C ALA A 889 36.24 21.20 2.31
N PRO A 890 37.28 22.01 2.10
CA PRO A 890 37.32 23.40 2.59
C PRO A 890 36.06 24.18 2.20
N ARG A 891 35.71 25.16 3.02
CA ARG A 891 34.50 25.95 2.79
C ARG A 891 34.46 26.54 1.38
N LEU A 892 33.28 26.52 0.76
CA LEU A 892 33.11 27.03 -0.59
C LEU A 892 33.01 28.55 -0.59
N LYS A 893 33.69 29.18 -1.55
CA LYS A 893 33.57 30.62 -1.75
C LYS A 893 32.17 30.94 -2.27
N PRO A 894 31.78 32.23 -2.23
CA PRO A 894 30.42 32.65 -2.60
C PRO A 894 29.91 32.11 -3.94
N GLU A 895 30.71 32.22 -5.00
CA GLU A 895 30.23 31.88 -6.34
C GLU A 895 29.82 30.41 -6.48
N LEU A 896 30.25 29.58 -5.54
CA LEU A 896 29.88 28.16 -5.57
C LEU A 896 28.93 27.79 -4.44
N ALA A 897 29.16 28.35 -3.26
CA ALA A 897 28.36 28.03 -2.09
C ALA A 897 26.93 28.54 -2.20
N GLU A 898 26.73 29.58 -3.01
CA GLU A 898 25.40 30.16 -3.18
C GLU A 898 24.46 29.23 -3.97
N PRO A 899 24.87 28.85 -5.20
CA PRO A 899 24.01 27.97 -6.00
C PRO A 899 23.73 26.66 -5.28
N LEU A 900 24.69 26.21 -4.50
CA LEU A 900 24.53 24.99 -3.70
C LEU A 900 23.34 25.13 -2.75
N LYS A 901 23.35 26.19 -1.96
CA LYS A 901 22.31 26.43 -0.97
C LYS A 901 20.94 26.59 -1.61
N ALA A 902 20.92 27.16 -2.82
CA ALA A 902 19.66 27.40 -3.53
C ALA A 902 19.06 26.10 -4.07
N MET A 903 19.89 25.07 -4.19
CA MET A 903 19.43 23.78 -4.71
C MET A 903 19.07 22.85 -3.56
N ARG A 904 19.66 23.09 -2.39
CA ARG A 904 19.33 22.32 -1.20
C ARG A 904 17.95 22.73 -0.70
N GLU A 905 17.55 23.95 -1.03
CA GLU A 905 16.21 24.43 -0.69
C GLU A 905 15.17 23.65 -1.48
N ILE A 906 15.40 23.53 -2.78
CA ILE A 906 14.51 22.76 -3.66
C ILE A 906 14.53 21.29 -3.26
N ALA A 907 15.70 20.81 -2.84
CA ALA A 907 15.85 19.43 -2.40
C ALA A 907 14.97 19.13 -1.19
N ALA A 908 15.01 20.03 -0.20
CA ALA A 908 14.21 19.87 1.01
C ALA A 908 12.72 19.94 0.69
N LYS A 909 12.36 20.80 -0.25
CA LYS A 909 10.97 20.96 -0.66
C LYS A 909 10.42 19.66 -1.24
N ILE A 910 11.29 18.88 -1.87
CA ILE A 910 10.91 17.61 -2.46
C ILE A 910 10.89 16.49 -1.42
N ALA A 911 11.86 16.54 -0.50
CA ALA A 911 11.94 15.56 0.56
C ALA A 911 10.73 15.63 1.48
N LYS A 912 10.29 16.85 1.78
CA LYS A 912 9.11 17.05 2.60
C LYS A 912 7.89 16.43 1.93
N ILE A 913 7.74 16.69 0.63
CA ILE A 913 6.63 16.13 -0.14
C ILE A 913 6.70 14.60 -0.16
N MET A 914 7.91 14.07 -0.28
CA MET A 914 8.11 12.63 -0.22
C MET A 914 7.73 12.09 1.15
N LYS A 915 7.93 12.91 2.18
CA LYS A 915 7.61 12.53 3.55
C LYS A 915 6.10 12.58 3.79
N ASP A 916 5.47 13.65 3.33
CA ASP A 916 4.03 13.80 3.44
C ASP A 916 3.30 12.62 2.81
N SER A 917 3.86 12.12 1.70
CA SER A 917 3.26 11.01 0.98
C SER A 917 3.48 9.69 1.71
N LYS A 918 4.10 9.76 2.88
CA LYS A 918 4.38 8.59 3.70
C LYS A 918 5.36 7.62 3.05
N ILE A 919 6.35 8.16 2.35
CA ILE A 919 7.46 7.36 1.84
C ILE A 919 8.56 7.30 2.89
N GLU A 920 9.13 6.11 3.08
CA GLU A 920 10.18 5.94 4.07
C GLU A 920 11.44 6.69 3.67
N VAL A 921 11.55 7.94 4.11
CA VAL A 921 12.68 8.79 3.74
C VAL A 921 13.09 9.74 4.86
N VAL A 922 14.39 9.82 5.11
CA VAL A 922 14.95 10.80 6.03
C VAL A 922 15.23 12.09 5.28
N GLU A 923 14.40 13.10 5.53
CA GLU A 923 14.45 14.36 4.79
C GLU A 923 15.86 14.96 4.70
N LYS A 924 16.53 15.09 5.83
CA LYS A 924 17.88 15.64 5.85
C LYS A 924 18.85 14.79 5.03
N ASP A 925 18.80 13.48 5.25
CA ASP A 925 19.67 12.55 4.53
C ASP A 925 19.52 12.67 3.02
N TYR A 926 18.29 12.85 2.56
CA TYR A 926 18.03 13.02 1.13
C TYR A 926 18.73 14.27 0.61
N VAL A 927 18.64 15.36 1.37
CA VAL A 927 19.28 16.61 1.02
C VAL A 927 20.80 16.42 0.88
N GLU A 928 21.38 15.62 1.78
CA GLU A 928 22.81 15.36 1.74
C GLU A 928 23.19 14.28 0.73
N SER A 929 22.18 13.62 0.16
CA SER A 929 22.41 12.55 -0.81
C SER A 929 23.31 13.05 -1.93
N PHE A 930 23.24 14.35 -2.22
CA PHE A 930 24.01 14.95 -3.29
C PHE A 930 25.29 15.56 -2.76
N ARG A 931 26.42 14.90 -3.04
CA ARG A 931 27.71 15.33 -2.51
C ARG A 931 28.23 16.58 -3.24
N HIS A 932 28.85 17.48 -2.49
CA HIS A 932 29.40 18.70 -3.06
C HIS A 932 30.92 18.76 -2.87
N GLU A 933 31.49 17.67 -2.40
CA GLU A 933 32.92 17.64 -2.06
C GLU A 933 33.83 17.89 -3.26
N LEU A 934 33.28 17.88 -4.47
CA LEU A 934 34.08 18.06 -5.67
C LEU A 934 33.66 19.28 -6.49
N MET A 935 32.88 20.18 -5.88
CA MET A 935 32.43 21.38 -6.59
C MET A 935 33.60 22.29 -6.95
N GLU A 936 34.53 22.45 -6.02
CA GLU A 936 35.70 23.30 -6.23
C GLU A 936 36.68 22.63 -7.20
N VAL A 937 36.67 21.30 -7.22
CA VAL A 937 37.53 20.54 -8.12
C VAL A 937 37.06 20.68 -9.57
N VAL A 938 35.74 20.56 -9.78
CA VAL A 938 35.17 20.69 -11.10
C VAL A 938 35.24 22.13 -11.58
N TYR A 939 35.05 23.07 -10.65
CA TYR A 939 35.12 24.49 -10.94
C TYR A 939 36.47 24.83 -11.59
N GLU A 940 37.55 24.53 -10.87
CA GLU A 940 38.89 24.83 -11.35
C GLU A 940 39.23 24.11 -12.65
N TRP A 941 38.87 22.83 -12.74
CA TRP A 941 39.14 22.05 -13.94
C TRP A 941 38.49 22.68 -15.17
N CYS A 942 37.34 23.31 -14.98
CA CYS A 942 36.65 23.99 -16.07
C CYS A 942 37.30 25.33 -16.38
N ARG A 943 38.22 25.75 -15.52
CA ARG A 943 38.91 27.03 -15.71
C ARG A 943 40.33 26.84 -16.23
N GLY A 944 40.68 25.60 -16.60
CA GLY A 944 41.96 25.32 -17.22
C GLY A 944 42.96 24.59 -16.34
N ALA A 945 42.65 24.45 -15.06
CA ALA A 945 43.55 23.77 -14.13
C ALA A 945 43.94 22.38 -14.63
N THR A 946 45.17 21.99 -14.33
CA THR A 946 45.69 20.69 -14.77
C THR A 946 45.15 19.55 -13.90
N PHE A 947 45.14 18.34 -14.45
CA PHE A 947 44.70 17.17 -13.70
C PHE A 947 45.59 16.96 -12.48
N THR A 948 46.88 17.16 -12.65
CA THR A 948 47.83 17.04 -11.55
C THR A 948 47.51 18.07 -10.47
N GLN A 949 46.92 19.18 -10.87
CA GLN A 949 46.57 20.25 -9.94
C GLN A 949 45.27 19.97 -9.19
N ILE A 950 44.29 19.40 -9.86
CA ILE A 950 43.03 19.06 -9.21
C ILE A 950 43.18 17.81 -8.35
N CYS A 951 44.12 16.94 -8.72
CA CYS A 951 44.41 15.75 -7.94
C CYS A 951 44.99 16.13 -6.58
N LYS A 952 45.57 17.33 -6.50
CA LYS A 952 46.16 17.81 -5.27
C LYS A 952 45.13 18.58 -4.43
N MET A 953 43.93 18.74 -4.97
CA MET A 953 42.85 19.41 -4.26
C MET A 953 42.03 18.43 -3.43
N THR A 954 42.24 17.14 -3.68
CA THR A 954 41.38 16.12 -3.07
C THR A 954 42.13 14.83 -2.75
N ASP A 955 41.53 14.00 -1.90
CA ASP A 955 42.07 12.70 -1.55
C ASP A 955 41.42 11.60 -2.39
N VAL A 956 40.61 12.02 -3.35
CA VAL A 956 39.90 11.07 -4.21
C VAL A 956 40.81 10.53 -5.31
N TYR A 957 40.83 9.21 -5.45
CA TYR A 957 41.67 8.54 -6.44
C TYR A 957 41.48 9.09 -7.85
N GLU A 958 42.56 9.14 -8.61
CA GLU A 958 42.51 9.57 -10.01
C GLU A 958 41.41 8.85 -10.76
N GLY A 959 41.32 7.55 -10.57
CA GLY A 959 40.33 6.72 -11.24
C GLY A 959 38.91 7.16 -10.97
N SER A 960 38.62 7.46 -9.70
CA SER A 960 37.28 7.90 -9.30
C SER A 960 36.93 9.24 -9.93
N LEU A 961 37.92 10.14 -9.97
CA LEU A 961 37.72 11.46 -10.58
C LEU A 961 37.24 11.34 -12.01
N ILE A 962 38.01 10.62 -12.83
CA ILE A 962 37.68 10.48 -14.24
C ILE A 962 36.30 9.88 -14.46
N ARG A 963 35.97 8.83 -13.72
CA ARG A 963 34.67 8.17 -13.85
C ARG A 963 33.52 9.13 -13.58
N MET A 964 33.71 10.05 -12.65
CA MET A 964 32.66 11.00 -12.29
C MET A 964 32.57 12.14 -13.29
N PHE A 965 33.70 12.51 -13.90
CA PHE A 965 33.70 13.49 -14.97
C PHE A 965 32.94 12.94 -16.16
N LYS A 966 33.14 11.65 -16.44
CA LYS A 966 32.47 10.98 -17.55
C LYS A 966 30.97 10.84 -17.32
N ARG A 967 30.58 10.70 -16.05
CA ARG A 967 29.17 10.64 -15.70
C ARG A 967 28.57 12.04 -15.80
N LEU A 968 29.38 13.05 -15.48
CA LEU A 968 28.96 14.44 -15.58
C LEU A 968 28.71 14.81 -17.04
N GLU A 969 29.59 14.37 -17.92
CA GLU A 969 29.42 14.58 -19.35
C GLU A 969 28.10 13.97 -19.81
N GLU A 970 27.86 12.73 -19.38
CA GLU A 970 26.65 12.01 -19.73
C GLU A 970 25.42 12.79 -19.26
N LEU A 971 25.47 13.27 -18.03
CA LEU A 971 24.39 14.07 -17.46
C LEU A 971 24.18 15.34 -18.27
N VAL A 972 25.28 15.98 -18.66
CA VAL A 972 25.23 17.19 -19.46
C VAL A 972 24.63 16.93 -20.83
N LYS A 973 25.02 15.82 -21.44
CA LYS A 973 24.50 15.43 -22.74
C LYS A 973 22.99 15.24 -22.69
N GLU A 974 22.50 14.78 -21.54
CA GLU A 974 21.08 14.61 -21.34
C GLU A 974 20.41 15.96 -21.09
N LEU A 975 21.12 16.85 -20.42
CA LEU A 975 20.62 18.20 -20.14
C LEU A 975 20.71 19.09 -21.38
N VAL A 976 21.12 18.50 -22.50
CA VAL A 976 21.14 19.20 -23.77
C VAL A 976 19.98 18.74 -24.63
N ASP A 977 19.76 17.42 -24.66
CA ASP A 977 18.62 16.85 -25.36
C ASP A 977 17.33 17.35 -24.74
N VAL A 978 17.42 17.81 -23.49
CA VAL A 978 16.27 18.33 -22.76
C VAL A 978 15.94 19.76 -23.19
N ALA A 979 16.94 20.63 -23.16
CA ALA A 979 16.75 22.03 -23.54
C ALA A 979 16.27 22.13 -24.99
N ASN A 980 16.50 21.06 -25.75
CA ASN A 980 15.97 20.97 -27.11
C ASN A 980 14.45 20.80 -27.09
N THR A 981 13.99 19.92 -26.22
CA THR A 981 12.56 19.64 -26.10
C THR A 981 11.87 20.60 -25.14
N ILE A 982 12.51 21.74 -24.91
CA ILE A 982 11.94 22.80 -24.08
C ILE A 982 12.06 24.14 -24.81
N GLY A 983 12.92 24.16 -25.82
CA GLY A 983 13.12 25.36 -26.61
C GLY A 983 13.83 26.45 -25.83
N ASN A 984 14.67 26.05 -24.88
CA ASN A 984 15.42 27.00 -24.08
C ASN A 984 16.82 27.22 -24.64
N SER A 985 16.88 28.00 -25.72
CA SER A 985 18.13 28.30 -26.40
C SER A 985 19.21 28.74 -25.42
N SER A 986 18.82 29.57 -24.46
CA SER A 986 19.74 30.04 -23.43
C SER A 986 20.41 28.89 -22.70
N LEU A 987 19.63 27.86 -22.38
CA LEU A 987 20.12 26.73 -21.60
C LEU A 987 20.97 25.78 -22.44
N LYS A 988 20.48 25.43 -23.62
CA LYS A 988 21.19 24.49 -24.49
C LYS A 988 22.62 24.97 -24.75
N GLU A 989 22.77 26.26 -25.04
CA GLU A 989 24.07 26.84 -25.30
C GLU A 989 24.97 26.75 -24.08
N LYS A 990 24.42 27.06 -22.91
CA LYS A 990 25.16 27.02 -21.66
C LYS A 990 25.62 25.60 -21.35
N MET A 991 24.79 24.62 -21.67
CA MET A 991 25.12 23.22 -21.45
C MET A 991 26.17 22.74 -22.44
N GLU A 992 26.03 23.20 -23.69
CA GLU A 992 27.01 22.88 -24.73
C GLU A 992 28.37 23.48 -24.37
N ALA A 993 28.35 24.63 -23.69
CA ALA A 993 29.57 25.28 -23.25
C ALA A 993 30.24 24.50 -22.13
N VAL A 994 29.42 23.91 -21.26
CA VAL A 994 29.93 23.09 -20.17
C VAL A 994 30.65 21.86 -20.71
N LEU A 995 30.12 21.28 -21.79
CA LEU A 995 30.66 20.07 -22.35
C LEU A 995 32.10 20.28 -22.85
N LYS A 996 32.35 21.40 -23.50
CA LYS A 996 33.67 21.71 -24.03
C LYS A 996 34.68 21.93 -22.91
N LEU A 997 34.26 22.61 -21.85
CA LEU A 997 35.13 22.87 -20.71
C LEU A 997 35.57 21.57 -20.05
N ILE A 998 34.64 20.62 -19.94
CA ILE A 998 34.92 19.34 -19.30
C ILE A 998 35.67 18.38 -20.20
N HIS A 999 35.13 18.16 -21.40
CA HIS A 999 35.70 17.19 -22.33
C HIS A 999 37.05 17.66 -22.89
N ARG A 1000 38.13 17.30 -22.20
CA ARG A 1000 39.47 17.67 -22.62
C ARG A 1000 40.51 16.90 -21.81
N ASP A 1001 41.74 16.87 -22.31
CA ASP A 1001 42.86 16.26 -21.59
C ASP A 1001 42.60 14.78 -21.30
N ILE A 1002 42.96 14.35 -20.09
CA ILE A 1002 42.85 12.96 -19.68
C ILE A 1002 41.39 12.52 -19.55
N VAL A 1003 40.51 13.50 -19.33
CA VAL A 1003 39.08 13.23 -19.19
C VAL A 1003 38.49 12.71 -20.50
N SER A 1004 39.02 13.20 -21.62
CA SER A 1004 38.48 12.87 -22.93
C SER A 1004 39.28 11.77 -23.63
N ALA A 1005 40.31 11.27 -22.96
CA ALA A 1005 41.15 10.20 -23.52
C ALA A 1005 40.31 8.96 -23.81
N GLY A 1006 40.68 8.24 -24.86
CA GLY A 1006 39.93 7.07 -25.28
C GLY A 1006 40.42 5.77 -24.66
N SER A 1007 39.75 4.68 -24.99
CA SER A 1007 40.13 3.36 -24.48
C SER A 1007 41.21 2.73 -25.35
N LEU A 1008 41.99 1.83 -24.76
CA LEU A 1008 43.05 1.14 -25.49
C LEU A 1008 42.48 0.17 -26.51
N TYR A 1009 41.46 -0.58 -26.09
CA TYR A 1009 40.88 -1.64 -26.90
C TYR A 1009 40.38 -1.16 -28.26
N LEU A 1010 39.47 -0.19 -28.24
CA LEU A 1010 38.70 0.17 -29.42
C LEU A 1010 39.03 1.55 -29.97
N HIS B 54 -23.18 39.65 2.05
CA HIS B 54 -24.31 38.84 2.47
C HIS B 54 -24.40 38.73 3.99
N GLN B 55 -25.39 38.00 4.47
CA GLN B 55 -25.62 37.86 5.91
C GLN B 55 -25.37 36.42 6.38
N VAL B 56 -24.50 36.29 7.38
CA VAL B 56 -24.20 34.98 7.96
C VAL B 56 -24.71 34.90 9.39
N ARG B 57 -25.46 33.83 9.67
CA ARG B 57 -26.05 33.62 10.99
C ARG B 57 -25.16 32.74 11.87
N HIS B 58 -25.02 33.12 13.13
CA HIS B 58 -24.24 32.32 14.07
C HIS B 58 -24.86 32.29 15.47
N GLN B 59 -25.28 31.10 15.89
CA GLN B 59 -25.74 30.89 17.26
C GLN B 59 -24.92 29.76 17.87
N VAL B 60 -24.82 29.74 19.19
CA VAL B 60 -24.14 28.66 19.87
C VAL B 60 -25.10 27.98 20.84
N ALA B 61 -24.81 26.72 21.18
CA ALA B 61 -25.58 26.00 22.17
C ALA B 61 -24.67 25.62 23.32
N LEU B 62 -25.02 26.05 24.53
CA LEU B 62 -24.13 25.90 25.67
C LEU B 62 -24.71 25.04 26.80
N PRO B 63 -23.84 24.31 27.49
CA PRO B 63 -24.20 23.54 28.69
C PRO B 63 -24.47 24.49 29.84
N PRO B 64 -25.23 24.05 30.85
CA PRO B 64 -25.55 24.90 32.00
C PRO B 64 -24.30 25.41 32.70
N ASN B 65 -24.19 26.73 32.84
CA ASN B 65 -23.08 27.34 33.56
C ASN B 65 -21.72 27.08 32.90
N TYR B 66 -21.64 27.30 31.59
CA TYR B 66 -20.40 27.08 30.86
C TYR B 66 -19.63 28.40 30.68
N ASP B 67 -18.31 28.31 30.72
CA ASP B 67 -17.45 29.48 30.56
C ASP B 67 -17.28 29.85 29.09
N TYR B 68 -18.33 30.39 28.48
CA TYR B 68 -18.28 30.76 27.08
C TYR B 68 -17.62 32.12 26.87
N THR B 69 -16.92 32.24 25.74
CA THR B 69 -16.32 33.51 25.35
C THR B 69 -16.68 33.76 23.89
N PRO B 70 -17.40 34.86 23.63
CA PRO B 70 -17.85 35.16 22.27
C PRO B 70 -16.78 34.81 21.25
N ILE B 71 -17.13 33.96 20.27
CA ILE B 71 -16.17 33.47 19.30
C ILE B 71 -15.60 34.62 18.45
N ALA B 72 -16.33 35.72 18.39
CA ALA B 72 -15.91 36.89 17.62
C ALA B 72 -14.67 37.53 18.22
N GLU B 73 -14.40 37.22 19.50
CA GLU B 73 -13.26 37.78 20.21
C GLU B 73 -12.02 36.91 20.01
N HIS B 74 -12.19 35.76 19.36
CA HIS B 74 -11.11 34.79 19.20
C HIS B 74 -10.18 35.13 18.03
N LYS B 75 -8.88 35.12 18.32
CA LYS B 75 -7.86 35.35 17.29
C LYS B 75 -7.06 34.07 17.07
N ARG B 76 -7.11 33.55 15.84
CA ARG B 76 -6.37 32.34 15.51
C ARG B 76 -4.87 32.59 15.44
N VAL B 77 -4.14 32.02 16.39
CA VAL B 77 -2.68 32.07 16.37
C VAL B 77 -2.14 30.71 15.95
N ASN B 78 -1.07 30.72 15.17
CA ASN B 78 -0.46 29.47 14.71
C ASN B 78 -1.43 28.65 13.86
N GLU B 79 -2.09 29.31 12.92
CA GLU B 79 -3.11 28.69 12.09
C GLU B 79 -2.67 27.33 11.55
N ALA B 80 -3.59 26.37 11.52
CA ALA B 80 -3.27 25.00 11.13
C ALA B 80 -3.16 24.82 9.62
N ARG B 81 -3.79 25.72 8.87
CA ARG B 81 -3.81 25.62 7.42
C ARG B 81 -4.21 26.96 6.80
N THR B 82 -3.48 27.37 5.76
CA THR B 82 -3.78 28.63 5.09
C THR B 82 -4.31 28.37 3.68
N TYR B 83 -5.24 29.20 3.26
CA TYR B 83 -5.88 29.06 1.96
C TYR B 83 -5.50 30.19 1.01
N PRO B 84 -5.55 29.92 -0.30
CA PRO B 84 -5.14 30.87 -1.34
C PRO B 84 -6.15 31.99 -1.57
N PHE B 85 -7.09 32.16 -0.66
CA PHE B 85 -8.10 33.20 -0.82
C PHE B 85 -8.57 33.78 0.51
N THR B 86 -9.34 34.86 0.44
CA THR B 86 -9.92 35.44 1.63
C THR B 86 -11.17 34.67 2.00
N LEU B 87 -11.24 34.20 3.24
CA LEU B 87 -12.35 33.36 3.67
C LEU B 87 -13.64 34.16 3.85
N ASP B 88 -14.74 33.56 3.43
CA ASP B 88 -16.06 34.14 3.68
C ASP B 88 -16.28 34.12 5.18
N PRO B 89 -16.97 35.14 5.71
CA PRO B 89 -17.18 35.27 7.16
C PRO B 89 -17.60 33.95 7.82
N PHE B 90 -18.44 33.17 7.16
CA PHE B 90 -18.94 31.93 7.76
C PHE B 90 -17.84 30.88 7.87
N GLN B 91 -16.93 30.86 6.90
CA GLN B 91 -15.79 29.96 6.93
C GLN B 91 -14.84 30.35 8.07
N ASP B 92 -14.47 31.62 8.09
CA ASP B 92 -13.61 32.17 9.13
C ASP B 92 -14.16 31.85 10.52
N THR B 93 -15.49 31.94 10.65
CA THR B 93 -16.16 31.69 11.92
C THR B 93 -16.05 30.22 12.32
N ALA B 94 -16.44 29.33 11.42
CA ALA B 94 -16.42 27.90 11.69
C ALA B 94 -15.00 27.41 11.96
N ILE B 95 -14.04 27.94 11.22
CA ILE B 95 -12.64 27.59 11.41
C ILE B 95 -12.17 27.98 12.80
N SER B 96 -12.67 29.11 13.31
CA SER B 96 -12.32 29.56 14.64
C SER B 96 -12.88 28.62 15.71
N CYS B 97 -14.11 28.16 15.51
CA CYS B 97 -14.72 27.20 16.42
C CYS B 97 -13.85 25.96 16.53
N ILE B 98 -13.37 25.48 15.38
CA ILE B 98 -12.51 24.31 15.33
C ILE B 98 -11.18 24.57 16.02
N ASP B 99 -10.69 25.80 15.90
CA ASP B 99 -9.41 26.17 16.50
C ASP B 99 -9.47 26.10 18.02
N ARG B 100 -10.60 26.55 18.59
CA ARG B 100 -10.79 26.53 20.03
C ARG B 100 -11.16 25.13 20.54
N GLY B 101 -11.35 24.20 19.62
CA GLY B 101 -11.71 22.84 19.97
C GLY B 101 -13.19 22.73 20.35
N GLU B 102 -14.03 23.37 19.56
CA GLU B 102 -15.47 23.37 19.83
C GLU B 102 -16.25 22.96 18.58
N SER B 103 -17.19 22.03 18.75
CA SER B 103 -17.97 21.52 17.64
C SER B 103 -18.73 22.63 16.92
N VAL B 104 -19.05 22.40 15.66
CA VAL B 104 -19.78 23.38 14.86
C VAL B 104 -20.56 22.73 13.72
N LEU B 105 -21.77 23.24 13.50
CA LEU B 105 -22.61 22.77 12.39
C LEU B 105 -22.67 23.82 11.30
N VAL B 106 -22.14 23.49 10.13
CA VAL B 106 -22.14 24.42 9.01
C VAL B 106 -23.30 24.12 8.06
N SER B 107 -24.24 25.05 7.98
CA SER B 107 -25.39 24.91 7.10
C SER B 107 -25.30 25.93 5.97
N ALA B 108 -25.11 25.44 4.75
CA ALA B 108 -24.95 26.31 3.59
C ALA B 108 -25.24 25.58 2.29
N HIS B 109 -25.47 26.34 1.23
CA HIS B 109 -25.70 25.76 -0.09
C HIS B 109 -24.42 25.10 -0.59
N THR B 110 -24.57 24.12 -1.49
CA THR B 110 -23.41 23.48 -2.08
C THR B 110 -22.62 24.48 -2.91
N SER B 111 -21.31 24.32 -2.93
CA SER B 111 -20.41 25.22 -3.65
C SER B 111 -20.16 26.52 -2.89
N ALA B 112 -20.71 26.62 -1.67
CA ALA B 112 -20.50 27.79 -0.83
C ALA B 112 -19.08 27.82 -0.29
N GLY B 113 -18.51 26.64 -0.07
CA GLY B 113 -17.14 26.53 0.42
C GLY B 113 -17.06 25.85 1.78
N LYS B 114 -17.75 24.72 1.92
CA LYS B 114 -17.78 23.99 3.19
C LYS B 114 -16.54 23.12 3.41
N THR B 115 -15.96 22.62 2.32
CA THR B 115 -14.81 21.74 2.42
C THR B 115 -13.63 22.41 3.10
N VAL B 116 -13.50 23.72 2.89
CA VAL B 116 -12.46 24.50 3.54
C VAL B 116 -12.45 24.26 5.04
N VAL B 117 -13.65 24.13 5.62
CA VAL B 117 -13.78 23.89 7.06
C VAL B 117 -13.32 22.48 7.43
N ALA B 118 -13.77 21.48 6.67
CA ALA B 118 -13.39 20.10 6.92
C ALA B 118 -11.88 19.92 6.87
N GLU B 119 -11.26 20.51 5.85
CA GLU B 119 -9.81 20.41 5.66
C GLU B 119 -9.04 20.95 6.85
N TYR B 120 -9.55 22.04 7.45
CA TYR B 120 -8.89 22.64 8.59
C TYR B 120 -8.95 21.72 9.80
N ALA B 121 -10.09 21.07 9.99
CA ALA B 121 -10.26 20.12 11.08
C ALA B 121 -9.31 18.93 10.90
N ILE B 122 -9.08 18.57 9.64
CA ILE B 122 -8.15 17.49 9.31
C ILE B 122 -6.71 17.93 9.53
N ALA B 123 -6.33 19.03 8.88
CA ALA B 123 -4.99 19.57 8.99
C ALA B 123 -4.57 19.77 10.44
N GLN B 124 -5.51 20.21 11.26
CA GLN B 124 -5.25 20.44 12.68
C GLN B 124 -4.99 19.14 13.42
N SER B 125 -5.85 18.15 13.20
CA SER B 125 -5.71 16.85 13.85
C SER B 125 -4.35 16.23 13.54
N LEU B 126 -4.01 16.15 12.25
CA LEU B 126 -2.74 15.58 11.83
C LEU B 126 -1.56 16.32 12.44
N LYS B 127 -1.71 17.65 12.57
CA LYS B 127 -0.67 18.48 13.17
C LYS B 127 -0.40 18.10 14.62
N ASN B 128 -1.48 17.92 15.38
CA ASN B 128 -1.37 17.55 16.79
C ASN B 128 -1.15 16.06 16.97
N LYS B 129 -0.79 15.38 15.88
CA LYS B 129 -0.57 13.93 15.91
C LYS B 129 -1.81 13.18 16.42
N GLN B 130 -2.98 13.70 16.07
CA GLN B 130 -4.24 13.06 16.42
C GLN B 130 -4.85 12.45 15.18
N ARG B 131 -5.85 11.58 15.36
CA ARG B 131 -6.52 10.96 14.22
C ARG B 131 -7.87 11.62 13.98
N VAL B 132 -8.35 11.53 12.74
CA VAL B 132 -9.60 12.17 12.35
C VAL B 132 -10.37 11.32 11.36
N ILE B 133 -11.68 11.20 11.59
CA ILE B 133 -12.54 10.39 10.72
C ILE B 133 -13.44 11.27 9.86
N TYR B 134 -13.47 10.98 8.56
CA TYR B 134 -14.34 11.67 7.63
C TYR B 134 -15.35 10.67 7.07
N THR B 135 -16.62 10.87 7.42
CA THR B 135 -17.68 9.96 6.97
C THR B 135 -18.57 10.57 5.91
N SER B 136 -18.75 9.85 4.81
CA SER B 136 -19.65 10.27 3.74
C SER B 136 -20.93 9.46 3.76
N PRO B 137 -22.00 10.00 3.15
CA PRO B 137 -23.29 9.30 3.11
C PRO B 137 -23.21 8.01 2.31
N ILE B 138 -22.62 8.07 1.12
CA ILE B 138 -22.57 6.93 0.21
C ILE B 138 -21.16 6.59 -0.25
N LYS B 139 -20.99 5.35 -0.72
CA LYS B 139 -19.69 4.86 -1.18
C LYS B 139 -19.11 5.72 -2.30
N ALA B 140 -19.95 6.04 -3.29
CA ALA B 140 -19.51 6.85 -4.42
C ALA B 140 -18.79 8.12 -3.97
N LEU B 141 -19.37 8.80 -2.99
CA LEU B 141 -18.82 10.05 -2.50
C LEU B 141 -17.59 9.82 -1.63
N SER B 142 -17.51 8.64 -1.00
CA SER B 142 -16.38 8.30 -0.15
C SER B 142 -15.12 8.04 -0.97
N ASN B 143 -15.29 7.46 -2.15
CA ASN B 143 -14.17 7.20 -3.05
C ASN B 143 -13.59 8.50 -3.60
N GLN B 144 -14.47 9.42 -3.98
CA GLN B 144 -14.03 10.70 -4.53
C GLN B 144 -13.35 11.55 -3.47
N LYS B 145 -13.93 11.58 -2.27
CA LYS B 145 -13.36 12.35 -1.18
C LYS B 145 -11.99 11.79 -0.75
N TYR B 146 -11.88 10.47 -0.74
CA TYR B 146 -10.59 9.84 -0.43
C TYR B 146 -9.55 10.28 -1.45
N ARG B 147 -9.97 10.38 -2.69
CA ARG B 147 -9.09 10.86 -3.76
C ARG B 147 -8.65 12.29 -3.48
N GLU B 148 -9.62 13.16 -3.23
CA GLU B 148 -9.34 14.57 -2.93
C GLU B 148 -8.43 14.71 -1.73
N LEU B 149 -8.78 14.04 -0.64
CA LEU B 149 -8.06 14.17 0.63
C LEU B 149 -6.66 13.57 0.58
N LEU B 150 -6.49 12.49 -0.17
CA LEU B 150 -5.18 11.85 -0.29
C LEU B 150 -4.20 12.79 -0.97
N ALA B 151 -4.64 13.43 -2.04
CA ALA B 151 -3.81 14.38 -2.76
C ALA B 151 -3.40 15.54 -1.87
N GLU B 152 -4.34 16.02 -1.06
CA GLU B 152 -4.13 17.22 -0.27
C GLU B 152 -3.34 16.97 1.02
N PHE B 153 -3.55 15.82 1.64
CA PHE B 153 -2.95 15.55 2.95
C PHE B 153 -1.95 14.39 2.97
N GLY B 154 -2.08 13.46 2.04
CA GLY B 154 -1.15 12.36 1.92
C GLY B 154 -1.37 11.22 2.91
N ASP B 155 -1.49 11.56 4.19
CA ASP B 155 -1.72 10.56 5.22
C ASP B 155 -3.21 10.25 5.33
N VAL B 156 -3.74 9.54 4.33
CA VAL B 156 -5.18 9.28 4.27
C VAL B 156 -5.48 7.81 3.95
N GLY B 157 -6.42 7.24 4.69
CA GLY B 157 -6.86 5.88 4.45
C GLY B 157 -8.32 5.80 4.07
N LEU B 158 -8.78 4.60 3.71
CA LEU B 158 -10.17 4.42 3.28
C LEU B 158 -10.77 3.13 3.82
N MET B 159 -11.90 3.25 4.50
CA MET B 159 -12.62 2.07 4.99
C MET B 159 -14.06 2.07 4.51
N THR B 160 -14.31 1.38 3.41
CA THR B 160 -15.68 1.15 2.94
C THR B 160 -16.02 -0.31 3.12
N GLY B 161 -17.20 -0.71 2.65
CA GLY B 161 -17.60 -2.11 2.71
C GLY B 161 -16.82 -2.92 1.69
N ASP B 162 -16.34 -2.25 0.66
CA ASP B 162 -15.69 -2.92 -0.46
C ASP B 162 -14.18 -3.01 -0.30
N ILE B 163 -13.57 -1.95 0.21
CA ILE B 163 -12.11 -1.89 0.26
C ILE B 163 -11.56 -1.33 1.58
N THR B 164 -10.38 -1.79 1.95
CA THR B 164 -9.66 -1.27 3.10
C THR B 164 -8.26 -0.83 2.67
N ILE B 165 -7.95 0.44 2.86
CA ILE B 165 -6.65 0.98 2.46
C ILE B 165 -6.02 1.81 3.57
N ASN B 166 -4.85 1.38 4.03
CA ASN B 166 -4.13 2.06 5.10
C ASN B 166 -5.03 2.37 6.30
N PRO B 167 -5.42 1.33 7.04
CA PRO B 167 -6.33 1.47 8.19
C PRO B 167 -5.72 2.29 9.31
N ASP B 168 -4.38 2.33 9.38
CA ASP B 168 -3.69 3.00 10.46
C ASP B 168 -3.43 4.47 10.18
N ALA B 169 -3.83 4.93 8.99
CA ALA B 169 -3.61 6.32 8.58
C ALA B 169 -4.18 7.30 9.60
N GLY B 170 -3.58 8.48 9.67
CA GLY B 170 -4.02 9.52 10.59
C GLY B 170 -5.41 10.03 10.26
N CYS B 171 -5.77 10.00 8.98
CA CYS B 171 -7.08 10.44 8.53
C CYS B 171 -7.79 9.31 7.80
N LEU B 172 -8.96 8.93 8.30
CA LEU B 172 -9.73 7.84 7.70
C LEU B 172 -11.03 8.31 7.05
N VAL B 173 -11.16 8.04 5.75
CA VAL B 173 -12.42 8.23 5.07
C VAL B 173 -13.21 6.92 5.12
N MET B 174 -14.35 6.92 5.79
CA MET B 174 -15.16 5.72 5.90
C MET B 174 -16.65 6.01 5.74
N THR B 175 -17.45 4.94 5.72
CA THR B 175 -18.89 5.06 5.63
C THR B 175 -19.52 5.04 7.02
N THR B 176 -20.66 5.68 7.16
CA THR B 176 -21.35 5.74 8.44
C THR B 176 -21.61 4.33 8.99
N GLU B 177 -21.95 3.41 8.08
CA GLU B 177 -22.15 2.02 8.47
C GLU B 177 -20.91 1.46 9.16
N ILE B 178 -19.76 1.58 8.50
CA ILE B 178 -18.51 1.08 9.05
C ILE B 178 -18.21 1.68 10.42
N LEU B 179 -18.32 3.00 10.53
CA LEU B 179 -18.10 3.69 11.79
C LEU B 179 -19.04 3.16 12.86
N ARG B 180 -20.31 2.99 12.50
CA ARG B 180 -21.30 2.43 13.41
C ARG B 180 -20.83 1.09 13.94
N SER B 181 -20.37 0.23 13.04
CA SER B 181 -19.90 -1.10 13.40
C SER B 181 -18.72 -1.05 14.37
N MET B 182 -17.71 -0.25 14.02
CA MET B 182 -16.52 -0.14 14.85
C MET B 182 -16.86 0.36 16.26
N LEU B 183 -17.88 1.21 16.34
CA LEU B 183 -18.31 1.77 17.61
C LEU B 183 -18.89 0.69 18.54
N TYR B 184 -19.58 -0.28 17.96
CA TYR B 184 -20.17 -1.36 18.74
C TYR B 184 -19.14 -2.40 19.18
N ARG B 185 -18.13 -2.62 18.34
CA ARG B 185 -17.09 -3.60 18.63
C ARG B 185 -16.09 -3.08 19.65
N GLY B 186 -16.17 -1.79 19.95
CA GLY B 186 -15.24 -1.16 20.88
C GLY B 186 -13.84 -1.12 20.32
N SER B 187 -13.65 -0.31 19.27
CA SER B 187 -12.37 -0.24 18.59
C SER B 187 -11.35 0.64 19.34
N GLU B 188 -10.09 0.23 19.28
CA GLU B 188 -9.00 1.00 19.88
C GLU B 188 -8.77 2.30 19.13
N VAL B 189 -9.19 2.32 17.86
CA VAL B 189 -9.01 3.49 17.02
C VAL B 189 -9.64 4.74 17.65
N MET B 190 -10.87 4.59 18.13
CA MET B 190 -11.62 5.72 18.68
C MET B 190 -10.89 6.45 19.80
N ARG B 191 -10.02 5.73 20.52
CA ARG B 191 -9.28 6.33 21.62
C ARG B 191 -8.26 7.35 21.12
N GLU B 192 -7.96 7.30 19.83
CA GLU B 192 -6.98 8.20 19.22
C GLU B 192 -7.65 9.29 18.39
N VAL B 193 -8.95 9.15 18.17
CA VAL B 193 -9.70 10.11 17.37
C VAL B 193 -10.03 11.37 18.17
N ALA B 194 -9.80 12.53 17.55
CA ALA B 194 -10.08 13.81 18.18
C ALA B 194 -11.21 14.55 17.47
N TRP B 195 -11.39 14.26 16.19
CA TRP B 195 -12.42 14.91 15.39
C TRP B 195 -13.14 13.93 14.47
N VAL B 196 -14.45 14.07 14.38
CA VAL B 196 -15.25 13.32 13.43
C VAL B 196 -16.02 14.29 12.54
N ILE B 197 -15.94 14.07 11.23
CA ILE B 197 -16.59 14.96 10.27
C ILE B 197 -17.75 14.27 9.57
N PHE B 198 -18.95 14.77 9.79
CA PHE B 198 -20.15 14.23 9.17
C PHE B 198 -20.57 15.03 7.95
N ASP B 199 -20.24 14.54 6.76
CA ASP B 199 -20.61 15.20 5.52
C ASP B 199 -22.04 14.86 5.15
N GLU B 200 -22.83 15.89 4.82
CA GLU B 200 -24.23 15.72 4.44
C GLU B 200 -25.06 15.12 5.58
N VAL B 201 -25.00 15.78 6.74
CA VAL B 201 -25.74 15.31 7.91
C VAL B 201 -27.24 15.28 7.66
N HIS B 202 -27.71 16.17 6.80
CA HIS B 202 -29.14 16.27 6.50
C HIS B 202 -29.71 14.95 5.99
N TYR B 203 -28.85 14.06 5.52
CA TYR B 203 -29.28 12.73 5.09
C TYR B 203 -29.81 11.91 6.25
N MET B 204 -29.77 12.49 7.46
CA MET B 204 -30.25 11.81 8.65
C MET B 204 -31.78 11.72 8.64
N ARG B 205 -32.42 12.44 7.73
CA ARG B 205 -33.87 12.43 7.63
C ARG B 205 -34.40 11.30 6.76
N ASP B 206 -33.49 10.62 6.05
CA ASP B 206 -33.89 9.50 5.20
C ASP B 206 -34.68 8.48 6.00
N LYS B 207 -35.86 8.12 5.51
CA LYS B 207 -36.78 7.24 6.22
C LYS B 207 -36.18 5.87 6.54
N GLU B 208 -35.32 5.38 5.66
CA GLU B 208 -34.74 4.04 5.84
C GLU B 208 -33.38 4.06 6.52
N ARG B 209 -32.44 4.82 5.97
CA ARG B 209 -31.05 4.74 6.40
C ARG B 209 -30.59 5.92 7.27
N GLY B 210 -31.51 6.85 7.53
CA GLY B 210 -31.18 8.01 8.34
C GLY B 210 -30.87 7.66 9.78
N VAL B 211 -31.47 6.58 10.27
CA VAL B 211 -31.30 6.15 11.66
C VAL B 211 -29.83 5.85 11.97
N VAL B 212 -29.07 5.46 10.96
CA VAL B 212 -27.67 5.10 11.14
C VAL B 212 -26.85 6.29 11.65
N TRP B 213 -27.15 7.48 11.13
CA TRP B 213 -26.46 8.69 11.55
C TRP B 213 -26.74 8.99 13.02
N GLU B 214 -28.01 8.94 13.39
CA GLU B 214 -28.42 9.20 14.75
C GLU B 214 -27.77 8.21 15.69
N GLU B 215 -27.85 6.93 15.33
CA GLU B 215 -27.27 5.85 16.11
C GLU B 215 -25.77 6.04 16.30
N THR B 216 -25.10 6.41 15.21
CA THR B 216 -23.65 6.62 15.24
C THR B 216 -23.25 7.79 16.14
N ILE B 217 -23.94 8.92 15.96
CA ILE B 217 -23.65 10.12 16.75
C ILE B 217 -23.81 9.87 18.25
N ILE B 218 -24.80 9.07 18.61
CA ILE B 218 -25.09 8.78 20.01
C ILE B 218 -23.99 7.96 20.69
N LEU B 219 -23.34 7.08 19.92
CA LEU B 219 -22.34 6.17 20.47
C LEU B 219 -20.96 6.81 20.63
N LEU B 220 -20.73 7.91 19.93
CA LEU B 220 -19.43 8.59 20.01
C LEU B 220 -19.12 9.09 21.41
N PRO B 221 -17.84 9.03 21.80
CA PRO B 221 -17.35 9.49 23.10
C PRO B 221 -17.55 10.99 23.29
N ASP B 222 -17.65 11.43 24.54
CA ASP B 222 -17.90 12.85 24.83
C ASP B 222 -16.70 13.74 24.56
N LYS B 223 -15.50 13.17 24.59
CA LYS B 223 -14.29 13.97 24.40
C LYS B 223 -13.99 14.24 22.93
N VAL B 224 -14.64 13.50 22.04
CA VAL B 224 -14.47 13.72 20.61
C VAL B 224 -15.22 14.98 20.18
N ARG B 225 -14.69 15.65 19.16
CA ARG B 225 -15.32 16.86 18.64
C ARG B 225 -15.90 16.60 17.24
N TYR B 226 -16.98 17.28 16.90
CA TYR B 226 -17.70 17.01 15.66
C TYR B 226 -17.79 18.21 14.73
N VAL B 227 -17.76 17.93 13.43
CA VAL B 227 -17.98 18.95 12.42
C VAL B 227 -19.06 18.48 11.46
N PHE B 228 -20.30 18.91 11.69
CA PHE B 228 -21.42 18.52 10.85
C PHE B 228 -21.55 19.46 9.65
N LEU B 229 -21.53 18.90 8.45
CA LEU B 229 -21.68 19.68 7.23
C LEU B 229 -23.02 19.36 6.58
N SER B 230 -23.92 20.35 6.53
CA SER B 230 -25.26 20.13 6.02
C SER B 230 -25.71 21.22 5.06
N ALA B 231 -26.71 20.90 4.25
CA ALA B 231 -27.36 21.89 3.40
C ALA B 231 -28.22 22.79 4.28
N THR B 232 -28.62 23.94 3.76
CA THR B 232 -29.42 24.89 4.53
C THR B 232 -30.68 24.24 5.10
N ILE B 233 -30.82 24.32 6.41
CA ILE B 233 -31.99 23.79 7.10
C ILE B 233 -32.51 24.78 8.15
N PRO B 234 -33.83 24.86 8.30
CA PRO B 234 -34.46 25.78 9.26
C PRO B 234 -34.04 25.50 10.70
N ASN B 235 -34.24 24.27 11.17
CA ASN B 235 -34.01 23.93 12.56
C ASN B 235 -32.56 23.52 12.87
N ALA B 236 -31.61 24.29 12.34
CA ALA B 236 -30.20 24.02 12.61
C ALA B 236 -29.91 24.12 14.11
N MET B 237 -30.56 25.07 14.77
CA MET B 237 -30.35 25.29 16.20
C MET B 237 -30.86 24.12 17.04
N GLU B 238 -31.91 23.46 16.57
CA GLU B 238 -32.42 22.28 17.24
C GLU B 238 -31.33 21.22 17.33
N PHE B 239 -30.64 21.01 16.20
CA PHE B 239 -29.60 19.99 16.11
C PHE B 239 -28.46 20.27 17.10
N ALA B 240 -27.99 21.51 17.11
CA ALA B 240 -26.89 21.90 17.98
C ALA B 240 -27.20 21.64 19.45
N GLU B 241 -28.41 21.99 19.86
CA GLU B 241 -28.83 21.80 21.25
C GLU B 241 -28.87 20.32 21.62
N TRP B 242 -29.28 19.48 20.67
CA TRP B 242 -29.31 18.05 20.89
C TRP B 242 -27.90 17.51 21.10
N ILE B 243 -26.99 17.89 20.21
CA ILE B 243 -25.59 17.50 20.33
C ILE B 243 -25.01 17.97 21.66
N CYS B 244 -25.34 19.21 22.03
CA CYS B 244 -24.86 19.80 23.27
C CYS B 244 -25.30 19.01 24.51
N LYS B 245 -26.55 18.57 24.51
CA LYS B 245 -27.12 17.87 25.66
C LYS B 245 -26.56 16.47 25.84
N ILE B 246 -26.67 15.64 24.79
CA ILE B 246 -26.26 14.25 24.88
C ILE B 246 -24.74 14.08 25.00
N HIS B 247 -23.98 15.07 24.53
CA HIS B 247 -22.53 14.98 24.57
C HIS B 247 -21.88 15.99 25.52
N SER B 248 -22.71 16.74 26.24
CA SER B 248 -22.24 17.63 27.29
C SER B 248 -21.10 18.55 26.82
N GLN B 249 -21.32 19.27 25.73
CA GLN B 249 -20.31 20.16 25.19
C GLN B 249 -20.93 21.26 24.34
N PRO B 250 -20.20 22.37 24.15
CA PRO B 250 -20.65 23.47 23.30
C PRO B 250 -20.73 23.07 21.84
N CYS B 251 -21.86 23.36 21.20
CA CYS B 251 -21.99 23.09 19.76
C CYS B 251 -22.48 24.34 19.03
N HIS B 252 -21.64 24.85 18.14
CA HIS B 252 -21.97 26.05 17.36
C HIS B 252 -22.84 25.69 16.16
N ILE B 253 -23.45 26.71 15.57
CA ILE B 253 -24.09 26.59 14.27
C ILE B 253 -23.74 27.79 13.42
N VAL B 254 -23.45 27.55 12.15
CA VAL B 254 -23.15 28.63 11.21
C VAL B 254 -24.03 28.47 9.97
N TYR B 255 -24.95 29.41 9.79
CA TYR B 255 -25.93 29.34 8.72
C TYR B 255 -25.73 30.47 7.73
N THR B 256 -25.96 30.20 6.46
CA THR B 256 -25.84 31.22 5.42
C THR B 256 -26.57 30.86 4.14
N ASN B 257 -27.58 31.66 3.80
CA ASN B 257 -28.32 31.46 2.56
C ASN B 257 -27.49 31.88 1.35
N PHE B 258 -26.20 32.12 1.57
CA PHE B 258 -25.31 32.52 0.51
C PHE B 258 -25.43 31.64 -0.73
N ARG B 259 -25.13 32.18 -1.88
CA ARG B 259 -25.20 31.43 -3.11
C ARG B 259 -24.19 32.04 -4.05
N PRO B 260 -23.10 31.35 -4.32
CA PRO B 260 -22.01 31.91 -5.10
C PRO B 260 -22.35 32.28 -6.51
N THR B 261 -23.15 31.49 -7.18
CA THR B 261 -23.49 31.80 -8.53
C THR B 261 -24.98 31.95 -8.60
N PRO B 262 -25.41 33.14 -8.97
CA PRO B 262 -26.82 33.50 -9.14
C PRO B 262 -27.53 32.50 -10.04
N LEU B 263 -28.73 32.07 -9.68
CA LEU B 263 -29.49 31.14 -10.51
C LEU B 263 -30.55 31.87 -11.33
N GLN B 264 -30.85 31.33 -12.50
CA GLN B 264 -31.95 31.82 -13.32
C GLN B 264 -32.86 30.65 -13.66
N HIS B 265 -34.10 30.72 -13.20
CA HIS B 265 -35.04 29.62 -13.37
C HIS B 265 -35.95 29.85 -14.56
N TYR B 266 -35.89 28.94 -15.52
CA TYR B 266 -36.65 29.05 -16.76
C TYR B 266 -37.69 27.95 -16.87
N LEU B 267 -38.76 28.24 -17.62
CA LEU B 267 -39.79 27.24 -17.92
C LEU B 267 -39.79 26.90 -19.40
N PHE B 268 -40.30 25.72 -19.73
CA PHE B 268 -40.44 25.28 -21.12
C PHE B 268 -41.72 24.47 -21.27
N PRO B 269 -42.79 25.12 -21.78
CA PRO B 269 -44.05 24.42 -22.05
C PRO B 269 -43.85 23.25 -23.02
N ALA B 270 -44.61 22.19 -22.82
CA ALA B 270 -44.41 20.91 -23.51
C ALA B 270 -44.01 20.99 -24.98
N HIS B 271 -44.93 21.48 -25.82
CA HIS B 271 -44.74 21.37 -27.27
C HIS B 271 -44.34 22.67 -27.98
N GLY B 272 -44.98 23.77 -27.62
CA GLY B 272 -44.59 25.07 -28.15
C GLY B 272 -43.13 25.35 -27.79
N ASP B 273 -42.37 25.89 -28.73
CA ASP B 273 -40.95 26.14 -28.50
C ASP B 273 -40.70 27.54 -27.92
N GLY B 274 -40.22 27.57 -26.68
CA GLY B 274 -39.94 28.83 -26.01
C GLY B 274 -39.50 28.62 -24.57
N ILE B 275 -38.62 29.49 -24.10
CA ILE B 275 -38.13 29.40 -22.73
C ILE B 275 -38.55 30.65 -21.94
N TYR B 276 -39.25 30.44 -20.83
CA TYR B 276 -39.85 31.55 -20.10
C TYR B 276 -39.24 31.74 -18.71
N LEU B 277 -38.44 32.79 -18.57
CA LEU B 277 -37.80 33.12 -17.30
C LEU B 277 -38.84 33.49 -16.24
N VAL B 278 -39.09 32.56 -15.33
CA VAL B 278 -40.08 32.77 -14.27
C VAL B 278 -39.46 33.44 -13.04
N VAL B 279 -38.16 33.22 -12.84
CA VAL B 279 -37.43 33.84 -11.74
C VAL B 279 -36.07 34.33 -12.20
N ASP B 280 -35.77 35.59 -11.90
CA ASP B 280 -34.51 36.20 -12.31
C ASP B 280 -33.39 35.96 -11.30
N GLU B 281 -32.23 36.55 -11.56
CA GLU B 281 -31.07 36.40 -10.68
C GLU B 281 -31.31 37.07 -9.33
N LYS B 282 -32.33 37.92 -9.26
CA LYS B 282 -32.68 38.58 -8.02
C LYS B 282 -33.72 37.76 -7.26
N SER B 283 -33.96 36.54 -7.73
CA SER B 283 -34.94 35.64 -7.12
C SER B 283 -36.32 36.29 -7.12
N THR B 284 -36.55 37.19 -8.06
CA THR B 284 -37.83 37.88 -8.17
C THR B 284 -38.76 37.19 -9.16
N PHE B 285 -39.95 36.83 -8.69
CA PHE B 285 -40.91 36.11 -9.52
C PHE B 285 -41.50 36.99 -10.60
N ARG B 286 -41.17 36.67 -11.85
CA ARG B 286 -41.72 37.39 -13.00
C ARG B 286 -43.11 36.85 -13.33
N GLU B 287 -44.13 37.45 -12.74
CA GLU B 287 -45.51 36.98 -12.92
C GLU B 287 -46.00 37.08 -14.36
N GLU B 288 -45.72 38.20 -15.01
CA GLU B 288 -46.11 38.37 -16.41
C GLU B 288 -45.55 37.23 -17.26
N ASN B 289 -44.22 37.11 -17.28
CA ASN B 289 -43.56 36.07 -18.06
C ASN B 289 -44.00 34.67 -17.65
N PHE B 290 -44.51 34.54 -16.44
CA PHE B 290 -45.00 33.24 -15.94
C PHE B 290 -46.27 32.81 -16.65
N GLN B 291 -47.35 33.56 -16.45
CA GLN B 291 -48.63 33.23 -17.05
C GLN B 291 -48.54 33.13 -18.56
N LYS B 292 -47.62 33.90 -19.15
CA LYS B 292 -47.40 33.86 -20.59
C LYS B 292 -46.98 32.46 -21.03
N ALA B 293 -46.34 31.73 -20.12
CA ALA B 293 -45.90 30.37 -20.40
C ALA B 293 -47.00 29.35 -20.10
N MET B 294 -47.73 29.59 -19.02
CA MET B 294 -48.82 28.70 -18.63
C MET B 294 -49.95 28.76 -19.65
N ALA B 295 -49.92 29.79 -20.49
CA ALA B 295 -50.91 29.95 -21.55
C ALA B 295 -50.47 29.19 -22.80
N SER B 296 -49.17 28.99 -22.93
CA SER B 296 -48.62 28.22 -24.04
C SER B 296 -49.09 26.77 -23.98
N ILE B 297 -49.81 26.45 -22.90
CA ILE B 297 -50.41 25.12 -22.75
C ILE B 297 -51.88 25.20 -23.13
N SER B 298 -52.14 25.27 -24.44
CA SER B 298 -53.50 25.40 -24.95
C SER B 298 -54.44 24.36 -24.35
N LYS B 328 -39.29 13.58 -25.99
CA LYS B 328 -37.99 13.23 -26.54
C LYS B 328 -37.59 14.21 -27.66
N GLY B 329 -38.53 14.49 -28.55
CA GLY B 329 -38.29 15.42 -29.64
C GLY B 329 -37.99 16.82 -29.12
N ASP B 330 -38.57 17.14 -27.97
CA ASP B 330 -38.35 18.44 -27.34
C ASP B 330 -36.97 18.53 -26.71
N ILE B 331 -36.60 17.51 -25.95
CA ILE B 331 -35.29 17.47 -25.30
C ILE B 331 -34.17 17.68 -26.31
N TYR B 332 -34.38 17.20 -27.53
CA TYR B 332 -33.41 17.41 -28.60
C TYR B 332 -33.26 18.90 -28.89
N LYS B 333 -34.36 19.55 -29.23
CA LYS B 333 -34.36 20.97 -29.57
C LYS B 333 -33.75 21.81 -28.47
N ILE B 334 -34.09 21.49 -27.22
CA ILE B 334 -33.59 22.24 -26.07
C ILE B 334 -32.07 22.22 -26.02
N VAL B 335 -31.48 21.07 -26.33
CA VAL B 335 -30.03 20.92 -26.29
C VAL B 335 -29.32 21.77 -27.33
N LYS B 336 -29.70 21.60 -28.60
CA LYS B 336 -29.07 22.34 -29.69
C LYS B 336 -29.11 23.85 -29.45
N MET B 337 -30.17 24.30 -28.77
CA MET B 337 -30.32 25.71 -28.45
C MET B 337 -29.37 26.12 -27.33
N ILE B 338 -28.98 25.16 -26.52
CA ILE B 338 -28.01 25.40 -25.46
C ILE B 338 -26.59 25.35 -26.02
N TRP B 339 -26.40 24.51 -27.03
CA TRP B 339 -25.12 24.40 -27.71
C TRP B 339 -24.78 25.72 -28.41
N LYS B 340 -25.74 26.24 -29.16
CA LYS B 340 -25.57 27.50 -29.87
C LYS B 340 -25.43 28.64 -28.89
N LYS B 341 -26.30 28.66 -27.88
CA LYS B 341 -26.29 29.73 -26.88
C LYS B 341 -25.08 29.58 -25.96
N LYS B 342 -24.40 28.44 -26.08
CA LYS B 342 -23.22 28.14 -25.28
C LYS B 342 -23.50 28.09 -23.79
N TYR B 343 -24.63 27.50 -23.41
CA TYR B 343 -24.98 27.36 -22.00
C TYR B 343 -24.41 26.08 -21.40
N ASN B 344 -23.89 25.19 -22.24
CA ASN B 344 -23.29 23.96 -21.75
C ASN B 344 -22.04 24.29 -20.94
N PRO B 345 -21.54 23.33 -20.13
CA PRO B 345 -22.07 21.98 -19.91
C PRO B 345 -23.48 21.95 -19.33
N VAL B 346 -24.30 21.03 -19.83
CA VAL B 346 -25.67 20.90 -19.37
C VAL B 346 -25.93 19.49 -18.85
N ILE B 347 -26.58 19.40 -17.71
CA ILE B 347 -26.99 18.10 -17.17
C ILE B 347 -28.49 17.93 -17.31
N VAL B 348 -28.90 16.78 -17.81
CA VAL B 348 -30.32 16.49 -18.01
C VAL B 348 -30.74 15.31 -17.15
N PHE B 349 -31.55 15.58 -16.13
CA PHE B 349 -32.00 14.54 -15.22
C PHE B 349 -33.32 13.92 -15.67
N SER B 350 -33.34 12.59 -15.71
CA SER B 350 -34.56 11.87 -16.04
C SER B 350 -34.93 10.93 -14.89
N PHE B 351 -35.97 10.13 -15.08
CA PHE B 351 -36.43 9.23 -14.03
C PHE B 351 -36.05 7.77 -14.30
N SER B 352 -35.86 7.43 -15.58
CA SER B 352 -35.59 6.05 -15.96
C SER B 352 -34.21 5.88 -16.59
N LYS B 353 -33.72 4.65 -16.62
CA LYS B 353 -32.44 4.34 -17.24
C LYS B 353 -32.60 4.22 -18.75
N ARG B 354 -33.74 3.73 -19.19
CA ARG B 354 -34.03 3.64 -20.61
C ARG B 354 -34.14 5.01 -21.26
N ASP B 355 -34.74 5.96 -20.56
CA ASP B 355 -34.84 7.33 -21.06
C ASP B 355 -33.44 7.95 -21.22
N CYS B 356 -32.61 7.81 -20.19
CA CYS B 356 -31.25 8.35 -20.24
C CYS B 356 -30.48 7.79 -21.42
N GLU B 357 -30.81 6.56 -21.84
CA GLU B 357 -30.13 5.92 -22.96
C GLU B 357 -30.76 6.27 -24.29
N GLU B 358 -32.08 6.14 -24.39
CA GLU B 358 -32.80 6.48 -25.61
C GLU B 358 -32.55 7.93 -26.02
N LEU B 359 -32.42 8.79 -25.03
CA LEU B 359 -32.13 10.20 -25.27
C LEU B 359 -30.75 10.40 -25.87
N ALA B 360 -29.80 9.59 -25.44
CA ALA B 360 -28.43 9.67 -25.93
C ALA B 360 -28.38 9.41 -27.43
N LEU B 361 -29.27 8.54 -27.90
CA LEU B 361 -29.32 8.19 -29.32
C LEU B 361 -30.06 9.24 -30.14
N LYS B 362 -31.02 9.90 -29.51
CA LYS B 362 -31.75 10.99 -30.15
C LYS B 362 -30.90 12.26 -30.08
N MET B 363 -29.59 12.07 -29.94
CA MET B 363 -28.64 13.17 -29.81
C MET B 363 -27.33 12.85 -30.50
N SER B 364 -27.07 11.56 -30.69
CA SER B 364 -25.81 11.09 -31.25
C SER B 364 -25.48 11.70 -32.61
N LYS B 365 -26.51 12.05 -33.37
CA LYS B 365 -26.32 12.63 -34.70
C LYS B 365 -25.40 13.84 -34.67
N LEU B 366 -25.41 14.56 -33.55
CA LEU B 366 -24.61 15.77 -33.41
C LEU B 366 -23.18 15.48 -32.95
N ASP B 367 -22.47 16.53 -32.57
CA ASP B 367 -21.09 16.41 -32.11
C ASP B 367 -20.66 17.73 -31.45
N PHE B 368 -19.98 17.63 -30.32
CA PHE B 368 -19.61 18.82 -29.56
C PHE B 368 -18.10 18.86 -29.25
N ASN B 369 -17.41 17.78 -29.58
CA ASN B 369 -15.98 17.67 -29.29
C ASN B 369 -15.09 17.83 -30.52
N SER B 370 -14.04 18.65 -30.38
CA SER B 370 -13.07 18.84 -31.45
C SER B 370 -12.24 17.57 -31.64
N ASP B 371 -11.66 17.41 -32.82
CA ASP B 371 -10.82 16.24 -33.10
C ASP B 371 -9.65 16.15 -32.14
N ASP B 372 -9.33 17.26 -31.47
CA ASP B 372 -8.25 17.29 -30.50
C ASP B 372 -8.74 16.82 -29.14
N GLU B 373 -9.93 17.26 -28.76
CA GLU B 373 -10.55 16.83 -27.50
C GLU B 373 -10.81 15.33 -27.54
N LYS B 374 -11.22 14.83 -28.70
CA LYS B 374 -11.51 13.41 -28.87
C LYS B 374 -10.28 12.56 -28.53
N GLU B 375 -9.13 12.93 -29.06
CA GLU B 375 -7.90 12.20 -28.83
C GLU B 375 -7.47 12.29 -27.37
N ALA B 376 -7.84 13.38 -26.72
CA ALA B 376 -7.45 13.61 -25.33
C ALA B 376 -8.25 12.76 -24.34
N LEU B 377 -9.54 12.62 -24.60
CA LEU B 377 -10.40 11.86 -23.70
C LEU B 377 -10.31 10.36 -23.95
N THR B 378 -10.08 9.98 -25.20
CA THR B 378 -9.93 8.58 -25.56
C THR B 378 -8.72 7.96 -24.84
N LYS B 379 -7.72 8.80 -24.57
CA LYS B 379 -6.53 8.35 -23.88
C LYS B 379 -6.87 8.01 -22.43
N ILE B 380 -7.60 8.93 -21.78
CA ILE B 380 -8.06 8.70 -20.40
C ILE B 380 -8.99 7.51 -20.32
N PHE B 381 -9.87 7.38 -21.31
CA PHE B 381 -10.81 6.27 -21.37
C PHE B 381 -10.08 4.94 -21.48
N ASN B 382 -9.10 4.89 -22.38
CA ASN B 382 -8.33 3.66 -22.59
C ASN B 382 -7.44 3.30 -21.40
N ASN B 383 -6.98 4.31 -20.67
CA ASN B 383 -6.20 4.08 -19.46
C ASN B 383 -7.02 3.34 -18.41
N ALA B 384 -8.29 3.74 -18.27
CA ALA B 384 -9.18 3.12 -17.30
C ALA B 384 -9.51 1.69 -17.69
N ILE B 385 -9.86 1.47 -18.95
CA ILE B 385 -10.18 0.14 -19.45
C ILE B 385 -8.98 -0.80 -19.31
N ALA B 386 -7.78 -0.23 -19.32
CA ALA B 386 -6.57 -1.01 -19.19
C ALA B 386 -6.37 -1.55 -17.77
N LEU B 387 -7.19 -1.06 -16.84
CA LEU B 387 -7.14 -1.53 -15.46
C LEU B 387 -8.04 -2.73 -15.26
N LEU B 388 -8.74 -3.12 -16.33
CA LEU B 388 -9.63 -4.27 -16.29
C LEU B 388 -8.89 -5.54 -16.69
N PRO B 389 -9.37 -6.69 -16.20
CA PRO B 389 -8.83 -7.99 -16.62
C PRO B 389 -8.89 -8.13 -18.14
N GLU B 390 -7.91 -8.78 -18.72
CA GLU B 390 -7.81 -8.90 -20.18
C GLU B 390 -9.13 -9.33 -20.82
N THR B 391 -9.85 -10.22 -20.14
CA THR B 391 -11.08 -10.79 -20.69
C THR B 391 -12.22 -9.78 -20.77
N ASP B 392 -12.24 -8.83 -19.84
CA ASP B 392 -13.36 -7.91 -19.73
C ASP B 392 -13.17 -6.61 -20.52
N ARG B 393 -12.01 -6.46 -21.14
CA ARG B 393 -11.69 -5.23 -21.86
C ARG B 393 -12.55 -5.03 -23.10
N GLU B 394 -13.19 -6.09 -23.56
CA GLU B 394 -14.01 -6.01 -24.77
C GLU B 394 -15.48 -6.33 -24.51
N LEU B 395 -16.06 -5.69 -23.49
CA LEU B 395 -17.47 -5.86 -23.19
C LEU B 395 -18.32 -4.90 -24.03
N PRO B 396 -19.48 -5.39 -24.51
CA PRO B 396 -20.39 -4.62 -25.35
C PRO B 396 -20.66 -3.22 -24.81
N GLN B 397 -20.89 -3.13 -23.51
CA GLN B 397 -21.19 -1.86 -22.86
C GLN B 397 -20.07 -0.85 -23.07
N ILE B 398 -18.83 -1.30 -22.88
CA ILE B 398 -17.66 -0.46 -23.10
C ILE B 398 -17.59 0.01 -24.55
N LYS B 399 -17.88 -0.91 -25.48
CA LYS B 399 -17.82 -0.61 -26.90
C LYS B 399 -18.85 0.44 -27.30
N HIS B 400 -20.10 0.19 -26.96
CA HIS B 400 -21.20 1.10 -27.30
C HIS B 400 -20.94 2.54 -26.82
N ILE B 401 -20.34 2.67 -25.64
CA ILE B 401 -20.29 3.96 -24.95
C ILE B 401 -19.23 4.93 -25.47
N LEU B 402 -18.08 4.42 -25.90
CA LEU B 402 -16.99 5.29 -26.34
C LEU B 402 -17.38 6.24 -27.47
N PRO B 403 -18.02 5.72 -28.53
CA PRO B 403 -18.47 6.58 -29.62
C PRO B 403 -19.26 7.80 -29.13
N LEU B 404 -20.21 7.58 -28.23
CA LEU B 404 -21.01 8.67 -27.68
C LEU B 404 -20.13 9.66 -26.92
N LEU B 405 -19.17 9.12 -26.17
CA LEU B 405 -18.27 9.94 -25.36
C LEU B 405 -17.39 10.83 -26.24
N ARG B 406 -17.06 10.35 -27.43
CA ARG B 406 -16.24 11.12 -28.36
C ARG B 406 -17.01 12.32 -28.88
N ARG B 407 -18.31 12.17 -29.05
CA ARG B 407 -19.16 13.25 -29.55
C ARG B 407 -19.52 14.25 -28.46
N GLY B 408 -19.01 14.02 -27.25
CA GLY B 408 -19.29 14.89 -26.13
C GLY B 408 -20.60 14.53 -25.46
N ILE B 409 -21.06 13.30 -25.66
CA ILE B 409 -22.31 12.83 -25.09
C ILE B 409 -22.04 11.77 -24.03
N GLY B 410 -22.70 11.90 -22.87
CA GLY B 410 -22.47 10.99 -21.77
C GLY B 410 -23.74 10.51 -21.06
N ILE B 411 -23.69 9.28 -20.58
CA ILE B 411 -24.77 8.71 -19.78
C ILE B 411 -24.26 8.53 -18.36
N HIS B 412 -25.17 8.53 -17.39
CA HIS B 412 -24.77 8.27 -16.01
C HIS B 412 -25.90 7.76 -15.13
N HIS B 413 -25.96 6.43 -14.98
CA HIS B 413 -26.89 5.80 -14.05
C HIS B 413 -26.23 4.58 -13.39
N SER B 414 -26.86 4.08 -12.33
CA SER B 414 -26.28 2.99 -11.54
C SER B 414 -26.33 1.64 -12.26
N GLY B 415 -26.92 1.62 -13.45
CA GLY B 415 -26.97 0.41 -14.26
C GLY B 415 -25.68 0.21 -15.02
N LEU B 416 -24.85 1.24 -15.05
CA LEU B 416 -23.56 1.19 -15.73
C LEU B 416 -22.53 0.41 -14.92
N LEU B 417 -21.54 -0.15 -15.61
CA LEU B 417 -20.41 -0.76 -14.93
C LEU B 417 -19.69 0.32 -14.13
N PRO B 418 -19.30 -0.02 -12.89
CA PRO B 418 -18.62 0.94 -12.02
C PRO B 418 -17.48 1.67 -12.73
N ILE B 419 -16.69 0.94 -13.51
CA ILE B 419 -15.57 1.52 -14.22
C ILE B 419 -16.03 2.60 -15.21
N LEU B 420 -17.12 2.34 -15.92
CA LEU B 420 -17.69 3.32 -16.84
C LEU B 420 -18.24 4.50 -16.07
N LYS B 421 -18.98 4.19 -15.00
CA LYS B 421 -19.58 5.20 -14.14
C LYS B 421 -18.51 6.19 -13.68
N GLU B 422 -17.36 5.67 -13.27
CA GLU B 422 -16.29 6.49 -12.73
C GLU B 422 -15.54 7.29 -13.79
N VAL B 423 -15.29 6.67 -14.94
CA VAL B 423 -14.55 7.33 -16.00
C VAL B 423 -15.35 8.48 -16.62
N ILE B 424 -16.65 8.31 -16.70
CA ILE B 424 -17.54 9.35 -17.22
C ILE B 424 -17.57 10.54 -16.26
N GLU B 425 -17.54 10.25 -14.97
CA GLU B 425 -17.47 11.28 -13.95
C GLU B 425 -16.19 12.08 -14.12
N ILE B 426 -15.11 11.39 -14.50
CA ILE B 426 -13.81 12.01 -14.68
C ILE B 426 -13.77 12.87 -15.94
N LEU B 427 -14.43 12.40 -17.00
CA LEU B 427 -14.46 13.14 -18.25
C LEU B 427 -15.30 14.41 -18.15
N PHE B 428 -16.45 14.30 -17.49
CA PHE B 428 -17.30 15.46 -17.27
C PHE B 428 -16.54 16.51 -16.48
N GLN B 429 -15.83 16.07 -15.45
CA GLN B 429 -14.97 16.95 -14.66
C GLN B 429 -13.94 17.63 -15.55
N GLU B 430 -13.57 16.96 -16.63
CA GLU B 430 -12.48 17.42 -17.50
C GLU B 430 -12.99 18.28 -18.66
N GLY B 431 -14.31 18.43 -18.75
CA GLY B 431 -14.92 19.25 -19.77
C GLY B 431 -15.23 18.52 -21.07
N PHE B 432 -14.67 17.32 -21.22
CA PHE B 432 -14.83 16.55 -22.45
C PHE B 432 -16.28 16.10 -22.68
N LEU B 433 -17.14 16.34 -21.70
CA LEU B 433 -18.55 15.99 -21.83
C LEU B 433 -19.43 17.24 -21.79
N LYS B 434 -19.97 17.59 -22.95
CA LYS B 434 -20.76 18.82 -23.11
C LYS B 434 -22.21 18.60 -22.70
N VAL B 435 -22.71 17.39 -22.94
CA VAL B 435 -24.09 17.04 -22.58
C VAL B 435 -24.13 15.72 -21.83
N LEU B 436 -24.69 15.75 -20.63
CA LEU B 436 -24.78 14.56 -19.80
C LEU B 436 -26.23 14.20 -19.46
N PHE B 437 -26.66 13.03 -19.89
CA PHE B 437 -27.98 12.51 -19.54
C PHE B 437 -27.86 11.62 -18.31
N ALA B 438 -28.20 12.17 -17.15
CA ALA B 438 -27.99 11.47 -15.90
C ALA B 438 -29.27 11.26 -15.10
N THR B 439 -29.15 10.54 -13.99
CA THR B 439 -30.25 10.36 -13.06
C THR B 439 -29.97 11.19 -11.81
N GLU B 440 -30.72 10.93 -10.75
CA GLU B 440 -30.55 11.68 -9.50
C GLU B 440 -29.29 11.25 -8.75
N THR B 441 -28.22 10.99 -9.49
CA THR B 441 -26.96 10.54 -8.91
C THR B 441 -25.91 11.64 -8.89
N PHE B 442 -25.70 12.27 -10.04
CA PHE B 442 -24.61 13.22 -10.22
C PHE B 442 -24.82 14.50 -9.41
N SER B 443 -25.82 14.52 -8.55
CA SER B 443 -26.12 15.68 -7.72
C SER B 443 -25.11 15.81 -6.58
N ILE B 444 -24.20 14.84 -6.49
CA ILE B 444 -23.18 14.86 -5.45
C ILE B 444 -21.81 14.55 -6.05
N GLY B 445 -20.81 15.33 -5.66
CA GLY B 445 -19.48 15.19 -6.21
C GLY B 445 -19.31 15.99 -7.48
N PRO B 449 -21.60 19.72 -11.44
CA PRO B 449 -20.50 20.46 -12.06
C PRO B 449 -20.89 21.01 -13.44
N ALA B 450 -22.08 21.59 -13.54
CA ALA B 450 -22.57 22.07 -14.82
C ALA B 450 -23.01 23.53 -14.79
N LYS B 451 -23.13 24.12 -15.97
CA LYS B 451 -23.59 25.49 -16.11
C LYS B 451 -25.11 25.53 -16.20
N THR B 452 -25.68 24.48 -16.79
CA THR B 452 -27.12 24.42 -17.01
C THR B 452 -27.69 23.08 -16.54
N VAL B 453 -28.84 23.15 -15.87
CA VAL B 453 -29.55 21.96 -15.42
C VAL B 453 -30.92 21.88 -16.09
N VAL B 454 -31.24 20.72 -16.64
CA VAL B 454 -32.52 20.52 -17.33
C VAL B 454 -33.32 19.38 -16.74
N PHE B 455 -34.52 19.67 -16.26
CA PHE B 455 -35.40 18.65 -15.72
C PHE B 455 -36.44 18.24 -16.75
N THR B 456 -36.93 17.01 -16.63
CA THR B 456 -37.94 16.50 -17.54
C THR B 456 -39.20 16.09 -16.79
N SER B 457 -39.33 16.61 -15.57
CA SER B 457 -40.51 16.37 -14.75
C SER B 457 -40.53 17.35 -13.58
N VAL B 458 -41.53 18.23 -13.58
CA VAL B 458 -41.69 19.27 -12.56
C VAL B 458 -40.60 19.24 -11.49
N VAL B 469 -43.39 18.24 -6.97
CA VAL B 469 -42.15 18.58 -6.29
C VAL B 469 -42.33 19.77 -5.34
N SER B 470 -41.86 19.61 -4.11
CA SER B 470 -42.01 20.65 -3.09
C SER B 470 -40.86 21.65 -3.14
N GLY B 471 -40.97 22.70 -2.34
CA GLY B 471 -39.95 23.74 -2.28
C GLY B 471 -38.58 23.19 -1.89
N GLY B 472 -38.47 22.68 -0.67
CA GLY B 472 -37.23 22.13 -0.18
C GLY B 472 -36.56 21.20 -1.17
N GLU B 473 -37.38 20.41 -1.87
CA GLU B 473 -36.87 19.49 -2.88
C GLU B 473 -36.14 20.24 -4.00
N TYR B 474 -36.86 21.13 -4.67
CA TYR B 474 -36.31 21.89 -5.80
C TYR B 474 -35.03 22.62 -5.42
N ILE B 475 -34.99 23.15 -4.21
CA ILE B 475 -33.84 23.92 -3.73
C ILE B 475 -32.53 23.17 -3.95
N GLN B 476 -32.55 21.86 -3.73
CA GLN B 476 -31.33 21.05 -3.79
C GLN B 476 -31.09 20.47 -5.18
N MET B 477 -32.15 20.44 -5.99
CA MET B 477 -32.02 19.99 -7.37
C MET B 477 -31.29 21.05 -8.17
N SER B 478 -31.86 22.25 -8.21
CA SER B 478 -31.17 23.40 -8.77
C SER B 478 -29.99 23.74 -7.85
N GLY B 479 -28.93 24.29 -8.43
CA GLY B 479 -27.72 24.54 -7.68
C GLY B 479 -26.62 23.64 -8.20
N ARG B 480 -27.01 22.59 -8.91
CA ARG B 480 -26.06 21.76 -9.63
C ARG B 480 -25.59 22.53 -10.84
N ALA B 481 -26.35 23.56 -11.21
CA ALA B 481 -25.96 24.48 -12.26
C ALA B 481 -25.28 25.69 -11.64
N GLY B 482 -24.42 26.35 -12.41
CA GLY B 482 -23.67 27.49 -11.91
C GLY B 482 -22.39 27.04 -11.24
N ARG B 483 -21.25 27.41 -11.83
CA ARG B 483 -19.95 27.03 -11.32
C ARG B 483 -19.18 28.24 -10.83
N ARG B 484 -18.62 28.12 -9.64
CA ARG B 484 -17.99 29.24 -8.94
C ARG B 484 -17.01 30.02 -9.81
N GLY B 485 -16.07 29.31 -10.42
CA GLY B 485 -15.06 29.96 -11.23
C GLY B 485 -15.46 30.23 -12.67
N LEU B 486 -16.15 29.30 -13.29
CA LEU B 486 -16.41 29.35 -14.73
C LEU B 486 -17.49 30.33 -15.17
N ASP B 487 -18.61 30.36 -14.44
CA ASP B 487 -19.79 31.09 -14.91
C ASP B 487 -20.22 32.22 -13.99
N ASP B 488 -21.12 33.06 -14.50
CA ASP B 488 -21.67 34.17 -13.72
C ASP B 488 -23.14 33.94 -13.40
N ARG B 489 -23.72 32.91 -14.00
CA ARG B 489 -25.11 32.56 -13.74
C ARG B 489 -25.36 31.08 -13.98
N GLY B 490 -26.26 30.51 -13.19
CA GLY B 490 -26.66 29.12 -13.37
C GLY B 490 -28.01 29.05 -14.06
N ILE B 491 -28.12 28.17 -15.04
CA ILE B 491 -29.35 28.07 -15.81
C ILE B 491 -30.14 26.82 -15.44
N VAL B 492 -31.34 27.02 -14.90
CA VAL B 492 -32.24 25.91 -14.63
C VAL B 492 -33.41 25.95 -15.62
N ILE B 493 -33.81 24.78 -16.10
CA ILE B 493 -34.84 24.70 -17.14
C ILE B 493 -35.83 23.57 -16.89
N MET B 494 -37.01 23.93 -16.39
CA MET B 494 -38.05 22.94 -16.10
C MET B 494 -38.96 22.67 -17.29
N MET B 495 -39.09 21.41 -17.66
CA MET B 495 -40.06 20.99 -18.68
C MET B 495 -41.36 20.59 -18.02
N ILE B 496 -42.42 21.33 -18.30
CA ILE B 496 -43.71 21.10 -17.66
C ILE B 496 -44.76 20.61 -18.65
N ASP B 497 -45.77 19.89 -18.16
CA ASP B 497 -46.74 19.23 -19.03
C ASP B 497 -48.17 19.76 -18.88
N GLU B 498 -48.51 20.28 -17.71
CA GLU B 498 -49.87 20.79 -17.49
C GLU B 498 -49.92 22.14 -16.77
N LYS B 499 -51.09 22.47 -16.22
CA LYS B 499 -51.34 23.80 -15.67
C LYS B 499 -50.95 23.93 -14.19
N MET B 500 -50.42 25.11 -13.85
CA MET B 500 -50.03 25.40 -12.47
C MET B 500 -50.56 26.77 -12.07
N GLU B 501 -50.64 27.01 -10.76
CA GLU B 501 -51.10 28.30 -10.24
C GLU B 501 -49.93 29.09 -9.67
N PRO B 502 -50.04 30.43 -9.65
CA PRO B 502 -49.01 31.31 -9.10
C PRO B 502 -48.74 31.02 -7.62
N GLN B 503 -49.51 30.12 -7.03
CA GLN B 503 -49.33 29.74 -5.63
C GLN B 503 -48.45 28.49 -5.52
N VAL B 504 -48.51 27.65 -6.54
CA VAL B 504 -47.67 26.45 -6.60
C VAL B 504 -46.35 26.79 -7.29
N ALA B 505 -46.40 27.76 -8.19
CA ALA B 505 -45.20 28.22 -8.89
C ALA B 505 -44.15 28.71 -7.90
N LYS B 506 -44.51 29.71 -7.12
CA LYS B 506 -43.60 30.26 -6.12
C LYS B 506 -43.35 29.23 -5.02
N GLY B 507 -44.25 28.27 -4.91
CA GLY B 507 -44.13 27.22 -3.90
C GLY B 507 -43.02 26.25 -4.20
N MET B 508 -42.60 26.20 -5.45
CA MET B 508 -41.55 25.28 -5.88
C MET B 508 -40.23 25.99 -6.15
N VAL B 509 -40.28 26.97 -7.06
CA VAL B 509 -39.06 27.65 -7.50
C VAL B 509 -38.58 28.69 -6.49
N LYS B 510 -39.34 28.90 -5.43
CA LYS B 510 -38.94 29.80 -4.37
C LYS B 510 -39.21 29.19 -2.99
N GLY B 511 -39.57 27.91 -2.99
CA GLY B 511 -39.90 27.20 -1.76
C GLY B 511 -38.86 27.35 -0.67
N GLN B 512 -39.29 27.21 0.57
CA GLN B 512 -38.40 27.32 1.72
C GLN B 512 -37.65 26.01 1.97
N ALA B 513 -36.60 26.07 2.78
CA ALA B 513 -35.78 24.90 3.07
C ALA B 513 -36.53 23.88 3.92
N ASP B 514 -36.12 22.62 3.81
CA ASP B 514 -36.76 21.53 4.54
C ASP B 514 -36.15 21.32 5.92
N ARG B 515 -37.00 20.99 6.89
CA ARG B 515 -36.55 20.71 8.24
C ARG B 515 -35.77 19.41 8.31
N LEU B 516 -34.84 19.33 9.26
CA LEU B 516 -34.13 18.09 9.53
C LEU B 516 -34.90 17.32 10.60
N ASP B 517 -35.81 16.46 10.17
CA ASP B 517 -36.63 15.68 11.10
C ASP B 517 -36.07 14.28 11.29
N SER B 518 -36.14 13.79 12.53
CA SER B 518 -35.61 12.48 12.88
C SER B 518 -36.42 11.35 12.27
N ALA B 519 -35.71 10.38 11.67
CA ALA B 519 -36.35 9.19 11.14
C ALA B 519 -35.91 7.98 11.95
N PHE B 520 -35.69 8.21 13.24
CA PHE B 520 -35.20 7.17 14.14
C PHE B 520 -36.22 6.04 14.30
N HIS B 521 -35.72 4.81 14.21
CA HIS B 521 -36.55 3.63 14.45
C HIS B 521 -35.69 2.45 14.90
N LEU B 522 -36.32 1.51 15.61
CA LEU B 522 -35.60 0.39 16.21
C LEU B 522 -35.25 -0.71 15.20
N GLY B 523 -34.17 -1.42 15.49
CA GLY B 523 -33.76 -2.58 14.70
C GLY B 523 -33.25 -3.66 15.64
N TYR B 524 -33.39 -4.92 15.23
CA TYR B 524 -32.97 -6.03 16.08
C TYR B 524 -31.46 -6.02 16.30
N ASN B 525 -30.71 -5.75 15.25
CA ASN B 525 -29.26 -5.63 15.35
C ASN B 525 -28.88 -4.59 16.39
N MET B 526 -29.49 -3.42 16.26
CA MET B 526 -29.27 -2.30 17.18
C MET B 526 -29.65 -2.66 18.62
N ILE B 527 -30.84 -3.25 18.79
CA ILE B 527 -31.30 -3.64 20.11
C ILE B 527 -30.37 -4.67 20.75
N LEU B 528 -30.06 -5.71 19.99
CA LEU B 528 -29.17 -6.78 20.46
C LEU B 528 -27.80 -6.26 20.87
N ASN B 529 -27.24 -5.36 20.08
CA ASN B 529 -25.94 -4.77 20.40
C ASN B 529 -25.98 -3.94 21.67
N LEU B 530 -27.05 -3.18 21.86
CA LEU B 530 -27.23 -2.37 23.05
C LEU B 530 -27.35 -3.25 24.30
N MET B 531 -27.96 -4.42 24.13
CA MET B 531 -28.06 -5.39 25.21
C MET B 531 -26.68 -5.94 25.56
N ARG B 532 -25.91 -6.26 24.53
CA ARG B 532 -24.59 -6.88 24.70
C ARG B 532 -23.60 -5.97 25.43
N VAL B 533 -23.54 -4.71 25.02
CA VAL B 533 -22.58 -3.77 25.59
C VAL B 533 -22.92 -3.36 27.03
N GLU B 534 -21.88 -3.19 27.85
CA GLU B 534 -22.03 -2.93 29.28
C GLU B 534 -22.57 -1.53 29.60
N GLY B 535 -21.96 -0.52 28.99
CA GLY B 535 -22.26 0.86 29.34
C GLY B 535 -23.61 1.39 28.92
N ILE B 536 -24.27 0.72 27.98
CA ILE B 536 -25.50 1.25 27.40
C ILE B 536 -26.65 0.25 27.34
N SER B 537 -27.80 0.71 26.87
CA SER B 537 -29.00 -0.12 26.74
C SER B 537 -29.93 0.46 25.69
N PRO B 538 -30.91 -0.32 25.24
CA PRO B 538 -31.90 0.16 24.27
C PRO B 538 -32.64 1.40 24.75
N GLU B 539 -32.99 1.43 26.03
CA GLU B 539 -33.66 2.61 26.61
C GLU B 539 -32.78 3.84 26.51
N PHE B 540 -31.47 3.63 26.72
CA PHE B 540 -30.50 4.71 26.61
C PHE B 540 -30.53 5.35 25.22
N MET B 541 -30.59 4.50 24.20
CA MET B 541 -30.61 4.97 22.82
C MET B 541 -31.84 5.83 22.55
N LEU B 542 -32.99 5.37 23.01
CA LEU B 542 -34.25 6.08 22.79
C LEU B 542 -34.24 7.46 23.43
N GLU B 543 -33.66 7.57 24.62
CA GLU B 543 -33.63 8.83 25.35
C GLU B 543 -32.67 9.84 24.73
N HIS B 544 -31.62 9.32 24.07
CA HIS B 544 -30.60 10.17 23.49
C HIS B 544 -30.85 10.43 22.00
N SER B 545 -31.90 9.84 21.48
CA SER B 545 -32.25 10.01 20.06
C SER B 545 -32.70 11.44 19.80
N PHE B 546 -32.46 11.91 18.58
CA PHE B 546 -32.91 13.23 18.17
C PHE B 546 -34.44 13.27 18.12
N PHE B 547 -35.03 12.12 17.84
CA PHE B 547 -36.47 11.97 17.83
C PHE B 547 -37.04 12.34 19.19
N GLN B 548 -36.46 11.76 20.24
CA GLN B 548 -36.88 12.05 21.61
C GLN B 548 -36.62 13.51 21.98
N PHE B 549 -35.51 14.05 21.50
CA PHE B 549 -35.15 15.44 21.79
C PHE B 549 -36.15 16.40 21.15
N GLN B 550 -36.55 16.12 19.92
CA GLN B 550 -37.50 16.97 19.21
C GLN B 550 -38.87 16.96 19.88
N ASN B 551 -39.27 15.81 20.42
CA ASN B 551 -40.51 15.73 21.18
C ASN B 551 -40.45 16.66 22.40
N VAL B 552 -39.39 16.51 23.19
CA VAL B 552 -39.21 17.30 24.40
C VAL B 552 -39.19 18.81 24.12
N ILE B 553 -38.52 19.19 23.04
CA ILE B 553 -38.37 20.61 22.72
C ILE B 553 -39.68 21.24 22.26
N SER B 554 -40.65 20.40 21.89
CA SER B 554 -41.92 20.89 21.38
C SER B 554 -42.96 21.09 22.49
N VAL B 555 -42.72 20.46 23.64
CA VAL B 555 -43.65 20.57 24.77
C VAL B 555 -43.90 22.03 25.15
N PRO B 556 -42.84 22.82 25.38
CA PRO B 556 -43.03 24.23 25.70
C PRO B 556 -43.74 24.97 24.57
N VAL B 557 -43.49 24.55 23.34
CA VAL B 557 -44.12 25.16 22.17
C VAL B 557 -45.63 24.94 22.20
N MET B 558 -46.04 23.71 22.53
CA MET B 558 -47.46 23.38 22.61
C MET B 558 -48.13 24.07 23.79
N GLU B 559 -47.37 24.32 24.85
CA GLU B 559 -47.91 24.99 26.02
C GLU B 559 -48.10 26.48 25.78
N LYS B 560 -47.25 27.07 24.95
CA LYS B 560 -47.39 28.47 24.58
C LYS B 560 -48.71 28.68 23.84
N LYS B 561 -49.12 27.67 23.08
CA LYS B 561 -50.36 27.74 22.31
C LYS B 561 -51.57 27.33 23.15
N LEU B 562 -51.32 26.73 24.31
CA LEU B 562 -52.41 26.35 25.20
C LEU B 562 -52.85 27.53 26.06
N ALA B 563 -51.87 28.25 26.60
CA ALA B 563 -52.15 29.46 27.36
C ALA B 563 -52.63 30.56 26.42
N GLU B 564 -52.50 30.29 25.13
CA GLU B 564 -52.93 31.23 24.10
C GLU B 564 -54.37 30.93 23.68
N LEU B 565 -54.70 29.64 23.61
CA LEU B 565 -56.07 29.21 23.31
C LEU B 565 -56.97 29.46 24.50
N LYS B 566 -56.39 29.41 25.70
CA LYS B 566 -57.15 29.59 26.93
C LYS B 566 -57.48 31.06 27.18
N LYS B 567 -56.73 31.95 26.54
CA LYS B 567 -56.99 33.38 26.64
C LYS B 567 -58.18 33.75 25.77
N ASP B 568 -58.21 33.19 24.56
CA ASP B 568 -59.31 33.42 23.64
C ASP B 568 -60.59 32.81 24.19
N PHE B 569 -60.46 31.64 24.80
CA PHE B 569 -61.58 30.93 25.39
C PHE B 569 -62.19 31.73 26.55
N ASP B 570 -61.35 32.16 27.47
CA ASP B 570 -61.80 32.93 28.63
C ASP B 570 -62.22 34.34 28.22
N GLY B 571 -61.96 34.69 26.97
CA GLY B 571 -62.33 35.99 26.44
C GLY B 571 -63.78 36.02 26.00
N ILE B 572 -64.23 34.92 25.39
CA ILE B 572 -65.61 34.82 24.93
C ILE B 572 -66.58 34.71 26.09
N GLU B 573 -67.19 35.83 26.45
CA GLU B 573 -68.23 35.83 27.48
C GLU B 573 -69.58 35.49 26.85
N VAL B 574 -70.21 34.45 27.34
CA VAL B 574 -71.49 34.02 26.79
C VAL B 574 -72.68 34.53 27.60
N GLU B 575 -73.32 35.58 27.09
CA GLU B 575 -74.63 35.97 27.59
C GLU B 575 -75.55 34.81 27.24
N ASP B 576 -76.58 34.60 28.05
CA ASP B 576 -77.52 33.49 27.89
C ASP B 576 -77.10 32.23 28.65
N GLU B 577 -76.19 32.41 29.60
CA GLU B 577 -75.81 31.36 30.55
C GLU B 577 -75.62 29.98 29.93
N GLU B 578 -76.16 28.96 30.60
CA GLU B 578 -75.98 27.58 30.18
C GLU B 578 -77.16 27.07 29.37
N ASN B 579 -78.11 27.95 29.07
CA ASN B 579 -79.24 27.58 28.22
C ASN B 579 -78.82 27.29 26.79
N VAL B 580 -77.85 28.07 26.30
CA VAL B 580 -77.32 27.86 24.96
C VAL B 580 -76.42 26.62 24.96
N LYS B 581 -75.73 26.39 26.08
CA LYS B 581 -74.94 25.19 26.26
C LYS B 581 -75.89 24.00 26.31
N GLU B 582 -76.95 24.15 27.10
CA GLU B 582 -77.99 23.16 27.22
C GLU B 582 -78.63 22.92 25.85
N TYR B 583 -78.74 23.98 25.06
CA TYR B 583 -79.30 23.90 23.72
C TYR B 583 -78.30 23.23 22.79
N HIS B 584 -77.02 23.51 23.00
CA HIS B 584 -75.95 22.98 22.16
C HIS B 584 -75.81 21.48 22.34
N GLU B 585 -75.83 21.03 23.59
CA GLU B 585 -75.70 19.61 23.89
C GLU B 585 -76.77 18.79 23.17
N ILE B 586 -78.01 19.26 23.23
CA ILE B 586 -79.13 18.54 22.62
C ILE B 586 -78.94 18.35 21.12
N GLU B 587 -78.65 19.43 20.42
CA GLU B 587 -78.45 19.38 18.97
C GLU B 587 -77.39 18.35 18.60
N GLN B 588 -76.37 18.22 19.43
CA GLN B 588 -75.32 17.24 19.22
C GLN B 588 -75.87 15.83 19.35
N ALA B 589 -76.54 15.56 20.45
CA ALA B 589 -77.17 14.27 20.68
C ALA B 589 -78.08 13.92 19.51
N ILE B 590 -78.81 14.91 19.02
CA ILE B 590 -79.71 14.73 17.89
C ILE B 590 -78.93 14.47 16.61
N LYS B 591 -77.79 15.15 16.47
CA LYS B 591 -76.96 15.02 15.28
C LYS B 591 -76.32 13.63 15.21
N GLY B 592 -76.11 13.03 16.37
CA GLY B 592 -75.57 11.69 16.43
C GLY B 592 -76.56 10.65 15.94
N TYR B 593 -77.77 10.69 16.50
CA TYR B 593 -78.80 9.73 16.14
C TYR B 593 -79.16 9.82 14.65
N ARG B 594 -79.21 11.03 14.12
CA ARG B 594 -79.50 11.23 12.70
C ARG B 594 -78.52 10.46 11.81
N GLU B 595 -77.33 10.23 12.34
CA GLU B 595 -76.31 9.44 11.63
C GLU B 595 -76.68 7.96 11.67
N ASP B 596 -77.11 7.49 12.85
CA ASP B 596 -77.54 6.12 13.02
C ASP B 596 -78.65 5.80 12.02
N VAL B 597 -79.57 6.75 11.86
CA VAL B 597 -80.65 6.61 10.88
C VAL B 597 -80.07 6.51 9.47
N ARG B 598 -79.10 7.37 9.19
CA ARG B 598 -78.50 7.47 7.87
C ARG B 598 -77.90 6.14 7.41
N GLN B 599 -77.21 5.46 8.31
CA GLN B 599 -76.58 4.18 7.98
C GLN B 599 -77.63 3.12 7.68
N VAL B 600 -78.75 3.18 8.38
CA VAL B 600 -79.84 2.24 8.19
C VAL B 600 -80.63 2.53 6.91
N VAL B 601 -80.83 3.81 6.65
CA VAL B 601 -81.60 4.25 5.47
C VAL B 601 -80.85 3.96 4.18
N THR B 602 -79.53 3.90 4.26
CA THR B 602 -78.70 3.71 3.07
C THR B 602 -78.28 2.27 2.83
N HIS B 603 -78.54 1.40 3.80
CA HIS B 603 -78.23 -0.02 3.66
C HIS B 603 -78.98 -0.61 2.46
N PRO B 604 -78.32 -1.51 1.72
CA PRO B 604 -78.85 -2.12 0.50
C PRO B 604 -80.33 -2.50 0.60
N ALA B 605 -80.68 -3.31 1.58
CA ALA B 605 -82.06 -3.80 1.73
C ALA B 605 -83.09 -2.70 1.59
N ASN B 606 -82.79 -1.51 2.11
CA ASN B 606 -83.73 -0.41 2.11
C ASN B 606 -83.49 0.59 0.98
N ALA B 607 -82.30 0.54 0.40
CA ALA B 607 -81.91 1.51 -0.62
C ALA B 607 -82.63 1.27 -1.95
N LEU B 608 -82.33 0.14 -2.58
CA LEU B 608 -82.90 -0.19 -3.88
C LEU B 608 -84.43 -0.30 -3.80
N PRO B 747 -88.35 7.36 4.74
CA PRO B 747 -88.11 6.69 6.01
C PRO B 747 -89.16 5.62 6.26
N VAL B 748 -89.94 5.80 7.33
CA VAL B 748 -91.00 4.86 7.68
C VAL B 748 -92.11 4.84 6.63
N LYS B 749 -92.65 6.01 6.31
CA LYS B 749 -93.84 6.12 5.49
C LYS B 749 -93.59 5.86 3.99
N ASN B 750 -92.40 6.19 3.52
CA ASN B 750 -92.10 6.08 2.10
C ASN B 750 -91.28 4.85 1.72
N MET B 751 -90.60 4.25 2.69
CA MET B 751 -89.78 3.07 2.44
C MET B 751 -90.14 1.92 3.39
N LYS B 752 -91.18 2.12 4.17
CA LYS B 752 -91.73 1.09 5.06
C LYS B 752 -90.74 0.49 6.05
N ILE B 753 -89.67 1.23 6.35
CA ILE B 753 -88.72 0.79 7.38
C ILE B 753 -89.38 0.94 8.75
N GLU B 754 -89.80 -0.19 9.32
CA GLU B 754 -90.61 -0.16 10.54
C GLU B 754 -90.11 -1.08 11.66
N ASP B 755 -88.86 -1.53 11.57
CA ASP B 755 -88.29 -2.36 12.62
C ASP B 755 -88.43 -1.68 13.98
N GLU B 756 -88.72 -2.45 15.01
CA GLU B 756 -88.91 -1.91 16.36
C GLU B 756 -87.69 -1.14 16.83
N ASP B 757 -86.50 -1.63 16.48
CA ASP B 757 -85.26 -1.00 16.87
C ASP B 757 -85.04 0.33 16.16
N PHE B 758 -85.46 0.40 14.89
CA PHE B 758 -85.35 1.63 14.12
C PHE B 758 -86.39 2.65 14.57
N LEU B 759 -87.53 2.15 15.06
CA LEU B 759 -88.58 3.02 15.57
C LEU B 759 -88.22 3.53 16.96
N LYS B 760 -87.55 2.70 17.74
CA LYS B 760 -87.08 3.10 19.06
C LYS B 760 -86.07 4.22 18.89
N LEU B 761 -85.26 4.12 17.84
CA LEU B 761 -84.29 5.15 17.51
C LEU B 761 -84.98 6.47 17.17
N MET B 762 -85.92 6.41 16.22
CA MET B 762 -86.63 7.60 15.78
C MET B 762 -87.27 8.37 16.93
N LYS B 763 -87.73 7.65 17.93
CA LYS B 763 -88.38 8.27 19.08
C LYS B 763 -87.39 9.02 19.95
N LYS B 764 -86.17 8.49 20.07
CA LYS B 764 -85.11 9.15 20.80
C LYS B 764 -84.92 10.57 20.28
N ILE B 765 -84.99 10.70 18.96
CA ILE B 765 -84.85 11.99 18.30
C ILE B 765 -86.06 12.88 18.58
N ASP B 766 -87.24 12.28 18.60
CA ASP B 766 -88.48 13.01 18.83
C ASP B 766 -88.55 13.54 20.26
N VAL B 767 -87.99 12.79 21.20
CA VAL B 767 -87.97 13.20 22.60
C VAL B 767 -87.02 14.38 22.81
N LEU B 768 -85.87 14.32 22.15
CA LEU B 768 -84.87 15.39 22.24
C LEU B 768 -85.35 16.65 21.55
N ASN B 769 -86.17 16.49 20.52
CA ASN B 769 -86.70 17.62 19.77
C ASN B 769 -87.75 18.42 20.55
N THR B 770 -88.51 17.73 21.39
CA THR B 770 -89.53 18.38 22.20
C THR B 770 -88.93 18.96 23.48
N LYS B 771 -87.80 18.37 23.91
CA LYS B 771 -87.05 18.92 25.03
C LYS B 771 -86.32 20.16 24.53
N LEU B 772 -86.00 20.16 23.25
CA LEU B 772 -85.36 21.29 22.61
C LEU B 772 -86.32 22.48 22.55
N SER B 773 -87.61 22.18 22.49
CA SER B 773 -88.64 23.21 22.38
C SER B 773 -88.99 23.81 23.73
N SER B 774 -88.68 23.11 24.81
CA SER B 774 -88.89 23.63 26.15
C SER B 774 -87.93 24.77 26.43
N ASN B 775 -86.77 24.70 25.79
CA ASN B 775 -85.72 25.70 25.99
C ASN B 775 -86.16 27.09 25.55
N PRO B 776 -86.12 28.06 26.47
CA PRO B 776 -86.53 29.45 26.24
C PRO B 776 -85.88 30.07 25.01
N LEU B 777 -84.76 29.51 24.57
CA LEU B 777 -83.98 30.12 23.49
C LEU B 777 -84.51 29.82 22.09
N THR B 778 -85.51 28.95 21.98
CA THR B 778 -86.12 28.67 20.68
C THR B 778 -86.94 29.87 20.21
N ASN B 779 -87.33 30.71 21.16
CA ASN B 779 -88.11 31.90 20.86
C ASN B 779 -87.25 33.16 20.88
N SER B 780 -85.98 33.00 21.24
CA SER B 780 -85.06 34.13 21.34
C SER B 780 -84.62 34.63 19.97
N MET B 781 -84.64 35.96 19.80
CA MET B 781 -84.20 36.57 18.54
C MET B 781 -82.68 36.55 18.41
N ARG B 782 -82.00 36.06 19.44
CA ARG B 782 -80.55 36.10 19.48
C ARG B 782 -79.94 34.70 19.39
N LEU B 783 -80.79 33.68 19.32
CA LEU B 783 -80.33 32.30 19.30
C LEU B 783 -79.13 32.12 18.38
N GLU B 784 -79.27 32.60 17.15
CA GLU B 784 -78.21 32.48 16.14
C GLU B 784 -76.85 32.93 16.68
N GLU B 785 -76.76 34.20 17.06
CA GLU B 785 -75.50 34.76 17.53
C GLU B 785 -74.99 34.10 18.80
N LEU B 786 -75.89 33.86 19.76
CA LEU B 786 -75.51 33.22 21.01
C LEU B 786 -75.01 31.81 20.77
N TYR B 787 -75.68 31.08 19.88
CA TYR B 787 -75.28 29.72 19.55
C TYR B 787 -73.92 29.71 18.87
N GLY B 788 -73.69 30.68 17.99
CA GLY B 788 -72.43 30.79 17.29
C GLY B 788 -71.25 31.01 18.23
N LYS B 789 -71.45 31.86 19.22
CA LYS B 789 -70.41 32.16 20.20
C LYS B 789 -70.04 30.90 20.99
N TYR B 790 -71.04 30.28 21.63
CA TYR B 790 -70.80 29.07 22.41
C TYR B 790 -70.25 27.95 21.52
N SER B 791 -70.58 28.01 20.23
CA SER B 791 -70.04 27.04 19.27
C SER B 791 -68.53 27.25 19.14
N ARG B 792 -68.12 28.49 18.93
CA ARG B 792 -66.70 28.82 18.86
C ARG B 792 -66.01 28.46 20.17
N LYS B 793 -66.64 28.84 21.28
CA LYS B 793 -66.10 28.57 22.61
C LYS B 793 -65.89 27.07 22.79
N HIS B 794 -66.86 26.28 22.34
CA HIS B 794 -66.79 24.83 22.46
C HIS B 794 -65.62 24.27 21.66
N ASP B 795 -65.49 24.71 20.42
CA ASP B 795 -64.38 24.29 19.57
C ASP B 795 -63.04 24.50 20.28
N LEU B 796 -62.80 25.73 20.72
CA LEU B 796 -61.58 26.06 21.44
C LEU B 796 -61.36 25.11 22.61
N HIS B 797 -62.46 24.75 23.27
CA HIS B 797 -62.39 23.80 24.38
C HIS B 797 -61.95 22.43 23.89
N GLU B 798 -62.51 22.00 22.76
CA GLU B 798 -62.13 20.71 22.17
C GLU B 798 -60.69 20.69 21.69
N ASP B 799 -60.20 21.85 21.24
CA ASP B 799 -58.81 21.98 20.83
C ASP B 799 -57.89 21.82 22.03
N MET B 800 -58.17 22.55 23.10
CA MET B 800 -57.38 22.45 24.32
C MET B 800 -57.40 21.04 24.87
N LYS B 801 -58.51 20.33 24.64
CA LYS B 801 -58.66 18.96 25.10
C LYS B 801 -57.65 18.05 24.40
N GLN B 802 -57.28 18.43 23.18
CA GLN B 802 -56.33 17.65 22.39
C GLN B 802 -54.88 18.06 22.64
N LEU B 803 -54.63 19.36 22.74
CA LEU B 803 -53.30 19.85 23.04
C LEU B 803 -52.75 19.22 24.32
N LYS B 804 -53.63 18.99 25.28
CA LYS B 804 -53.22 18.39 26.55
C LYS B 804 -52.93 16.90 26.41
N ARG B 805 -53.68 16.21 25.54
CA ARG B 805 -53.39 14.83 25.26
C ARG B 805 -52.00 14.70 24.67
N LYS B 806 -51.66 15.61 23.77
CA LYS B 806 -50.37 15.57 23.09
C LYS B 806 -49.19 15.89 24.02
N ILE B 807 -49.41 16.78 24.98
CA ILE B 807 -48.35 17.12 25.93
C ILE B 807 -48.13 15.96 26.90
N SER B 808 -49.11 15.08 27.01
CA SER B 808 -49.02 13.95 27.93
C SER B 808 -48.46 12.70 27.23
N GLU B 809 -48.72 12.58 25.94
CA GLU B 809 -48.15 11.48 25.17
C GLU B 809 -46.66 11.71 24.92
N SER B 810 -46.29 12.98 24.78
CA SER B 810 -44.89 13.34 24.60
C SER B 810 -44.12 13.18 25.90
N GLN B 811 -44.85 13.10 27.01
CA GLN B 811 -44.24 12.89 28.32
C GLN B 811 -43.49 11.56 28.35
N ALA B 812 -44.12 10.53 27.81
CA ALA B 812 -43.52 9.21 27.77
C ALA B 812 -42.42 9.13 26.72
N VAL B 813 -41.36 8.38 27.02
CA VAL B 813 -40.25 8.21 26.09
C VAL B 813 -40.71 7.50 24.82
N ILE B 814 -40.21 7.96 23.68
CA ILE B 814 -40.70 7.53 22.37
C ILE B 814 -40.42 6.06 22.02
N GLN B 815 -41.42 5.43 21.41
CA GLN B 815 -41.29 4.09 20.83
C GLN B 815 -40.94 2.99 21.84
N LEU B 816 -41.52 3.06 23.02
CA LEU B 816 -41.33 2.02 24.02
C LEU B 816 -42.23 0.81 23.75
N ASP B 817 -43.39 1.07 23.14
CA ASP B 817 -44.29 -0.01 22.75
C ASP B 817 -43.65 -0.89 21.69
N ASP B 818 -42.93 -0.26 20.77
CA ASP B 818 -42.23 -0.98 19.71
C ASP B 818 -41.12 -1.84 20.29
N LEU B 819 -40.38 -1.26 21.24
CA LEU B 819 -39.29 -1.97 21.90
C LEU B 819 -39.79 -3.22 22.61
N ARG B 820 -40.90 -3.08 23.32
CA ARG B 820 -41.48 -4.20 24.07
C ARG B 820 -41.83 -5.36 23.13
N ARG B 821 -42.34 -5.03 21.95
CA ARG B 821 -42.76 -6.05 20.99
C ARG B 821 -41.57 -6.75 20.35
N ARG B 822 -40.58 -5.97 19.92
CA ARG B 822 -39.39 -6.54 19.31
C ARG B 822 -38.64 -7.45 20.29
N LYS B 823 -38.66 -7.08 21.57
CA LYS B 823 -38.02 -7.90 22.59
C LYS B 823 -38.65 -9.28 22.67
N ARG B 824 -39.97 -9.33 22.58
CA ARG B 824 -40.67 -10.62 22.62
C ARG B 824 -40.24 -11.48 21.45
N VAL B 825 -40.03 -10.85 20.29
CA VAL B 825 -39.56 -11.57 19.12
C VAL B 825 -38.17 -12.15 19.36
N LEU B 826 -37.30 -11.35 19.98
CA LEU B 826 -35.96 -11.80 20.31
C LEU B 826 -36.00 -12.93 21.34
N ARG B 827 -36.94 -12.86 22.26
CA ARG B 827 -37.07 -13.87 23.31
C ARG B 827 -37.62 -15.18 22.77
N ARG B 828 -38.56 -15.10 21.85
CA ARG B 828 -39.19 -16.30 21.30
C ARG B 828 -38.26 -17.08 20.37
N LEU B 829 -37.32 -16.37 19.75
CA LEU B 829 -36.37 -17.02 18.85
C LEU B 829 -35.13 -17.51 19.60
N GLY B 830 -34.94 -17.02 20.82
CA GLY B 830 -33.84 -17.46 21.66
C GLY B 830 -32.58 -16.64 21.48
N PHE B 831 -32.72 -15.44 20.95
CA PHE B 831 -31.59 -14.54 20.74
C PHE B 831 -31.13 -13.92 22.05
N CYS B 832 -32.05 -13.81 23.00
CA CYS B 832 -31.72 -13.33 24.34
C CYS B 832 -32.65 -13.96 25.38
N THR B 833 -32.18 -14.04 26.62
CA THR B 833 -32.94 -14.65 27.71
C THR B 833 -34.17 -13.81 28.06
N PRO B 834 -35.16 -14.43 28.72
CA PRO B 834 -36.37 -13.74 29.18
C PRO B 834 -36.06 -12.60 30.15
N ASN B 835 -34.79 -12.39 30.46
CA ASN B 835 -34.38 -11.27 31.30
C ASN B 835 -33.50 -10.27 30.56
N ASP B 836 -33.62 -10.26 29.24
CA ASP B 836 -32.88 -9.32 28.38
C ASP B 836 -31.37 -9.50 28.45
N ILE B 837 -30.93 -10.72 28.73
CA ILE B 837 -29.51 -11.06 28.66
C ILE B 837 -29.24 -11.77 27.34
N ILE B 838 -28.24 -11.30 26.61
CA ILE B 838 -27.98 -11.80 25.26
C ILE B 838 -27.39 -13.21 25.26
N GLU B 839 -27.87 -14.04 24.33
CA GLU B 839 -27.40 -15.41 24.20
C GLU B 839 -26.50 -15.56 22.97
N LEU B 840 -26.05 -16.77 22.70
CA LEU B 840 -25.14 -17.02 21.59
C LEU B 840 -25.74 -16.63 20.24
N LYS B 841 -26.99 -17.01 20.01
CA LYS B 841 -27.70 -16.61 18.81
C LYS B 841 -27.66 -15.09 18.66
N GLY B 842 -27.90 -14.40 19.76
CA GLY B 842 -27.91 -12.95 19.77
C GLY B 842 -26.55 -12.35 19.44
N ARG B 843 -25.49 -12.99 19.91
CA ARG B 843 -24.14 -12.53 19.65
C ARG B 843 -23.77 -12.71 18.18
N VAL B 844 -24.29 -13.78 17.58
CA VAL B 844 -24.09 -14.03 16.15
C VAL B 844 -24.84 -12.99 15.33
N ALA B 845 -26.10 -12.78 15.66
CA ALA B 845 -26.93 -11.80 14.96
C ALA B 845 -26.30 -10.41 14.99
N CYS B 846 -25.50 -10.14 16.03
CA CYS B 846 -24.85 -8.84 16.18
C CYS B 846 -23.86 -8.55 15.05
N GLU B 847 -23.09 -9.56 14.66
CA GLU B 847 -22.05 -9.37 13.65
C GLU B 847 -22.60 -9.30 12.23
N ILE B 848 -23.82 -9.82 12.05
CA ILE B 848 -24.47 -9.79 10.74
C ILE B 848 -25.18 -8.45 10.51
N SER B 849 -24.70 -7.69 9.53
CA SER B 849 -25.24 -6.37 9.27
C SER B 849 -25.64 -6.17 7.80
N SER B 850 -25.17 -7.07 6.93
CA SER B 850 -25.43 -6.94 5.50
C SER B 850 -26.63 -7.74 5.03
N GLY B 851 -27.47 -8.15 5.98
CA GLY B 851 -28.67 -8.90 5.65
C GLY B 851 -29.55 -9.12 6.87
N ASP B 852 -30.79 -9.56 6.63
CA ASP B 852 -31.72 -9.83 7.72
C ASP B 852 -31.07 -10.78 8.73
N GLU B 853 -30.69 -10.24 9.88
CA GLU B 853 -29.89 -10.97 10.86
C GLU B 853 -30.69 -12.02 11.64
N LEU B 854 -32.01 -11.84 11.70
CA LEU B 854 -32.85 -12.83 12.36
C LEU B 854 -32.93 -14.11 11.54
N LEU B 855 -33.33 -13.98 10.28
CA LEU B 855 -33.47 -15.12 9.39
C LEU B 855 -32.14 -15.81 9.12
N LEU B 856 -31.11 -15.02 8.84
CA LEU B 856 -29.78 -15.57 8.55
C LEU B 856 -29.23 -16.39 9.71
N THR B 857 -29.36 -15.87 10.92
CA THR B 857 -28.87 -16.56 12.11
C THR B 857 -29.62 -17.86 12.34
N GLU B 858 -30.94 -17.83 12.12
CA GLU B 858 -31.77 -19.02 12.26
C GLU B 858 -31.36 -20.10 11.27
N LEU B 859 -31.00 -19.69 10.05
CA LEU B 859 -30.51 -20.63 9.05
C LEU B 859 -29.26 -21.34 9.55
N ILE B 860 -28.28 -20.56 9.98
CA ILE B 860 -27.00 -21.08 10.44
C ILE B 860 -27.16 -22.09 11.57
N PHE B 861 -27.95 -21.73 12.58
CA PHE B 861 -28.14 -22.58 13.74
C PHE B 861 -29.06 -23.77 13.45
N ASN B 862 -29.75 -23.71 12.32
CA ASN B 862 -30.61 -24.83 11.91
C ASN B 862 -29.81 -25.81 11.04
N GLY B 863 -28.66 -25.35 10.55
CA GLY B 863 -27.75 -26.19 9.79
C GLY B 863 -28.09 -26.29 8.32
N ASN B 864 -28.78 -25.28 7.80
CA ASN B 864 -29.22 -25.28 6.40
C ASN B 864 -28.07 -25.12 5.40
N PHE B 865 -26.92 -24.68 5.88
CA PHE B 865 -25.74 -24.52 5.03
C PHE B 865 -24.80 -25.71 5.18
N ASN B 866 -25.11 -26.60 6.12
CA ASN B 866 -24.22 -27.70 6.47
C ASN B 866 -23.87 -28.65 5.33
N GLU B 867 -24.88 -29.10 4.59
CA GLU B 867 -24.66 -30.07 3.51
C GLU B 867 -24.85 -29.44 2.13
N LEU B 868 -24.66 -28.13 2.05
CA LEU B 868 -24.79 -27.41 0.79
C LEU B 868 -23.45 -27.31 0.05
N LYS B 869 -23.50 -27.32 -1.27
CA LYS B 869 -22.32 -27.06 -2.08
C LYS B 869 -22.12 -25.56 -2.19
N PRO B 870 -20.86 -25.10 -2.18
CA PRO B 870 -20.54 -23.68 -2.22
C PRO B 870 -21.36 -22.92 -3.26
N GLU B 871 -21.45 -23.46 -4.47
CA GLU B 871 -22.24 -22.84 -5.53
C GLU B 871 -23.69 -22.63 -5.08
N GLN B 872 -24.22 -23.61 -4.34
CA GLN B 872 -25.57 -23.52 -3.82
C GLN B 872 -25.67 -22.46 -2.73
N ALA B 873 -24.75 -22.51 -1.78
CA ALA B 873 -24.74 -21.56 -0.67
C ALA B 873 -24.74 -20.12 -1.18
N ALA B 874 -23.91 -19.85 -2.19
CA ALA B 874 -23.85 -18.53 -2.79
C ALA B 874 -25.20 -18.14 -3.35
N ALA B 875 -25.81 -19.04 -4.11
CA ALA B 875 -27.12 -18.79 -4.71
C ALA B 875 -28.17 -18.45 -3.66
N LEU B 876 -28.17 -19.20 -2.55
CA LEU B 876 -29.13 -18.97 -1.48
C LEU B 876 -28.93 -17.62 -0.81
N LEU B 877 -27.67 -17.27 -0.57
CA LEU B 877 -27.34 -16.01 0.09
C LEU B 877 -27.76 -14.79 -0.73
N SER B 878 -27.76 -14.94 -2.05
CA SER B 878 -28.11 -13.82 -2.93
C SER B 878 -29.51 -13.30 -2.63
N CYS B 879 -30.33 -14.13 -2.02
CA CYS B 879 -31.69 -13.74 -1.64
C CYS B 879 -31.66 -12.64 -0.59
N PHE B 880 -30.56 -12.55 0.14
CA PHE B 880 -30.39 -11.51 1.16
C PHE B 880 -29.68 -10.29 0.59
N ALA B 881 -29.05 -10.46 -0.57
CA ALA B 881 -28.25 -9.39 -1.16
C ALA B 881 -29.00 -8.65 -2.27
N PHE B 882 -29.80 -9.36 -3.04
CA PHE B 882 -30.56 -8.75 -4.12
C PHE B 882 -31.85 -8.13 -3.60
N GLN B 883 -32.07 -6.85 -3.91
CA GLN B 883 -33.19 -6.10 -3.34
C GLN B 883 -34.13 -5.57 -4.42
N GLU B 884 -33.60 -5.33 -5.61
CA GLU B 884 -34.36 -4.71 -6.70
C GLU B 884 -35.48 -5.60 -7.24
N ARG B 885 -36.46 -4.96 -7.87
CA ARG B 885 -37.57 -5.66 -8.50
C ARG B 885 -37.24 -5.92 -9.97
N CYS B 886 -37.66 -7.07 -10.48
CA CYS B 886 -37.41 -7.41 -11.88
C CYS B 886 -38.36 -8.49 -12.39
N LYS B 887 -38.20 -8.85 -13.66
CA LYS B 887 -39.06 -9.85 -14.30
C LYS B 887 -38.86 -11.24 -13.72
N GLU B 888 -39.91 -12.04 -13.76
CA GLU B 888 -39.87 -13.40 -13.21
C GLU B 888 -38.82 -14.26 -13.90
N ALA B 889 -38.12 -15.07 -13.12
CA ALA B 889 -37.08 -15.94 -13.64
C ALA B 889 -37.63 -17.34 -13.91
N PRO B 890 -36.96 -18.10 -14.79
CA PRO B 890 -37.37 -19.48 -15.08
C PRO B 890 -37.44 -20.32 -13.82
N ARG B 891 -38.31 -21.33 -13.82
CA ARG B 891 -38.44 -22.23 -12.68
C ARG B 891 -37.07 -22.76 -12.27
N LEU B 892 -36.94 -23.15 -11.01
CA LEU B 892 -35.65 -23.59 -10.47
C LEU B 892 -35.50 -25.11 -10.45
N LYS B 893 -34.30 -25.58 -10.73
CA LYS B 893 -33.97 -26.99 -10.61
C LYS B 893 -33.97 -27.38 -9.14
N PRO B 894 -34.02 -28.69 -8.85
CA PRO B 894 -34.04 -29.15 -7.45
C PRO B 894 -32.78 -28.77 -6.69
N GLU B 895 -31.76 -28.33 -7.42
CA GLU B 895 -30.49 -27.92 -6.79
C GLU B 895 -30.60 -26.57 -6.10
N LEU B 896 -31.49 -25.71 -6.59
CA LEU B 896 -31.64 -24.37 -6.05
C LEU B 896 -33.02 -24.16 -5.44
N ALA B 897 -33.99 -24.95 -5.89
CA ALA B 897 -35.36 -24.84 -5.40
C ALA B 897 -35.49 -25.48 -4.02
N GLU B 898 -34.70 -26.52 -3.77
CA GLU B 898 -34.73 -27.22 -2.50
C GLU B 898 -34.24 -26.33 -1.34
N PRO B 899 -33.06 -25.70 -1.52
CA PRO B 899 -32.54 -24.80 -0.48
C PRO B 899 -33.44 -23.58 -0.30
N LEU B 900 -34.10 -23.15 -1.36
CA LEU B 900 -34.98 -22.00 -1.29
C LEU B 900 -36.24 -22.30 -0.48
N LYS B 901 -36.77 -23.51 -0.65
CA LYS B 901 -37.97 -23.94 0.06
C LYS B 901 -37.72 -23.98 1.57
N ALA B 902 -36.56 -24.52 1.96
CA ALA B 902 -36.21 -24.65 3.36
C ALA B 902 -36.18 -23.30 4.07
N MET B 903 -35.46 -22.34 3.50
CA MET B 903 -35.30 -21.04 4.12
C MET B 903 -36.58 -20.23 4.08
N ARG B 904 -37.42 -20.48 3.08
CA ARG B 904 -38.73 -19.83 3.00
C ARG B 904 -39.62 -20.29 4.16
N GLU B 905 -39.52 -21.57 4.50
CA GLU B 905 -40.29 -22.12 5.62
C GLU B 905 -39.89 -21.47 6.93
N ILE B 906 -38.59 -21.31 7.14
CA ILE B 906 -38.07 -20.65 8.33
C ILE B 906 -38.51 -19.19 8.38
N ALA B 907 -38.56 -18.56 7.21
CA ALA B 907 -39.00 -17.18 7.12
C ALA B 907 -40.44 -17.02 7.55
N ALA B 908 -41.26 -18.03 7.26
CA ALA B 908 -42.65 -18.04 7.69
C ALA B 908 -42.73 -18.13 9.20
N LYS B 909 -42.05 -19.13 9.76
CA LYS B 909 -41.93 -19.31 11.20
C LYS B 909 -41.69 -17.97 11.89
N ILE B 910 -40.74 -17.21 11.37
CA ILE B 910 -40.37 -15.92 11.96
C ILE B 910 -41.46 -14.87 11.80
N ALA B 911 -41.94 -14.69 10.57
CA ALA B 911 -42.99 -13.72 10.29
C ALA B 911 -44.20 -13.95 11.19
N LYS B 912 -44.49 -15.21 11.49
CA LYS B 912 -45.59 -15.56 12.37
C LYS B 912 -45.38 -15.01 13.78
N ILE B 913 -44.18 -15.27 14.32
CA ILE B 913 -43.82 -14.80 15.65
C ILE B 913 -43.87 -13.28 15.74
N MET B 914 -43.52 -12.62 14.65
CA MET B 914 -43.58 -11.17 14.60
C MET B 914 -45.02 -10.70 14.64
N LYS B 915 -45.90 -11.44 13.99
CA LYS B 915 -47.32 -11.12 13.96
C LYS B 915 -47.94 -11.38 15.34
N ASP B 916 -47.59 -12.51 15.93
CA ASP B 916 -48.05 -12.85 17.27
C ASP B 916 -47.64 -11.78 18.28
N SER B 917 -46.49 -11.17 18.05
CA SER B 917 -45.95 -10.16 18.97
C SER B 917 -46.55 -8.78 18.73
N LYS B 918 -47.67 -8.74 18.02
CA LYS B 918 -48.37 -7.48 17.75
C LYS B 918 -47.54 -6.52 16.90
N ILE B 919 -46.60 -7.07 16.14
CA ILE B 919 -45.81 -6.26 15.21
C ILE B 919 -46.49 -6.22 13.85
N GLU B 920 -46.70 -5.01 13.33
CA GLU B 920 -47.41 -4.81 12.07
C GLU B 920 -46.61 -5.29 10.87
N VAL B 921 -46.70 -6.58 10.58
CA VAL B 921 -46.06 -7.16 9.40
C VAL B 921 -47.10 -7.87 8.57
N VAL B 922 -46.82 -8.03 7.28
CA VAL B 922 -47.64 -8.87 6.41
C VAL B 922 -46.92 -10.19 6.19
N GLU B 923 -47.34 -11.21 6.92
CA GLU B 923 -46.66 -12.50 6.95
C GLU B 923 -46.24 -12.97 5.55
N LYS B 924 -47.09 -12.74 4.57
CA LYS B 924 -46.80 -13.14 3.19
C LYS B 924 -45.70 -12.26 2.58
N ASP B 925 -45.86 -10.94 2.71
CA ASP B 925 -44.91 -9.99 2.16
C ASP B 925 -43.49 -10.21 2.68
N TYR B 926 -43.38 -10.73 3.90
CA TYR B 926 -42.07 -10.95 4.51
C TYR B 926 -41.32 -12.09 3.84
N VAL B 927 -42.00 -13.22 3.65
CA VAL B 927 -41.40 -14.40 3.05
C VAL B 927 -40.94 -14.14 1.62
N GLU B 928 -41.61 -13.22 0.95
CA GLU B 928 -41.31 -12.94 -0.46
C GLU B 928 -40.44 -11.70 -0.66
N SER B 929 -40.06 -11.05 0.44
CA SER B 929 -39.20 -9.88 0.37
C SER B 929 -37.79 -10.28 -0.02
N PHE B 930 -37.47 -11.55 0.18
CA PHE B 930 -36.15 -12.08 -0.15
C PHE B 930 -36.11 -12.54 -1.61
N ARG B 931 -35.65 -11.66 -2.49
CA ARG B 931 -35.67 -11.91 -3.92
C ARG B 931 -34.77 -13.08 -4.31
N HIS B 932 -35.25 -13.92 -5.23
CA HIS B 932 -34.51 -15.09 -5.65
C HIS B 932 -34.30 -15.13 -7.17
N GLU B 933 -34.68 -14.05 -7.84
CA GLU B 933 -34.60 -14.01 -9.30
C GLU B 933 -33.19 -14.10 -9.85
N LEU B 934 -32.19 -14.19 -8.95
CA LEU B 934 -30.81 -14.25 -9.37
C LEU B 934 -30.06 -15.48 -8.86
N MET B 935 -30.78 -16.42 -8.26
CA MET B 935 -30.16 -17.65 -7.77
C MET B 935 -29.46 -18.39 -8.90
N GLU B 936 -30.11 -18.45 -10.06
CA GLU B 936 -29.55 -19.11 -11.23
C GLU B 936 -28.28 -18.40 -11.69
N VAL B 937 -28.35 -17.08 -11.79
CA VAL B 937 -27.20 -16.28 -12.21
C VAL B 937 -26.00 -16.48 -11.28
N VAL B 938 -26.23 -16.35 -9.98
CA VAL B 938 -25.17 -16.53 -9.00
C VAL B 938 -24.61 -17.94 -9.05
N TYR B 939 -25.50 -18.91 -9.18
CA TYR B 939 -25.09 -20.31 -9.27
C TYR B 939 -24.11 -20.51 -10.42
N GLU B 940 -24.49 -20.00 -11.60
CA GLU B 940 -23.65 -20.14 -12.79
C GLU B 940 -22.31 -19.43 -12.65
N TRP B 941 -22.33 -18.19 -12.16
CA TRP B 941 -21.11 -17.43 -11.97
C TRP B 941 -20.12 -18.20 -11.11
N CYS B 942 -20.64 -18.91 -10.12
CA CYS B 942 -19.80 -19.71 -9.23
C CYS B 942 -19.36 -21.01 -9.92
N ARG B 943 -20.15 -21.46 -10.88
CA ARG B 943 -19.80 -22.65 -11.65
C ARG B 943 -18.78 -22.31 -12.73
N GLY B 944 -18.40 -21.04 -12.80
CA GLY B 944 -17.36 -20.60 -13.72
C GLY B 944 -17.87 -19.98 -15.01
N ALA B 945 -19.13 -19.55 -15.02
CA ALA B 945 -19.72 -18.94 -16.20
C ALA B 945 -19.00 -17.65 -16.56
N THR B 946 -19.36 -17.08 -17.72
CA THR B 946 -18.77 -15.83 -18.17
C THR B 946 -19.72 -14.68 -17.89
N PHE B 947 -19.17 -13.49 -17.64
CA PHE B 947 -19.99 -12.32 -17.36
C PHE B 947 -20.97 -12.06 -18.50
N THR B 948 -20.47 -12.21 -19.73
CA THR B 948 -21.32 -12.09 -20.91
C THR B 948 -22.45 -13.11 -20.86
N GLN B 949 -22.10 -14.34 -20.50
CA GLN B 949 -23.06 -15.43 -20.44
C GLN B 949 -24.20 -15.15 -19.46
N ILE B 950 -23.85 -14.65 -18.28
CA ILE B 950 -24.84 -14.42 -17.24
C ILE B 950 -25.70 -13.16 -17.50
N CYS B 951 -25.10 -12.18 -18.15
CA CYS B 951 -25.84 -10.96 -18.51
C CYS B 951 -27.01 -11.31 -19.43
N LYS B 952 -26.85 -12.39 -20.19
CA LYS B 952 -27.90 -12.89 -21.06
C LYS B 952 -29.02 -13.53 -20.25
N MET B 953 -28.67 -14.02 -19.06
CA MET B 953 -29.60 -14.76 -18.23
C MET B 953 -30.65 -13.90 -17.52
N THR B 954 -30.48 -12.58 -17.59
CA THR B 954 -31.34 -11.68 -16.82
C THR B 954 -31.54 -10.32 -17.46
N ASP B 955 -32.62 -9.66 -17.07
CA ASP B 955 -32.91 -8.31 -17.54
C ASP B 955 -32.21 -7.28 -16.64
N VAL B 956 -31.69 -7.76 -15.52
CA VAL B 956 -31.00 -6.89 -14.56
C VAL B 956 -29.77 -6.26 -15.18
N TYR B 957 -29.65 -4.94 -15.05
CA TYR B 957 -28.53 -4.20 -15.62
C TYR B 957 -27.18 -4.75 -15.15
N GLU B 958 -26.16 -4.56 -15.99
CA GLU B 958 -24.81 -5.05 -15.69
C GLU B 958 -24.29 -4.47 -14.38
N GLY B 959 -24.38 -3.15 -14.24
CA GLY B 959 -23.88 -2.46 -13.06
C GLY B 959 -24.62 -2.84 -11.79
N SER B 960 -25.83 -3.38 -11.94
CA SER B 960 -26.61 -3.80 -10.80
C SER B 960 -26.16 -5.18 -10.31
N LEU B 961 -25.81 -6.05 -11.25
CA LEU B 961 -25.30 -7.37 -10.93
C LEU B 961 -24.04 -7.27 -10.08
N ILE B 962 -23.14 -6.37 -10.47
CA ILE B 962 -21.87 -6.21 -9.78
C ILE B 962 -22.03 -5.67 -8.36
N ARG B 963 -22.90 -4.68 -8.21
CA ARG B 963 -23.11 -4.06 -6.90
C ARG B 963 -23.76 -5.03 -5.92
N MET B 964 -24.45 -6.03 -6.45
CA MET B 964 -25.08 -7.04 -5.60
C MET B 964 -24.09 -8.16 -5.27
N PHE B 965 -23.20 -8.45 -6.22
CA PHE B 965 -22.13 -9.41 -5.97
C PHE B 965 -21.21 -8.89 -4.88
N LYS B 966 -20.91 -7.60 -4.93
CA LYS B 966 -20.06 -6.96 -3.94
C LYS B 966 -20.69 -7.02 -2.55
N ARG B 967 -22.00 -6.86 -2.48
CA ARG B 967 -22.71 -6.97 -1.21
C ARG B 967 -22.76 -8.43 -0.76
N LEU B 968 -22.98 -9.33 -1.71
CA LEU B 968 -22.98 -10.76 -1.43
C LEU B 968 -21.66 -11.16 -0.75
N GLU B 969 -20.56 -10.60 -1.25
CA GLU B 969 -19.25 -10.85 -0.67
C GLU B 969 -19.16 -10.32 0.76
N GLU B 970 -19.65 -9.11 0.96
CA GLU B 970 -19.63 -8.47 2.27
C GLU B 970 -20.38 -9.33 3.27
N LEU B 971 -21.50 -9.90 2.82
CA LEU B 971 -22.30 -10.78 3.67
C LEU B 971 -21.55 -12.08 3.96
N VAL B 972 -20.92 -12.64 2.93
CA VAL B 972 -20.14 -13.86 3.09
C VAL B 972 -19.00 -13.67 4.08
N LYS B 973 -18.24 -12.59 3.91
CA LYS B 973 -17.15 -12.28 4.82
C LYS B 973 -17.65 -12.24 6.26
N GLU B 974 -18.85 -11.73 6.46
CA GLU B 974 -19.45 -11.63 7.78
C GLU B 974 -19.79 -13.00 8.36
N LEU B 975 -20.20 -13.92 7.50
CA LEU B 975 -20.50 -15.28 7.95
C LEU B 975 -19.23 -16.06 8.25
N VAL B 976 -18.12 -15.65 7.63
CA VAL B 976 -16.83 -16.26 7.91
C VAL B 976 -16.40 -15.90 9.33
N ASP B 977 -16.81 -14.72 9.79
CA ASP B 977 -16.52 -14.29 11.14
C ASP B 977 -17.53 -14.87 12.12
N VAL B 978 -18.76 -15.06 11.64
CA VAL B 978 -19.80 -15.71 12.44
C VAL B 978 -19.44 -17.17 12.68
N ALA B 979 -18.90 -17.82 11.66
CA ALA B 979 -18.50 -19.22 11.75
C ALA B 979 -17.32 -19.39 12.70
N ASN B 980 -16.51 -18.34 12.83
CA ASN B 980 -15.36 -18.37 13.73
C ASN B 980 -15.80 -18.35 15.19
N THR B 981 -16.66 -17.40 15.52
CA THR B 981 -17.17 -17.26 16.89
C THR B 981 -18.02 -18.47 17.29
N ILE B 982 -18.91 -18.88 16.40
CA ILE B 982 -19.77 -20.03 16.66
C ILE B 982 -18.94 -21.31 16.72
N GLY B 983 -17.71 -21.23 16.23
CA GLY B 983 -16.77 -22.33 16.34
C GLY B 983 -16.83 -23.34 15.22
N ASN B 984 -17.86 -23.26 14.37
CA ASN B 984 -18.02 -24.19 13.27
C ASN B 984 -16.89 -24.08 12.25
N SER B 985 -15.95 -25.02 12.33
CA SER B 985 -14.80 -25.03 11.42
C SER B 985 -15.24 -25.29 9.98
N SER B 986 -16.18 -26.21 9.82
CA SER B 986 -16.69 -26.57 8.50
C SER B 986 -17.29 -25.36 7.78
N LEU B 987 -18.36 -24.82 8.36
CA LEU B 987 -19.04 -23.65 7.80
C LEU B 987 -18.06 -22.55 7.41
N LYS B 988 -17.00 -22.41 8.21
CA LYS B 988 -15.99 -21.39 7.94
C LYS B 988 -15.25 -21.65 6.62
N GLU B 989 -14.81 -22.89 6.42
CA GLU B 989 -14.11 -23.25 5.20
C GLU B 989 -15.02 -23.01 3.99
N LYS B 990 -16.30 -23.35 4.16
CA LYS B 990 -17.27 -23.24 3.08
C LYS B 990 -17.41 -21.80 2.57
N MET B 991 -17.72 -20.88 3.47
CA MET B 991 -17.92 -19.49 3.11
C MET B 991 -16.65 -18.89 2.48
N GLU B 992 -15.50 -19.44 2.84
CA GLU B 992 -14.23 -19.01 2.27
C GLU B 992 -14.07 -19.52 0.84
N ALA B 993 -14.61 -20.71 0.58
CA ALA B 993 -14.61 -21.27 -0.76
C ALA B 993 -15.55 -20.48 -1.65
N VAL B 994 -16.69 -20.09 -1.09
CA VAL B 994 -17.67 -19.29 -1.81
C VAL B 994 -17.09 -17.93 -2.17
N LEU B 995 -16.31 -17.37 -1.25
CA LEU B 995 -15.69 -16.07 -1.48
C LEU B 995 -14.70 -16.14 -2.65
N LYS B 996 -13.97 -17.25 -2.73
CA LYS B 996 -13.02 -17.45 -3.83
C LYS B 996 -13.76 -17.57 -5.17
N LEU B 997 -14.88 -18.27 -5.16
CA LEU B 997 -15.67 -18.48 -6.37
C LEU B 997 -16.25 -17.16 -6.91
N ILE B 998 -16.53 -16.24 -6.01
CA ILE B 998 -17.19 -14.99 -6.38
C ILE B 998 -16.20 -13.87 -6.72
N HIS B 999 -15.22 -13.66 -5.85
CA HIS B 999 -14.26 -12.58 -6.03
C HIS B 999 -13.30 -12.85 -7.18
N ARG B 1000 -13.79 -12.69 -8.40
CA ARG B 1000 -12.99 -12.93 -9.60
C ARG B 1000 -13.49 -12.11 -10.77
N ASP B 1001 -12.60 -11.90 -11.75
CA ASP B 1001 -12.99 -11.28 -13.01
C ASP B 1001 -13.43 -9.83 -12.82
N ILE B 1002 -14.54 -9.47 -13.48
CA ILE B 1002 -15.05 -8.11 -13.46
C ILE B 1002 -15.54 -7.69 -12.08
N VAL B 1003 -15.94 -8.67 -11.27
CA VAL B 1003 -16.41 -8.40 -9.92
C VAL B 1003 -15.27 -7.91 -9.04
N SER B 1004 -14.10 -8.53 -9.18
CA SER B 1004 -12.93 -8.19 -8.37
C SER B 1004 -12.22 -6.94 -8.90
N ALA B 1005 -12.73 -6.38 -9.99
CA ALA B 1005 -12.13 -5.20 -10.61
C ALA B 1005 -11.99 -4.06 -9.60
N GLY B 1006 -10.85 -3.38 -9.64
CA GLY B 1006 -10.57 -2.31 -8.70
C GLY B 1006 -11.10 -0.96 -9.14
N SER B 1007 -11.60 -0.19 -8.17
CA SER B 1007 -12.12 1.14 -8.44
C SER B 1007 -11.08 2.03 -9.12
N LEU B 1008 -11.55 2.96 -9.94
CA LEU B 1008 -10.66 3.81 -10.72
C LEU B 1008 -10.12 4.99 -9.91
N TYR B 1009 -10.88 5.41 -8.90
CA TYR B 1009 -10.49 6.58 -8.10
C TYR B 1009 -9.28 6.31 -7.21
N LEU B 1010 -9.32 5.23 -6.43
CA LEU B 1010 -8.25 4.93 -5.48
C LEU B 1010 -7.12 4.10 -6.07
PB ADP E . 32.45 -18.42 -20.71
O1B ADP E . 31.86 -19.71 -20.21
O2B ADP E . 31.73 -17.82 -21.90
O3B ADP E . 32.74 -17.40 -19.64
PA ADP E . 34.18 -19.02 -22.84
O1A ADP E . 34.98 -17.82 -23.31
O2A ADP E . 32.86 -19.32 -23.50
O3A ADP E . 33.91 -18.81 -21.26
O5' ADP E . 35.11 -20.32 -22.97
C5' ADP E . 36.34 -20.43 -22.25
C4' ADP E . 37.36 -21.02 -23.21
O4' ADP E . 37.14 -22.43 -23.36
C3' ADP E . 37.21 -20.38 -24.58
O3' ADP E . 38.47 -19.86 -25.01
C2' ADP E . 36.78 -21.50 -25.51
O2' ADP E . 37.51 -21.46 -26.74
C1' ADP E . 37.10 -22.78 -24.74
N9 ADP E . 36.04 -23.80 -24.96
C8 ADP E . 34.71 -23.59 -24.97
N7 ADP E . 34.03 -24.75 -25.20
C5 ADP E . 34.93 -25.72 -25.35
C6 ADP E . 34.90 -27.18 -25.61
N6 ADP E . 33.72 -27.83 -25.76
N1 ADP E . 36.08 -27.83 -25.68
C2 ADP E . 37.26 -27.20 -25.52
N3 ADP E . 37.37 -25.89 -25.29
C4 ADP E . 36.26 -25.10 -25.19
PB ADP F . -19.06 22.66 -1.14
O1B ADP F . -18.34 21.59 -0.36
O2B ADP F . -20.36 22.20 -1.74
O3B ADP F . -19.12 24.00 -0.44
PA ADP F . -16.51 23.11 -2.18
O1A ADP F . -15.80 22.07 -3.02
O2A ADP F . -16.28 23.16 -0.70
O3A ADP F . -18.09 22.91 -2.40
O5' ADP F . -16.15 24.56 -2.78
C5' ADP F . -16.52 24.95 -4.11
C4' ADP F . -15.43 25.86 -4.65
O4' ADP F . -15.48 27.14 -4.02
C3' ADP F . -14.04 25.29 -4.39
O3' ADP F . -13.41 24.97 -5.63
C2' ADP F . -13.27 26.39 -3.69
O2' ADP F . -12.00 26.61 -4.34
C1' ADP F . -14.14 27.63 -3.80
N9 ADP F . -14.08 28.45 -2.56
C8 ADP F . -14.45 28.07 -1.33
N7 ADP F . -14.26 29.06 -0.42
C5 ADP F . -13.76 30.12 -1.09
C6 ADP F . -13.34 31.50 -0.75
N6 ADP F . -13.41 31.96 0.52
N1 ADP F . -12.88 32.29 -1.75
C2 ADP F . -12.80 31.84 -3.02
N3 ADP F . -13.16 30.60 -3.40
C4 ADP F . -13.64 29.71 -2.50
#